data_7NH2
# 
_entry.id   7NH2 
# 
_audit_conform.dict_name       mmcif_pdbx.dic 
_audit_conform.dict_version    5.384 
_audit_conform.dict_location   http://mmcif.pdb.org/dictionaries/ascii/mmcif_pdbx.dic 
# 
loop_
_database_2.database_id 
_database_2.database_code 
_database_2.pdbx_database_accession 
_database_2.pdbx_DOI 
PDB   7NH2         pdb_00007nh2 10.2210/pdb7nh2/pdb 
WWPDB D_1292113920 ?            ?                   
# 
loop_
_pdbx_audit_revision_history.ordinal 
_pdbx_audit_revision_history.data_content_type 
_pdbx_audit_revision_history.major_revision 
_pdbx_audit_revision_history.minor_revision 
_pdbx_audit_revision_history.revision_date 
1 'Structure model' 1 0 2021-07-21 
2 'Structure model' 1 1 2021-07-28 
3 'Structure model' 1 2 2024-01-31 
# 
_pdbx_audit_revision_details.ordinal             1 
_pdbx_audit_revision_details.revision_ordinal    1 
_pdbx_audit_revision_details.data_content_type   'Structure model' 
_pdbx_audit_revision_details.provider            repository 
_pdbx_audit_revision_details.type                'Initial release' 
_pdbx_audit_revision_details.description         ? 
_pdbx_audit_revision_details.details             ? 
# 
loop_
_pdbx_audit_revision_group.ordinal 
_pdbx_audit_revision_group.revision_ordinal 
_pdbx_audit_revision_group.data_content_type 
_pdbx_audit_revision_group.group 
1 2 'Structure model' 'Database references'    
2 3 'Structure model' 'Data collection'        
3 3 'Structure model' 'Database references'    
4 3 'Structure model' 'Refinement description' 
# 
loop_
_pdbx_audit_revision_category.ordinal 
_pdbx_audit_revision_category.revision_ordinal 
_pdbx_audit_revision_category.data_content_type 
_pdbx_audit_revision_category.category 
1 2 'Structure model' citation                      
2 2 'Structure model' citation_author               
3 3 'Structure model' chem_comp_atom                
4 3 'Structure model' chem_comp_bond                
5 3 'Structure model' database_2                    
6 3 'Structure model' pdbx_initial_refinement_model 
# 
loop_
_pdbx_audit_revision_item.ordinal 
_pdbx_audit_revision_item.revision_ordinal 
_pdbx_audit_revision_item.data_content_type 
_pdbx_audit_revision_item.item 
1 2 'Structure model' '_citation.pdbx_database_id_PubMed'   
2 2 'Structure model' '_citation.title'                     
3 3 'Structure model' '_database_2.pdbx_DOI'                
4 3 'Structure model' '_database_2.pdbx_database_accession' 
# 
_pdbx_database_status.status_code                     REL 
_pdbx_database_status.status_code_sf                  REL 
_pdbx_database_status.status_code_mr                  ? 
_pdbx_database_status.entry_id                        7NH2 
_pdbx_database_status.recvd_initial_deposition_date   2021-02-09 
_pdbx_database_status.SG_entry                        N 
_pdbx_database_status.deposit_site                    PDBE 
_pdbx_database_status.process_site                    PDBE 
_pdbx_database_status.status_code_cs                  ? 
_pdbx_database_status.status_code_nmr_data            ? 
_pdbx_database_status.methods_development_category    ? 
_pdbx_database_status.pdb_format_compatible           Y 
# 
_pdbx_database_related.db_name        PDB 
_pdbx_database_related.details        'Same construct as 7NG2 but bound to m6A' 
_pdbx_database_related.db_id          7NG2 
_pdbx_database_related.content_type   unspecified 
# 
loop_
_audit_author.name 
_audit_author.pdbx_ordinal 
_audit_author.identifier_ORCID 
'Swale, C.'    1 0000-0002-9739-7774 
'Bowler, M.W.' 2 0000-0003-0465-3351 
# 
_citation.abstract                  ? 
_citation.abstract_id_CAS           ? 
_citation.book_id_ISBN              ? 
_citation.book_publisher            ? 
_citation.book_publisher_city       ? 
_citation.book_title                ? 
_citation.coordinate_linkage        ? 
_citation.country                   US 
_citation.database_id_Medline       ? 
_citation.details                   ? 
_citation.id                        primary 
_citation.journal_abbrev            Elife 
_citation.journal_id_ASTM           ? 
_citation.journal_id_CSD            ? 
_citation.journal_id_ISSN           2050-084X 
_citation.journal_full              ? 
_citation.journal_issue             ? 
_citation.journal_volume            10 
_citation.language                  ? 
_citation.page_first                ? 
_citation.page_last                 ? 
_citation.title                     
;A plant-like mechanism coupling m6A reading to polyadenylation safeguards transcriptome integrity and developmental gene partitioning in Toxoplasma .
;
_citation.year                      2021 
_citation.database_id_CSD           ? 
_citation.pdbx_database_id_DOI      10.7554/eLife.68312 
_citation.pdbx_database_id_PubMed   34263725 
_citation.unpublished_flag          ? 
# 
loop_
_citation_author.citation_id 
_citation_author.name 
_citation_author.ordinal 
_citation_author.identifier_ORCID 
primary 'Farhat, D.C.' 1  ? 
primary 'Bowler, M.W.' 2  ? 
primary 'Communie, G.' 3  ? 
primary 'Pontier, D.'  4  ? 
primary 'Belmudes, L.' 5  ? 
primary 'Mas, C.'      6  ? 
primary 'Corrao, C.'   7  ? 
primary 'Coute, Y.'    8  ? 
primary 'Bougdour, A.' 9  ? 
primary 'Lagrange, T.' 10 ? 
primary 'Hakimi, M.A.' 11 ? 
primary 'Swale, C.'    12 ? 
# 
loop_
_entity.id 
_entity.type 
_entity.src_method 
_entity.pdbx_description 
_entity.formula_weight 
_entity.pdbx_number_of_molecules 
_entity.pdbx_ec 
_entity.pdbx_mutation 
_entity.pdbx_fragment 
_entity.details 
1 polymer     man 'Zinc finger (CCCH type) motif-containing protein' 18447.994 1   ? ? ? ? 
2 non-polymer syn 'TETRAETHYLENE GLYCOL'                             194.226   1   ? ? ? ? 
3 non-polymer syn '~{N},9-dimethylpurin-6-amine'                     163.180   1   ? ? ? ? 
4 water       nat water                                              18.015    148 ? ? ? ? 
# 
_entity_name_com.entity_id   1 
_entity_name_com.name        CPSF4 
# 
_entity_poly.entity_id                      1 
_entity_poly.type                           'polypeptide(L)' 
_entity_poly.nstd_linkage                   no 
_entity_poly.nstd_monomer                   no 
_entity_poly.pdbx_seq_one_letter_code       
;GDPFGHVASPQSTKRFFIIKSNRMSNIYTSIQHGVWATSKGNSRKLSNAFTSTDHVLLLFSANESGGFQGFGRMMSLPDP
QLFPGIWGPVQLRLGSNFRVMWLKQCKIEFEELGKVTNPWNDDLPLRKSRDGTEVPPALGSLLCTWMSQRPSEDLLAGTG
IDPATR
;
_entity_poly.pdbx_seq_one_letter_code_can   
;GDPFGHVASPQSTKRFFIIKSNRMSNIYTSIQHGVWATSKGNSRKLSNAFTSTDHVLLLFSANESGGFQGFGRMMSLPDP
QLFPGIWGPVQLRLGSNFRVMWLKQCKIEFEELGKVTNPWNDDLPLRKSRDGTEVPPALGSLLCTWMSQRPSEDLLAGTG
IDPATR
;
_entity_poly.pdbx_strand_id                 A 
_entity_poly.pdbx_target_identifier         ? 
# 
loop_
_pdbx_entity_nonpoly.entity_id 
_pdbx_entity_nonpoly.name 
_pdbx_entity_nonpoly.comp_id 
2 'TETRAETHYLENE GLYCOL'         PG4 
3 '~{N},9-dimethylpurin-6-amine' OYK 
4 water                          HOH 
# 
loop_
_entity_poly_seq.entity_id 
_entity_poly_seq.num 
_entity_poly_seq.mon_id 
_entity_poly_seq.hetero 
1 1   GLY n 
1 2   ASP n 
1 3   PRO n 
1 4   PHE n 
1 5   GLY n 
1 6   HIS n 
1 7   VAL n 
1 8   ALA n 
1 9   SER n 
1 10  PRO n 
1 11  GLN n 
1 12  SER n 
1 13  THR n 
1 14  LYS n 
1 15  ARG n 
1 16  PHE n 
1 17  PHE n 
1 18  ILE n 
1 19  ILE n 
1 20  LYS n 
1 21  SER n 
1 22  ASN n 
1 23  ARG n 
1 24  MET n 
1 25  SER n 
1 26  ASN n 
1 27  ILE n 
1 28  TYR n 
1 29  THR n 
1 30  SER n 
1 31  ILE n 
1 32  GLN n 
1 33  HIS n 
1 34  GLY n 
1 35  VAL n 
1 36  TRP n 
1 37  ALA n 
1 38  THR n 
1 39  SER n 
1 40  LYS n 
1 41  GLY n 
1 42  ASN n 
1 43  SER n 
1 44  ARG n 
1 45  LYS n 
1 46  LEU n 
1 47  SER n 
1 48  ASN n 
1 49  ALA n 
1 50  PHE n 
1 51  THR n 
1 52  SER n 
1 53  THR n 
1 54  ASP n 
1 55  HIS n 
1 56  VAL n 
1 57  LEU n 
1 58  LEU n 
1 59  LEU n 
1 60  PHE n 
1 61  SER n 
1 62  ALA n 
1 63  ASN n 
1 64  GLU n 
1 65  SER n 
1 66  GLY n 
1 67  GLY n 
1 68  PHE n 
1 69  GLN n 
1 70  GLY n 
1 71  PHE n 
1 72  GLY n 
1 73  ARG n 
1 74  MET n 
1 75  MET n 
1 76  SER n 
1 77  LEU n 
1 78  PRO n 
1 79  ASP n 
1 80  PRO n 
1 81  GLN n 
1 82  LEU n 
1 83  PHE n 
1 84  PRO n 
1 85  GLY n 
1 86  ILE n 
1 87  TRP n 
1 88  GLY n 
1 89  PRO n 
1 90  VAL n 
1 91  GLN n 
1 92  LEU n 
1 93  ARG n 
1 94  LEU n 
1 95  GLY n 
1 96  SER n 
1 97  ASN n 
1 98  PHE n 
1 99  ARG n 
1 100 VAL n 
1 101 MET n 
1 102 TRP n 
1 103 LEU n 
1 104 LYS n 
1 105 GLN n 
1 106 CYS n 
1 107 LYS n 
1 108 ILE n 
1 109 GLU n 
1 110 PHE n 
1 111 GLU n 
1 112 GLU n 
1 113 LEU n 
1 114 GLY n 
1 115 LYS n 
1 116 VAL n 
1 117 THR n 
1 118 ASN n 
1 119 PRO n 
1 120 TRP n 
1 121 ASN n 
1 122 ASP n 
1 123 ASP n 
1 124 LEU n 
1 125 PRO n 
1 126 LEU n 
1 127 ARG n 
1 128 LYS n 
1 129 SER n 
1 130 ARG n 
1 131 ASP n 
1 132 GLY n 
1 133 THR n 
1 134 GLU n 
1 135 VAL n 
1 136 PRO n 
1 137 PRO n 
1 138 ALA n 
1 139 LEU n 
1 140 GLY n 
1 141 SER n 
1 142 LEU n 
1 143 LEU n 
1 144 CYS n 
1 145 THR n 
1 146 TRP n 
1 147 MET n 
1 148 SER n 
1 149 GLN n 
1 150 ARG n 
1 151 PRO n 
1 152 SER n 
1 153 GLU n 
1 154 ASP n 
1 155 LEU n 
1 156 LEU n 
1 157 ALA n 
1 158 GLY n 
1 159 THR n 
1 160 GLY n 
1 161 ILE n 
1 162 ASP n 
1 163 PRO n 
1 164 ALA n 
1 165 THR n 
1 166 ARG n 
# 
_entity_src_gen.entity_id                          1 
_entity_src_gen.pdbx_src_id                        1 
_entity_src_gen.pdbx_alt_source_flag               sample 
_entity_src_gen.pdbx_seq_type                      'Biological sequence' 
_entity_src_gen.pdbx_beg_seq_num                   1 
_entity_src_gen.pdbx_end_seq_num                   166 
_entity_src_gen.gene_src_common_name               ? 
_entity_src_gen.gene_src_genus                     ? 
_entity_src_gen.pdbx_gene_src_gene                 TGME49_201200 
_entity_src_gen.gene_src_species                   ? 
_entity_src_gen.gene_src_strain                    'ATCC 50611 / Me49' 
_entity_src_gen.gene_src_tissue                    ? 
_entity_src_gen.gene_src_tissue_fraction           ? 
_entity_src_gen.gene_src_details                   ? 
_entity_src_gen.pdbx_gene_src_fragment             ? 
_entity_src_gen.pdbx_gene_src_scientific_name      'Toxoplasma gondii (strain ATCC 50611 / Me49)' 
_entity_src_gen.pdbx_gene_src_ncbi_taxonomy_id     508771 
_entity_src_gen.pdbx_gene_src_variant              ? 
_entity_src_gen.pdbx_gene_src_cell_line            ? 
_entity_src_gen.pdbx_gene_src_atcc                 ? 
_entity_src_gen.pdbx_gene_src_organ                ? 
_entity_src_gen.pdbx_gene_src_organelle            ? 
_entity_src_gen.pdbx_gene_src_cell                 ? 
_entity_src_gen.pdbx_gene_src_cellular_location    ? 
_entity_src_gen.host_org_common_name               ? 
_entity_src_gen.pdbx_host_org_scientific_name      'Escherichia coli' 
_entity_src_gen.pdbx_host_org_ncbi_taxonomy_id     562 
_entity_src_gen.host_org_genus                     ? 
_entity_src_gen.pdbx_host_org_gene                 ? 
_entity_src_gen.pdbx_host_org_organ                ? 
_entity_src_gen.host_org_species                   ? 
_entity_src_gen.pdbx_host_org_tissue               ? 
_entity_src_gen.pdbx_host_org_tissue_fraction      ? 
_entity_src_gen.pdbx_host_org_strain               BL21-RIL 
_entity_src_gen.pdbx_host_org_variant              ? 
_entity_src_gen.pdbx_host_org_cell_line            ? 
_entity_src_gen.pdbx_host_org_atcc                 ? 
_entity_src_gen.pdbx_host_org_culture_collection   ? 
_entity_src_gen.pdbx_host_org_cell                 ? 
_entity_src_gen.pdbx_host_org_organelle            ? 
_entity_src_gen.pdbx_host_org_cellular_location    ? 
_entity_src_gen.pdbx_host_org_vector_type          ? 
_entity_src_gen.pdbx_host_org_vector               ? 
_entity_src_gen.host_org_details                   ? 
_entity_src_gen.expression_system_id               ? 
_entity_src_gen.plasmid_name                       ? 
_entity_src_gen.plasmid_details                    ? 
_entity_src_gen.pdbx_description                   ? 
# 
loop_
_chem_comp.id 
_chem_comp.type 
_chem_comp.mon_nstd_flag 
_chem_comp.name 
_chem_comp.pdbx_synonyms 
_chem_comp.formula 
_chem_comp.formula_weight 
ALA 'L-peptide linking' y ALANINE                        ? 'C3 H7 N O2'     89.093  
ARG 'L-peptide linking' y ARGININE                       ? 'C6 H15 N4 O2 1' 175.209 
ASN 'L-peptide linking' y ASPARAGINE                     ? 'C4 H8 N2 O3'    132.118 
ASP 'L-peptide linking' y 'ASPARTIC ACID'                ? 'C4 H7 N O4'     133.103 
CYS 'L-peptide linking' y CYSTEINE                       ? 'C3 H7 N O2 S'   121.158 
GLN 'L-peptide linking' y GLUTAMINE                      ? 'C5 H10 N2 O3'   146.144 
GLU 'L-peptide linking' y 'GLUTAMIC ACID'                ? 'C5 H9 N O4'     147.129 
GLY 'peptide linking'   y GLYCINE                        ? 'C2 H5 N O2'     75.067  
HIS 'L-peptide linking' y HISTIDINE                      ? 'C6 H10 N3 O2 1' 156.162 
HOH non-polymer         . WATER                          ? 'H2 O'           18.015  
ILE 'L-peptide linking' y ISOLEUCINE                     ? 'C6 H13 N O2'    131.173 
LEU 'L-peptide linking' y LEUCINE                        ? 'C6 H13 N O2'    131.173 
LYS 'L-peptide linking' y LYSINE                         ? 'C6 H15 N2 O2 1' 147.195 
MET 'L-peptide linking' y METHIONINE                     ? 'C5 H11 N O2 S'  149.211 
OYK non-polymer         . '~{N},9-dimethylpurin-6-amine' ? 'C7 H9 N5'       163.180 
PG4 non-polymer         . 'TETRAETHYLENE GLYCOL'         ? 'C8 H18 O5'      194.226 
PHE 'L-peptide linking' y PHENYLALANINE                  ? 'C9 H11 N O2'    165.189 
PRO 'L-peptide linking' y PROLINE                        ? 'C5 H9 N O2'     115.130 
SER 'L-peptide linking' y SERINE                         ? 'C3 H7 N O3'     105.093 
THR 'L-peptide linking' y THREONINE                      ? 'C4 H9 N O3'     119.119 
TRP 'L-peptide linking' y TRYPTOPHAN                     ? 'C11 H12 N2 O2'  204.225 
TYR 'L-peptide linking' y TYROSINE                       ? 'C9 H11 N O3'    181.189 
VAL 'L-peptide linking' y VALINE                         ? 'C5 H11 N O2'    117.146 
# 
loop_
_pdbx_poly_seq_scheme.asym_id 
_pdbx_poly_seq_scheme.entity_id 
_pdbx_poly_seq_scheme.seq_id 
_pdbx_poly_seq_scheme.mon_id 
_pdbx_poly_seq_scheme.ndb_seq_num 
_pdbx_poly_seq_scheme.pdb_seq_num 
_pdbx_poly_seq_scheme.auth_seq_num 
_pdbx_poly_seq_scheme.pdb_mon_id 
_pdbx_poly_seq_scheme.auth_mon_id 
_pdbx_poly_seq_scheme.pdb_strand_id 
_pdbx_poly_seq_scheme.pdb_ins_code 
_pdbx_poly_seq_scheme.hetero 
A 1 1   GLY 1   433 ?   ?   ?   A . n 
A 1 2   ASP 2   434 ?   ?   ?   A . n 
A 1 3   PRO 3   435 ?   ?   ?   A . n 
A 1 4   PHE 4   436 ?   ?   ?   A . n 
A 1 5   GLY 5   437 ?   ?   ?   A . n 
A 1 6   HIS 6   438 ?   ?   ?   A . n 
A 1 7   VAL 7   439 ?   ?   ?   A . n 
A 1 8   ALA 8   440 ?   ?   ?   A . n 
A 1 9   SER 9   441 ?   ?   ?   A . n 
A 1 10  PRO 10  442 442 PRO PRO A . n 
A 1 11  GLN 11  443 443 GLN GLN A . n 
A 1 12  SER 12  444 444 SER SER A . n 
A 1 13  THR 13  445 445 THR THR A . n 
A 1 14  LYS 14  446 446 LYS LYS A . n 
A 1 15  ARG 15  447 447 ARG ARG A . n 
A 1 16  PHE 16  448 448 PHE PHE A . n 
A 1 17  PHE 17  449 449 PHE PHE A . n 
A 1 18  ILE 18  450 450 ILE ILE A . n 
A 1 19  ILE 19  451 451 ILE ILE A . n 
A 1 20  LYS 20  452 452 LYS LYS A . n 
A 1 21  SER 21  453 453 SER SER A . n 
A 1 22  ASN 22  454 454 ASN ASN A . n 
A 1 23  ARG 23  455 455 ARG ARG A . n 
A 1 24  MET 24  456 456 MET MET A . n 
A 1 25  SER 25  457 457 SER SER A . n 
A 1 26  ASN 26  458 458 ASN ASN A . n 
A 1 27  ILE 27  459 459 ILE ILE A . n 
A 1 28  TYR 28  460 460 TYR TYR A . n 
A 1 29  THR 29  461 461 THR THR A . n 
A 1 30  SER 30  462 462 SER SER A . n 
A 1 31  ILE 31  463 463 ILE ILE A . n 
A 1 32  GLN 32  464 464 GLN GLN A . n 
A 1 33  HIS 33  465 465 HIS HIS A . n 
A 1 34  GLY 34  466 466 GLY GLY A . n 
A 1 35  VAL 35  467 467 VAL VAL A . n 
A 1 36  TRP 36  468 468 TRP TRP A . n 
A 1 37  ALA 37  469 469 ALA ALA A . n 
A 1 38  THR 38  470 470 THR THR A . n 
A 1 39  SER 39  471 471 SER SER A . n 
A 1 40  LYS 40  472 472 LYS LYS A . n 
A 1 41  GLY 41  473 473 GLY GLY A . n 
A 1 42  ASN 42  474 474 ASN ASN A . n 
A 1 43  SER 43  475 475 SER SER A . n 
A 1 44  ARG 44  476 476 ARG ARG A . n 
A 1 45  LYS 45  477 477 LYS LYS A . n 
A 1 46  LEU 46  478 478 LEU LEU A . n 
A 1 47  SER 47  479 479 SER SER A . n 
A 1 48  ASN 48  480 480 ASN ASN A . n 
A 1 49  ALA 49  481 481 ALA ALA A . n 
A 1 50  PHE 50  482 482 PHE PHE A . n 
A 1 51  THR 51  483 483 THR THR A . n 
A 1 52  SER 52  484 484 SER SER A . n 
A 1 53  THR 53  485 485 THR THR A . n 
A 1 54  ASP 54  486 486 ASP ASP A . n 
A 1 55  HIS 55  487 487 HIS HIS A . n 
A 1 56  VAL 56  488 488 VAL VAL A . n 
A 1 57  LEU 57  489 489 LEU LEU A . n 
A 1 58  LEU 58  490 490 LEU LEU A . n 
A 1 59  LEU 59  491 491 LEU LEU A . n 
A 1 60  PHE 60  492 492 PHE PHE A . n 
A 1 61  SER 61  493 493 SER SER A . n 
A 1 62  ALA 62  494 494 ALA ALA A . n 
A 1 63  ASN 63  495 495 ASN ASN A . n 
A 1 64  GLU 64  496 496 GLU GLU A . n 
A 1 65  SER 65  497 497 SER SER A . n 
A 1 66  GLY 66  498 498 GLY GLY A . n 
A 1 67  GLY 67  499 499 GLY GLY A . n 
A 1 68  PHE 68  500 500 PHE PHE A . n 
A 1 69  GLN 69  501 501 GLN GLN A . n 
A 1 70  GLY 70  502 502 GLY GLY A . n 
A 1 71  PHE 71  503 503 PHE PHE A . n 
A 1 72  GLY 72  504 504 GLY GLY A . n 
A 1 73  ARG 73  505 505 ARG ARG A . n 
A 1 74  MET 74  506 506 MET MET A . n 
A 1 75  MET 75  507 507 MET MET A . n 
A 1 76  SER 76  508 508 SER SER A . n 
A 1 77  LEU 77  509 509 LEU LEU A . n 
A 1 78  PRO 78  510 510 PRO PRO A . n 
A 1 79  ASP 79  511 511 ASP ASP A . n 
A 1 80  PRO 80  512 512 PRO PRO A . n 
A 1 81  GLN 81  513 513 GLN GLN A . n 
A 1 82  LEU 82  514 514 LEU LEU A . n 
A 1 83  PHE 83  515 515 PHE PHE A . n 
A 1 84  PRO 84  516 516 PRO PRO A . n 
A 1 85  GLY 85  517 517 GLY GLY A . n 
A 1 86  ILE 86  518 518 ILE ILE A . n 
A 1 87  TRP 87  519 519 TRP TRP A . n 
A 1 88  GLY 88  520 520 GLY GLY A . n 
A 1 89  PRO 89  521 521 PRO PRO A . n 
A 1 90  VAL 90  522 522 VAL VAL A . n 
A 1 91  GLN 91  523 523 GLN GLN A . n 
A 1 92  LEU 92  524 524 LEU LEU A . n 
A 1 93  ARG 93  525 525 ARG ARG A . n 
A 1 94  LEU 94  526 526 LEU LEU A . n 
A 1 95  GLY 95  527 527 GLY GLY A . n 
A 1 96  SER 96  528 528 SER SER A . n 
A 1 97  ASN 97  529 529 ASN ASN A . n 
A 1 98  PHE 98  530 530 PHE PHE A . n 
A 1 99  ARG 99  531 531 ARG ARG A . n 
A 1 100 VAL 100 532 532 VAL VAL A . n 
A 1 101 MET 101 533 533 MET MET A . n 
A 1 102 TRP 102 534 534 TRP TRP A . n 
A 1 103 LEU 103 535 535 LEU LEU A . n 
A 1 104 LYS 104 536 536 LYS LYS A . n 
A 1 105 GLN 105 537 537 GLN GLN A . n 
A 1 106 CYS 106 538 538 CYS CYS A . n 
A 1 107 LYS 107 539 539 LYS LYS A . n 
A 1 108 ILE 108 540 540 ILE ILE A . n 
A 1 109 GLU 109 541 541 GLU GLU A . n 
A 1 110 PHE 110 542 542 PHE PHE A . n 
A 1 111 GLU 111 543 543 GLU GLU A . n 
A 1 112 GLU 112 544 544 GLU GLU A . n 
A 1 113 LEU 113 545 545 LEU LEU A . n 
A 1 114 GLY 114 546 546 GLY GLY A . n 
A 1 115 LYS 115 547 547 LYS LYS A . n 
A 1 116 VAL 116 548 548 VAL VAL A . n 
A 1 117 THR 117 549 549 THR THR A . n 
A 1 118 ASN 118 550 550 ASN ASN A . n 
A 1 119 PRO 119 551 551 PRO PRO A . n 
A 1 120 TRP 120 552 552 TRP TRP A . n 
A 1 121 ASN 121 553 553 ASN ASN A . n 
A 1 122 ASP 122 554 554 ASP ASP A . n 
A 1 123 ASP 123 555 555 ASP ASP A . n 
A 1 124 LEU 124 556 556 LEU LEU A . n 
A 1 125 PRO 125 557 557 PRO PRO A . n 
A 1 126 LEU 126 558 558 LEU LEU A . n 
A 1 127 ARG 127 559 559 ARG ARG A . n 
A 1 128 LYS 128 560 560 LYS LYS A . n 
A 1 129 SER 129 561 561 SER SER A . n 
A 1 130 ARG 130 562 562 ARG ARG A . n 
A 1 131 ASP 131 563 563 ASP ASP A . n 
A 1 132 GLY 132 564 564 GLY GLY A . n 
A 1 133 THR 133 565 565 THR THR A . n 
A 1 134 GLU 134 566 566 GLU GLU A . n 
A 1 135 VAL 135 567 567 VAL VAL A . n 
A 1 136 PRO 136 568 568 PRO PRO A . n 
A 1 137 PRO 137 569 569 PRO PRO A . n 
A 1 138 ALA 138 570 570 ALA ALA A . n 
A 1 139 LEU 139 571 571 LEU LEU A . n 
A 1 140 GLY 140 572 572 GLY GLY A . n 
A 1 141 SER 141 573 573 SER SER A . n 
A 1 142 LEU 142 574 574 LEU LEU A . n 
A 1 143 LEU 143 575 575 LEU LEU A . n 
A 1 144 CYS 144 576 576 CYS CYS A . n 
A 1 145 THR 145 577 577 THR THR A . n 
A 1 146 TRP 146 578 578 TRP TRP A . n 
A 1 147 MET 147 579 579 MET MET A . n 
A 1 148 SER 148 580 580 SER SER A . n 
A 1 149 GLN 149 581 581 GLN GLN A . n 
A 1 150 ARG 150 582 582 ARG ARG A . n 
A 1 151 PRO 151 583 583 PRO PRO A . n 
A 1 152 SER 152 584 584 SER SER A . n 
A 1 153 GLU 153 585 585 GLU GLU A . n 
A 1 154 ASP 154 586 586 ASP ASP A . n 
A 1 155 LEU 155 587 587 LEU LEU A . n 
A 1 156 LEU 156 588 588 LEU LEU A . n 
A 1 157 ALA 157 589 589 ALA ALA A . n 
A 1 158 GLY 158 590 590 GLY GLY A . n 
A 1 159 THR 159 591 591 THR THR A . n 
A 1 160 GLY 160 592 ?   ?   ?   A . n 
A 1 161 ILE 161 593 ?   ?   ?   A . n 
A 1 162 ASP 162 594 ?   ?   ?   A . n 
A 1 163 PRO 163 595 ?   ?   ?   A . n 
A 1 164 ALA 164 596 ?   ?   ?   A . n 
A 1 165 THR 165 597 ?   ?   ?   A . n 
A 1 166 ARG 166 598 ?   ?   ?   A . n 
# 
loop_
_pdbx_nonpoly_scheme.asym_id 
_pdbx_nonpoly_scheme.entity_id 
_pdbx_nonpoly_scheme.mon_id 
_pdbx_nonpoly_scheme.ndb_seq_num 
_pdbx_nonpoly_scheme.pdb_seq_num 
_pdbx_nonpoly_scheme.auth_seq_num 
_pdbx_nonpoly_scheme.pdb_mon_id 
_pdbx_nonpoly_scheme.auth_mon_id 
_pdbx_nonpoly_scheme.pdb_strand_id 
_pdbx_nonpoly_scheme.pdb_ins_code 
B 2 PG4 1   601 1   PG4 PG4 A . 
C 3 OYK 1   602 2   OYK 6NA A . 
D 4 HOH 1   701 64  HOH HOH A . 
D 4 HOH 2   702 116 HOH HOH A . 
D 4 HOH 3   703 26  HOH HOH A . 
D 4 HOH 4   704 91  HOH HOH A . 
D 4 HOH 5   705 81  HOH HOH A . 
D 4 HOH 6   706 147 HOH HOH A . 
D 4 HOH 7   707 18  HOH HOH A . 
D 4 HOH 8   708 73  HOH HOH A . 
D 4 HOH 9   709 85  HOH HOH A . 
D 4 HOH 10  710 106 HOH HOH A . 
D 4 HOH 11  711 120 HOH HOH A . 
D 4 HOH 12  712 45  HOH HOH A . 
D 4 HOH 13  713 56  HOH HOH A . 
D 4 HOH 14  714 36  HOH HOH A . 
D 4 HOH 15  715 63  HOH HOH A . 
D 4 HOH 16  716 74  HOH HOH A . 
D 4 HOH 17  717 100 HOH HOH A . 
D 4 HOH 18  718 48  HOH HOH A . 
D 4 HOH 19  719 8   HOH HOH A . 
D 4 HOH 20  720 79  HOH HOH A . 
D 4 HOH 21  721 21  HOH HOH A . 
D 4 HOH 22  722 22  HOH HOH A . 
D 4 HOH 23  723 77  HOH HOH A . 
D 4 HOH 24  724 3   HOH HOH A . 
D 4 HOH 25  725 32  HOH HOH A . 
D 4 HOH 26  726 17  HOH HOH A . 
D 4 HOH 27  727 28  HOH HOH A . 
D 4 HOH 28  728 29  HOH HOH A . 
D 4 HOH 29  729 2   HOH HOH A . 
D 4 HOH 30  730 14  HOH HOH A . 
D 4 HOH 31  731 47  HOH HOH A . 
D 4 HOH 32  732 39  HOH HOH A . 
D 4 HOH 33  733 105 HOH HOH A . 
D 4 HOH 34  734 53  HOH HOH A . 
D 4 HOH 35  735 9   HOH HOH A . 
D 4 HOH 36  736 115 HOH HOH A . 
D 4 HOH 37  737 16  HOH HOH A . 
D 4 HOH 38  738 6   HOH HOH A . 
D 4 HOH 39  739 132 HOH HOH A . 
D 4 HOH 40  740 1   HOH HOH A . 
D 4 HOH 41  741 54  HOH HOH A . 
D 4 HOH 42  742 127 HOH HOH A . 
D 4 HOH 43  743 33  HOH HOH A . 
D 4 HOH 44  744 52  HOH HOH A . 
D 4 HOH 45  745 38  HOH HOH A . 
D 4 HOH 46  746 98  HOH HOH A . 
D 4 HOH 47  747 31  HOH HOH A . 
D 4 HOH 48  748 24  HOH HOH A . 
D 4 HOH 49  749 5   HOH HOH A . 
D 4 HOH 50  750 30  HOH HOH A . 
D 4 HOH 51  751 124 HOH HOH A . 
D 4 HOH 52  752 129 HOH HOH A . 
D 4 HOH 53  753 19  HOH HOH A . 
D 4 HOH 54  754 11  HOH HOH A . 
D 4 HOH 55  755 58  HOH HOH A . 
D 4 HOH 56  756 10  HOH HOH A . 
D 4 HOH 57  757 55  HOH HOH A . 
D 4 HOH 58  758 121 HOH HOH A . 
D 4 HOH 59  759 114 HOH HOH A . 
D 4 HOH 60  760 83  HOH HOH A . 
D 4 HOH 61  761 4   HOH HOH A . 
D 4 HOH 62  762 49  HOH HOH A . 
D 4 HOH 63  763 69  HOH HOH A . 
D 4 HOH 64  764 43  HOH HOH A . 
D 4 HOH 65  765 25  HOH HOH A . 
D 4 HOH 66  766 111 HOH HOH A . 
D 4 HOH 67  767 7   HOH HOH A . 
D 4 HOH 68  768 103 HOH HOH A . 
D 4 HOH 69  769 70  HOH HOH A . 
D 4 HOH 70  770 78  HOH HOH A . 
D 4 HOH 71  771 23  HOH HOH A . 
D 4 HOH 72  772 101 HOH HOH A . 
D 4 HOH 73  773 42  HOH HOH A . 
D 4 HOH 74  774 50  HOH HOH A . 
D 4 HOH 75  775 51  HOH HOH A . 
D 4 HOH 76  776 34  HOH HOH A . 
D 4 HOH 77  777 46  HOH HOH A . 
D 4 HOH 78  778 148 HOH HOH A . 
D 4 HOH 79  779 13  HOH HOH A . 
D 4 HOH 80  780 57  HOH HOH A . 
D 4 HOH 81  781 12  HOH HOH A . 
D 4 HOH 82  782 90  HOH HOH A . 
D 4 HOH 83  783 110 HOH HOH A . 
D 4 HOH 84  784 84  HOH HOH A . 
D 4 HOH 85  785 44  HOH HOH A . 
D 4 HOH 86  786 134 HOH HOH A . 
D 4 HOH 87  787 97  HOH HOH A . 
D 4 HOH 88  788 135 HOH HOH A . 
D 4 HOH 89  789 140 HOH HOH A . 
D 4 HOH 90  790 62  HOH HOH A . 
D 4 HOH 91  791 109 HOH HOH A . 
D 4 HOH 92  792 41  HOH HOH A . 
D 4 HOH 93  793 15  HOH HOH A . 
D 4 HOH 94  794 133 HOH HOH A . 
D 4 HOH 95  795 37  HOH HOH A . 
D 4 HOH 96  796 92  HOH HOH A . 
D 4 HOH 97  797 20  HOH HOH A . 
D 4 HOH 98  798 118 HOH HOH A . 
D 4 HOH 99  799 35  HOH HOH A . 
D 4 HOH 100 800 142 HOH HOH A . 
D 4 HOH 101 801 59  HOH HOH A . 
D 4 HOH 102 802 27  HOH HOH A . 
D 4 HOH 103 803 99  HOH HOH A . 
D 4 HOH 104 804 119 HOH HOH A . 
D 4 HOH 105 805 95  HOH HOH A . 
D 4 HOH 106 806 86  HOH HOH A . 
D 4 HOH 107 807 141 HOH HOH A . 
D 4 HOH 108 808 143 HOH HOH A . 
D 4 HOH 109 809 67  HOH HOH A . 
D 4 HOH 110 810 108 HOH HOH A . 
D 4 HOH 111 811 117 HOH HOH A . 
D 4 HOH 112 812 75  HOH HOH A . 
D 4 HOH 113 813 68  HOH HOH A . 
D 4 HOH 114 814 40  HOH HOH A . 
D 4 HOH 115 815 72  HOH HOH A . 
D 4 HOH 116 816 123 HOH HOH A . 
D 4 HOH 117 817 107 HOH HOH A . 
D 4 HOH 118 818 76  HOH HOH A . 
D 4 HOH 119 819 96  HOH HOH A . 
D 4 HOH 120 820 93  HOH HOH A . 
D 4 HOH 121 821 102 HOH HOH A . 
D 4 HOH 122 822 60  HOH HOH A . 
D 4 HOH 123 823 80  HOH HOH A . 
D 4 HOH 124 824 82  HOH HOH A . 
D 4 HOH 125 825 138 HOH HOH A . 
D 4 HOH 126 826 128 HOH HOH A . 
D 4 HOH 127 827 66  HOH HOH A . 
D 4 HOH 128 828 112 HOH HOH A . 
D 4 HOH 129 829 131 HOH HOH A . 
D 4 HOH 130 830 136 HOH HOH A . 
D 4 HOH 131 831 130 HOH HOH A . 
D 4 HOH 132 832 88  HOH HOH A . 
D 4 HOH 133 833 61  HOH HOH A . 
D 4 HOH 134 834 145 HOH HOH A . 
D 4 HOH 135 835 126 HOH HOH A . 
D 4 HOH 136 836 122 HOH HOH A . 
D 4 HOH 137 837 144 HOH HOH A . 
D 4 HOH 138 838 139 HOH HOH A . 
D 4 HOH 139 839 87  HOH HOH A . 
D 4 HOH 140 840 146 HOH HOH A . 
D 4 HOH 141 841 137 HOH HOH A . 
D 4 HOH 142 842 71  HOH HOH A . 
D 4 HOH 143 843 65  HOH HOH A . 
D 4 HOH 144 844 94  HOH HOH A . 
D 4 HOH 145 845 104 HOH HOH A . 
D 4 HOH 146 846 113 HOH HOH A . 
D 4 HOH 147 847 89  HOH HOH A . 
D 4 HOH 148 848 125 HOH HOH A . 
# 
loop_
_pdbx_unobs_or_zero_occ_atoms.id 
_pdbx_unobs_or_zero_occ_atoms.PDB_model_num 
_pdbx_unobs_or_zero_occ_atoms.polymer_flag 
_pdbx_unobs_or_zero_occ_atoms.occupancy_flag 
_pdbx_unobs_or_zero_occ_atoms.auth_asym_id 
_pdbx_unobs_or_zero_occ_atoms.auth_comp_id 
_pdbx_unobs_or_zero_occ_atoms.auth_seq_id 
_pdbx_unobs_or_zero_occ_atoms.PDB_ins_code 
_pdbx_unobs_or_zero_occ_atoms.auth_atom_id 
_pdbx_unobs_or_zero_occ_atoms.label_alt_id 
_pdbx_unobs_or_zero_occ_atoms.label_asym_id 
_pdbx_unobs_or_zero_occ_atoms.label_comp_id 
_pdbx_unobs_or_zero_occ_atoms.label_seq_id 
_pdbx_unobs_or_zero_occ_atoms.label_atom_id 
1 1 N 1 A PG4 601 ? C8 ? B PG4 1 C8 
2 1 N 1 A PG4 601 ? O5 ? B PG4 1 O5 
# 
loop_
_software.citation_id 
_software.classification 
_software.compiler_name 
_software.compiler_version 
_software.contact_author 
_software.contact_author_email 
_software.date 
_software.description 
_software.dependencies 
_software.hardware 
_software.language 
_software.location 
_software.mods 
_software.name 
_software.os 
_software.os_version 
_software.type 
_software.version 
_software.pdbx_ordinal 
? 'data processing' ? ? ? ? ? ? ? ? ? ? ? DIALS    ? ? ? .           1 
? 'data scaling'    ? ? ? ? ? ? ? ? ? ? ? DIALS    ? ? ? .           2 
? phasing           ? ? ? ? ? ? ? ? ? ? ? PHASER   ? ? ? .           3 
? 'model building'  ? ? ? ? ? ? ? ? ? ? ? PHENIX   ? ? ? .           4 
? refinement        ? ? ? ? ? ? ? ? ? ? ? PHENIX   ? ? ? 1.17.1_3660 5 
? 'model building'  ? ? ? ? ? ? ? ? ? ? ? PDB-REDO ? ? ? .           6 
? 'data reduction'  ? ? ? ? ? ? ? ? ? ? ? xia2     ? ? ? .           7 
? 'data reduction'  ? ? ? ? ? ? ? ? ? ? ? DIALS    ? ? ? .           8 
# 
_cell.angle_alpha                  114.510 
_cell.angle_alpha_esd              ? 
_cell.angle_beta                   100.436 
_cell.angle_beta_esd               ? 
_cell.angle_gamma                  97.766 
_cell.angle_gamma_esd              ? 
_cell.entry_id                     7NH2 
_cell.details                      ? 
_cell.formula_units_Z              ? 
_cell.length_a                     32.474 
_cell.length_a_esd                 ? 
_cell.length_b                     35.221 
_cell.length_b_esd                 ? 
_cell.length_c                     38.177 
_cell.length_c_esd                 ? 
_cell.volume                       37979.465 
_cell.volume_esd                   ? 
_cell.Z_PDB                        1 
_cell.reciprocal_angle_alpha       ? 
_cell.reciprocal_angle_beta        ? 
_cell.reciprocal_angle_gamma       ? 
_cell.reciprocal_angle_alpha_esd   ? 
_cell.reciprocal_angle_beta_esd    ? 
_cell.reciprocal_angle_gamma_esd   ? 
_cell.reciprocal_length_a          ? 
_cell.reciprocal_length_b          ? 
_cell.reciprocal_length_c          ? 
_cell.reciprocal_length_a_esd      ? 
_cell.reciprocal_length_b_esd      ? 
_cell.reciprocal_length_c_esd      ? 
_cell.pdbx_unique_axis             ? 
# 
_symmetry.entry_id                         7NH2 
_symmetry.cell_setting                     ? 
_symmetry.Int_Tables_number                1 
_symmetry.space_group_name_Hall            'P 1' 
_symmetry.space_group_name_H-M             'P 1' 
_symmetry.pdbx_full_space_group_name_H-M   ? 
# 
_exptl.absorpt_coefficient_mu     ? 
_exptl.absorpt_correction_T_max   ? 
_exptl.absorpt_correction_T_min   ? 
_exptl.absorpt_correction_type    ? 
_exptl.absorpt_process_details    ? 
_exptl.entry_id                   7NH2 
_exptl.crystals_number            1 
_exptl.details                    ? 
_exptl.method                     'X-RAY DIFFRACTION' 
_exptl.method_details             ? 
# 
_exptl_crystal.colour                      ? 
_exptl_crystal.density_diffrn              ? 
_exptl_crystal.density_Matthews            2.06 
_exptl_crystal.density_method              ? 
_exptl_crystal.density_percent_sol         40.25 
_exptl_crystal.description                 ? 
_exptl_crystal.F_000                       ? 
_exptl_crystal.id                          1 
_exptl_crystal.preparation                 ? 
_exptl_crystal.size_max                    ? 
_exptl_crystal.size_mid                    ? 
_exptl_crystal.size_min                    ? 
_exptl_crystal.size_rad                    ? 
_exptl_crystal.colour_lustre               ? 
_exptl_crystal.colour_modifier             ? 
_exptl_crystal.colour_primary              ? 
_exptl_crystal.density_meas                ? 
_exptl_crystal.density_meas_esd            ? 
_exptl_crystal.density_meas_gt             ? 
_exptl_crystal.density_meas_lt             ? 
_exptl_crystal.density_meas_temp           ? 
_exptl_crystal.density_meas_temp_esd       ? 
_exptl_crystal.density_meas_temp_gt        ? 
_exptl_crystal.density_meas_temp_lt        ? 
_exptl_crystal.pdbx_crystal_image_url      ? 
_exptl_crystal.pdbx_crystal_image_format   ? 
_exptl_crystal.pdbx_mosaicity              ? 
_exptl_crystal.pdbx_mosaicity_esd          ? 
# 
_exptl_crystal_grow.apparatus       ? 
_exptl_crystal_grow.atmosphere      ? 
_exptl_crystal_grow.crystal_id      1 
_exptl_crystal_grow.details         ? 
_exptl_crystal_grow.method          'VAPOR DIFFUSION, SITTING DROP' 
_exptl_crystal_grow.method_ref      ? 
_exptl_crystal_grow.pH              4.5 
_exptl_crystal_grow.pressure        ? 
_exptl_crystal_grow.pressure_esd    ? 
_exptl_crystal_grow.seeding         ? 
_exptl_crystal_grow.seeding_ref     ? 
_exptl_crystal_grow.temp            293 
_exptl_crystal_grow.temp_details    ? 
_exptl_crystal_grow.temp_esd        ? 
_exptl_crystal_grow.time            ? 
_exptl_crystal_grow.pdbx_details    '50% PEG 400, 0.1M Sodium acetate pH 4.5 and 0.2M LiSO4' 
_exptl_crystal_grow.pdbx_pH_range   ? 
# 
_diffrn.ambient_environment              ? 
_diffrn.ambient_temp                     100 
_diffrn.ambient_temp_details             ? 
_diffrn.ambient_temp_esd                 ? 
_diffrn.crystal_id                       1 
_diffrn.crystal_support                  ? 
_diffrn.crystal_treatment                ? 
_diffrn.details                          ? 
_diffrn.id                               1 
_diffrn.ambient_pressure                 ? 
_diffrn.ambient_pressure_esd             ? 
_diffrn.ambient_pressure_gt              ? 
_diffrn.ambient_pressure_lt              ? 
_diffrn.ambient_temp_gt                  ? 
_diffrn.ambient_temp_lt                  ? 
_diffrn.pdbx_serial_crystal_experiment   N 
# 
_diffrn_detector.details                      ? 
_diffrn_detector.detector                     PIXEL 
_diffrn_detector.diffrn_id                    1 
_diffrn_detector.type                         'DECTRIS PILATUS3 2M' 
_diffrn_detector.area_resol_mean              ? 
_diffrn_detector.dtime                        ? 
_diffrn_detector.pdbx_frames_total            ? 
_diffrn_detector.pdbx_collection_time_total   ? 
_diffrn_detector.pdbx_collection_date         2018-09-26 
_diffrn_detector.pdbx_frequency               ? 
# 
_diffrn_radiation.collimation                      ? 
_diffrn_radiation.diffrn_id                        1 
_diffrn_radiation.filter_edge                      ? 
_diffrn_radiation.inhomogeneity                    ? 
_diffrn_radiation.monochromator                    ? 
_diffrn_radiation.polarisn_norm                    ? 
_diffrn_radiation.polarisn_ratio                   ? 
_diffrn_radiation.probe                            ? 
_diffrn_radiation.type                             ? 
_diffrn_radiation.xray_symbol                      ? 
_diffrn_radiation.wavelength_id                    1 
_diffrn_radiation.pdbx_monochromatic_or_laue_m_l   M 
_diffrn_radiation.pdbx_wavelength_list             ? 
_diffrn_radiation.pdbx_wavelength                  ? 
_diffrn_radiation.pdbx_diffrn_protocol             'SINGLE WAVELENGTH' 
_diffrn_radiation.pdbx_analyzer                    ? 
_diffrn_radiation.pdbx_scattering_type             x-ray 
# 
_diffrn_radiation_wavelength.id           1 
_diffrn_radiation_wavelength.wavelength   0.9660 
_diffrn_radiation_wavelength.wt           1.0 
# 
_diffrn_source.current                     ? 
_diffrn_source.details                     ? 
_diffrn_source.diffrn_id                   1 
_diffrn_source.power                       ? 
_diffrn_source.size                        ? 
_diffrn_source.source                      SYNCHROTRON 
_diffrn_source.target                      ? 
_diffrn_source.type                        'ESRF BEAMLINE MASSIF-1' 
_diffrn_source.voltage                     ? 
_diffrn_source.take-off_angle              ? 
_diffrn_source.pdbx_wavelength_list        0.9660 
_diffrn_source.pdbx_wavelength             ? 
_diffrn_source.pdbx_synchrotron_beamline   MASSIF-1 
_diffrn_source.pdbx_synchrotron_site       ESRF 
# 
_reflns.B_iso_Wilson_estimate            9.18 
_reflns.entry_id                         7NH2 
_reflns.data_reduction_details           ? 
_reflns.data_reduction_method            ? 
_reflns.d_resolution_high                1.349 
_reflns.d_resolution_low                 30.76 
_reflns.details                          ? 
_reflns.limit_h_max                      ? 
_reflns.limit_h_min                      ? 
_reflns.limit_k_max                      ? 
_reflns.limit_k_min                      ? 
_reflns.limit_l_max                      ? 
_reflns.limit_l_min                      ? 
_reflns.number_all                       ? 
_reflns.number_obs                       30036 
_reflns.observed_criterion               ? 
_reflns.observed_criterion_F_max         ? 
_reflns.observed_criterion_F_min         ? 
_reflns.observed_criterion_I_max         ? 
_reflns.observed_criterion_I_min         ? 
_reflns.observed_criterion_sigma_F       ? 
_reflns.observed_criterion_sigma_I       ? 
_reflns.percent_possible_obs             92.64 
_reflns.R_free_details                   ? 
_reflns.Rmerge_F_all                     ? 
_reflns.Rmerge_F_obs                     ? 
_reflns.Friedel_coverage                 ? 
_reflns.number_gt                        ? 
_reflns.threshold_expression             ? 
_reflns.pdbx_redundancy                  1.6 
_reflns.pdbx_Rmerge_I_obs                ? 
_reflns.pdbx_Rmerge_I_all                ? 
_reflns.pdbx_Rsym_value                  ? 
_reflns.pdbx_netI_over_av_sigmaI         ? 
_reflns.pdbx_netI_over_sigmaI            6.6 
_reflns.pdbx_res_netI_over_av_sigmaI_2   ? 
_reflns.pdbx_res_netI_over_sigmaI_2      ? 
_reflns.pdbx_chi_squared                 ? 
_reflns.pdbx_scaling_rejects             ? 
_reflns.pdbx_d_res_high_opt              ? 
_reflns.pdbx_d_res_low_opt               ? 
_reflns.pdbx_d_res_opt_method            ? 
_reflns.phase_calculation_details        ? 
_reflns.pdbx_Rrim_I_all                  ? 
_reflns.pdbx_Rpim_I_all                  ? 
_reflns.pdbx_d_opt                       ? 
_reflns.pdbx_number_measured_all         ? 
_reflns.pdbx_diffrn_id                   1 
_reflns.pdbx_ordinal                     1 
_reflns.pdbx_CC_half                     0.956 
_reflns.pdbx_CC_star                     ? 
_reflns.pdbx_R_split                     ? 
# 
_reflns_shell.d_res_high                  1.349 
_reflns_shell.d_res_low                   1.397 
_reflns_shell.meanI_over_sigI_all         ? 
_reflns_shell.meanI_over_sigI_obs         2.1 
_reflns_shell.number_measured_all         ? 
_reflns_shell.number_measured_obs         ? 
_reflns_shell.number_possible             ? 
_reflns_shell.number_unique_all           ? 
_reflns_shell.number_unique_obs           2887 
_reflns_shell.percent_possible_all        88.38 
_reflns_shell.percent_possible_obs        ? 
_reflns_shell.Rmerge_F_all                ? 
_reflns_shell.Rmerge_F_obs                ? 
_reflns_shell.Rmerge_I_all                ? 
_reflns_shell.Rmerge_I_obs                ? 
_reflns_shell.meanI_over_sigI_gt          ? 
_reflns_shell.meanI_over_uI_all           ? 
_reflns_shell.meanI_over_uI_gt            ? 
_reflns_shell.number_measured_gt          ? 
_reflns_shell.number_unique_gt            ? 
_reflns_shell.percent_possible_gt         ? 
_reflns_shell.Rmerge_F_gt                 ? 
_reflns_shell.Rmerge_I_gt                 ? 
_reflns_shell.pdbx_redundancy             1.7 
_reflns_shell.pdbx_Rsym_value             ? 
_reflns_shell.pdbx_chi_squared            ? 
_reflns_shell.pdbx_netI_over_sigmaI_all   ? 
_reflns_shell.pdbx_netI_over_sigmaI_obs   ? 
_reflns_shell.pdbx_Rrim_I_all             ? 
_reflns_shell.pdbx_Rpim_I_all             ? 
_reflns_shell.pdbx_rejects                ? 
_reflns_shell.pdbx_ordinal                1 
_reflns_shell.pdbx_diffrn_id              1 
_reflns_shell.pdbx_CC_half                0.496 
_reflns_shell.pdbx_CC_star                ? 
_reflns_shell.pdbx_R_split                ? 
# 
_refine.aniso_B[1][1]                            ? 
_refine.aniso_B[1][2]                            ? 
_refine.aniso_B[1][3]                            ? 
_refine.aniso_B[2][2]                            ? 
_refine.aniso_B[2][3]                            ? 
_refine.aniso_B[3][3]                            ? 
_refine.B_iso_max                                ? 
_refine.B_iso_mean                               13.21 
_refine.B_iso_min                                ? 
_refine.correlation_coeff_Fo_to_Fc               ? 
_refine.correlation_coeff_Fo_to_Fc_free          ? 
_refine.details                                  ? 
_refine.diff_density_max                         ? 
_refine.diff_density_max_esd                     ? 
_refine.diff_density_min                         ? 
_refine.diff_density_min_esd                     ? 
_refine.diff_density_rms                         ? 
_refine.diff_density_rms_esd                     ? 
_refine.entry_id                                 7NH2 
_refine.pdbx_refine_id                           'X-RAY DIFFRACTION' 
_refine.ls_abs_structure_details                 ? 
_refine.ls_abs_structure_Flack                   ? 
_refine.ls_abs_structure_Flack_esd               ? 
_refine.ls_abs_structure_Rogers                  ? 
_refine.ls_abs_structure_Rogers_esd              ? 
_refine.ls_d_res_high                            1.35 
_refine.ls_d_res_low                             30.76 
_refine.ls_extinction_coef                       ? 
_refine.ls_extinction_coef_esd                   ? 
_refine.ls_extinction_expression                 ? 
_refine.ls_extinction_method                     ? 
_refine.ls_goodness_of_fit_all                   ? 
_refine.ls_goodness_of_fit_all_esd               ? 
_refine.ls_goodness_of_fit_obs                   ? 
_refine.ls_goodness_of_fit_obs_esd               ? 
_refine.ls_hydrogen_treatment                    ? 
_refine.ls_matrix_type                           ? 
_refine.ls_number_constraints                    ? 
_refine.ls_number_parameters                     ? 
_refine.ls_number_reflns_all                     ? 
_refine.ls_number_reflns_obs                     30007 
_refine.ls_number_reflns_R_free                  1532 
_refine.ls_number_reflns_R_work                  28475 
_refine.ls_number_restraints                     ? 
_refine.ls_percent_reflns_obs                    92.65 
_refine.ls_percent_reflns_R_free                 5.11 
_refine.ls_R_factor_all                          ? 
_refine.ls_R_factor_obs                          0.1832 
_refine.ls_R_factor_R_free                       0.1967 
_refine.ls_R_factor_R_free_error                 ? 
_refine.ls_R_factor_R_free_error_details         ? 
_refine.ls_R_factor_R_work                       0.1825 
_refine.ls_R_Fsqd_factor_obs                     ? 
_refine.ls_R_I_factor_obs                        ? 
_refine.ls_redundancy_reflns_all                 ? 
_refine.ls_redundancy_reflns_obs                 ? 
_refine.ls_restrained_S_all                      ? 
_refine.ls_restrained_S_obs                      ? 
_refine.ls_shift_over_esd_max                    ? 
_refine.ls_shift_over_esd_mean                   ? 
_refine.ls_structure_factor_coef                 ? 
_refine.ls_weighting_details                     ? 
_refine.ls_weighting_scheme                      ? 
_refine.ls_wR_factor_all                         ? 
_refine.ls_wR_factor_obs                         ? 
_refine.ls_wR_factor_R_free                      ? 
_refine.ls_wR_factor_R_work                      ? 
_refine.occupancy_max                            ? 
_refine.occupancy_min                            ? 
_refine.solvent_model_details                    'FLAT BULK SOLVENT MODEL' 
_refine.solvent_model_param_bsol                 ? 
_refine.solvent_model_param_ksol                 ? 
_refine.pdbx_R_complete                          ? 
_refine.ls_R_factor_gt                           ? 
_refine.ls_goodness_of_fit_gt                    ? 
_refine.ls_goodness_of_fit_ref                   ? 
_refine.ls_shift_over_su_max                     ? 
_refine.ls_shift_over_su_max_lt                  ? 
_refine.ls_shift_over_su_mean                    ? 
_refine.ls_shift_over_su_mean_lt                 ? 
_refine.pdbx_ls_sigma_I                          ? 
_refine.pdbx_ls_sigma_F                          1.96 
_refine.pdbx_ls_sigma_Fsqd                       ? 
_refine.pdbx_data_cutoff_high_absF               ? 
_refine.pdbx_data_cutoff_high_rms_absF           ? 
_refine.pdbx_data_cutoff_low_absF                ? 
_refine.pdbx_isotropic_thermal_model             ? 
_refine.pdbx_ls_cross_valid_method               'FREE R-VALUE' 
_refine.pdbx_method_to_determine_struct          'MOLECULAR REPLACEMENT' 
_refine.pdbx_starting_model                      4r3i 
_refine.pdbx_stereochemistry_target_values       'GeoStd + Monomer Library + CDL v1.2' 
_refine.pdbx_R_Free_selection_details            ? 
_refine.pdbx_stereochem_target_val_spec_case     ? 
_refine.pdbx_overall_ESU_R                       ? 
_refine.pdbx_overall_ESU_R_Free                  ? 
_refine.pdbx_solvent_vdw_probe_radii             1.1100 
_refine.pdbx_solvent_ion_probe_radii             ? 
_refine.pdbx_solvent_shrinkage_radii             0.9000 
_refine.pdbx_real_space_R                        ? 
_refine.pdbx_density_correlation                 ? 
_refine.pdbx_pd_number_of_powder_patterns        ? 
_refine.pdbx_pd_number_of_points                 ? 
_refine.pdbx_pd_meas_number_of_points            ? 
_refine.pdbx_pd_proc_ls_prof_R_factor            ? 
_refine.pdbx_pd_proc_ls_prof_wR_factor           ? 
_refine.pdbx_pd_Marquardt_correlation_coeff      ? 
_refine.pdbx_pd_Fsqrd_R_factor                   ? 
_refine.pdbx_pd_ls_matrix_band_width             ? 
_refine.pdbx_overall_phase_error                 20.9977 
_refine.pdbx_overall_SU_R_free_Cruickshank_DPI   ? 
_refine.pdbx_overall_SU_R_free_Blow_DPI          ? 
_refine.pdbx_overall_SU_R_Blow_DPI               ? 
_refine.pdbx_TLS_residual_ADP_flag               ? 
_refine.pdbx_diffrn_id                           1 
_refine.overall_SU_B                             ? 
_refine.overall_SU_ML                            0.1393 
_refine.overall_SU_R_Cruickshank_DPI             ? 
_refine.overall_SU_R_free                        ? 
_refine.overall_FOM_free_R_set                   ? 
_refine.overall_FOM_work_R_set                   ? 
_refine.pdbx_average_fsc_overall                 ? 
_refine.pdbx_average_fsc_work                    ? 
_refine.pdbx_average_fsc_free                    ? 
# 
_refine_hist.pdbx_refine_id                   'X-RAY DIFFRACTION' 
_refine_hist.cycle_id                         LAST 
_refine_hist.details                          ? 
_refine_hist.d_res_high                       1.35 
_refine_hist.d_res_low                        30.76 
_refine_hist.number_atoms_solvent             148 
_refine_hist.number_atoms_total               1356 
_refine_hist.number_reflns_all                ? 
_refine_hist.number_reflns_obs                ? 
_refine_hist.number_reflns_R_free             ? 
_refine_hist.number_reflns_R_work             ? 
_refine_hist.R_factor_all                     ? 
_refine_hist.R_factor_obs                     ? 
_refine_hist.R_factor_R_free                  ? 
_refine_hist.R_factor_R_work                  ? 
_refine_hist.pdbx_number_residues_total       ? 
_refine_hist.pdbx_B_iso_mean_ligand           ? 
_refine_hist.pdbx_B_iso_mean_solvent          ? 
_refine_hist.pdbx_number_atoms_protein        1185 
_refine_hist.pdbx_number_atoms_nucleic_acid   0 
_refine_hist.pdbx_number_atoms_ligand         23 
_refine_hist.pdbx_number_atoms_lipid          ? 
_refine_hist.pdbx_number_atoms_carb           ? 
_refine_hist.pdbx_pseudo_atom_details         ? 
# 
loop_
_refine_ls_restr.pdbx_refine_id 
_refine_ls_restr.criterion 
_refine_ls_restr.dev_ideal 
_refine_ls_restr.dev_ideal_target 
_refine_ls_restr.number 
_refine_ls_restr.rejects 
_refine_ls_restr.type 
_refine_ls_restr.weight 
_refine_ls_restr.pdbx_restraint_function 
'X-RAY DIFFRACTION' ? 0.0053  ? 1298 ? f_bond_d           ? ? 
'X-RAY DIFFRACTION' ? 0.8218  ? 1762 ? f_angle_d          ? ? 
'X-RAY DIFFRACTION' ? 0.0774  ? 185  ? f_chiral_restr     ? ? 
'X-RAY DIFFRACTION' ? 0.0043  ? 227  ? f_plane_restr      ? ? 
'X-RAY DIFFRACTION' ? 15.8072 ? 485  ? f_dihedral_angle_d ? ? 
# 
loop_
_refine_ls_shell.pdbx_refine_id 
_refine_ls_shell.d_res_high 
_refine_ls_shell.d_res_low 
_refine_ls_shell.number_reflns_all 
_refine_ls_shell.number_reflns_obs 
_refine_ls_shell.number_reflns_R_free 
_refine_ls_shell.number_reflns_R_work 
_refine_ls_shell.percent_reflns_obs 
_refine_ls_shell.percent_reflns_R_free 
_refine_ls_shell.R_factor_all 
_refine_ls_shell.R_factor_obs 
_refine_ls_shell.R_factor_R_free 
_refine_ls_shell.R_factor_R_free_error 
_refine_ls_shell.R_factor_R_work 
_refine_ls_shell.redundancy_reflns_all 
_refine_ls_shell.redundancy_reflns_obs 
_refine_ls_shell.wR_factor_all 
_refine_ls_shell.wR_factor_obs 
_refine_ls_shell.wR_factor_R_free 
_refine_ls_shell.wR_factor_R_work 
_refine_ls_shell.pdbx_R_complete 
_refine_ls_shell.pdbx_total_number_of_bins_used 
_refine_ls_shell.pdbx_phase_error 
_refine_ls_shell.pdbx_fsc_work 
_refine_ls_shell.pdbx_fsc_free 
'X-RAY DIFFRACTION' 1.35 1.39  . . 139 2456 88.12 . . . 0.2609 . 0.2416 . . . . . . . . . . . 
'X-RAY DIFFRACTION' 1.39 1.44  . . 122 2531 89.99 . . . 0.2279 . 0.2296 . . . . . . . . . . . 
'X-RAY DIFFRACTION' 1.44 1.50  . . 123 2560 90.64 . . . 0.2229 . 0.2174 . . . . . . . . . . . 
'X-RAY DIFFRACTION' 1.50 1.57  . . 135 2504 90.62 . . . 0.2377 . 0.2107 . . . . . . . . . . . 
'X-RAY DIFFRACTION' 1.57 1.65  . . 131 2607 92.41 . . . 0.2316 . 0.1947 . . . . . . . . . . . 
'X-RAY DIFFRACTION' 1.65 1.75  . . 151 2630 94.27 . . . 0.1976 . 0.1776 . . . . . . . . . . . 
'X-RAY DIFFRACTION' 1.75 1.89  . . 131 2631 93.50 . . . 0.1991 . 0.1778 . . . . . . . . . . . 
'X-RAY DIFFRACTION' 1.89 2.08  . . 149 2584 93.31 . . . 0.1745 . 0.1638 . . . . . . . . . . . 
'X-RAY DIFFRACTION' 2.08 2.38  . . 148 2631 94.30 . . . 0.1849 . 0.1618 . . . . . . . . . . . 
'X-RAY DIFFRACTION' 2.38 3.00  . . 152 2618 94.38 . . . 0.1829 . 0.1813 . . . . . . . . . . . 
'X-RAY DIFFRACTION' 3.00 30.76 . . 151 2723 97.59 . . . 0.1893 . 0.1748 . . . . . . . . . . . 
# 
_struct.entry_id                     7NH2 
_struct.title                        'Crystal structure of Toxoplasma CPSF4-YTH domain bound to m6A' 
_struct.pdbx_model_details           ? 
_struct.pdbx_formula_weight          ? 
_struct.pdbx_formula_weight_method   ? 
_struct.pdbx_model_type_details      ? 
_struct.pdbx_CASP_flag               N 
# 
_struct_keywords.entry_id        7NH2 
_struct_keywords.text            'YTH, Cleavage and Polyadenylation, RNA, m6A, RNA BINDING PROTEIN' 
_struct_keywords.pdbx_keywords   'RNA BINDING PROTEIN' 
# 
loop_
_struct_asym.id 
_struct_asym.pdbx_blank_PDB_chainid_flag 
_struct_asym.pdbx_modified 
_struct_asym.entity_id 
_struct_asym.details 
A N N 1 ? 
B N N 2 ? 
C N N 3 ? 
D N N 4 ? 
# 
_struct_ref.id                         1 
_struct_ref.db_name                    UNP 
_struct_ref.db_code                    S8F6K2_TOXGM 
_struct_ref.pdbx_db_accession          S8F6K2 
_struct_ref.pdbx_db_isoform            ? 
_struct_ref.entity_id                  1 
_struct_ref.pdbx_seq_one_letter_code   
;DPFGHVASPQSTKRFFIIKSNRMSNIYTSIQHGVWATSKGNSRKLSNAFTSTDHVLLLFSANESGGFQGFGRMMSLPDPQ
LFPGIWGPVQLRLGSNFRVMWLKQCKIEFEELGKVTNPWNDDLPLRKSRDGTEVPPALGSLLCTWMSQRPSEDLLAGTGI
DPATR
;
_struct_ref.pdbx_align_begin           434 
# 
_struct_ref_seq.align_id                      1 
_struct_ref_seq.ref_id                        1 
_struct_ref_seq.pdbx_PDB_id_code              7NH2 
_struct_ref_seq.pdbx_strand_id                A 
_struct_ref_seq.seq_align_beg                 2 
_struct_ref_seq.pdbx_seq_align_beg_ins_code   ? 
_struct_ref_seq.seq_align_end                 166 
_struct_ref_seq.pdbx_seq_align_end_ins_code   ? 
_struct_ref_seq.pdbx_db_accession             S8F6K2 
_struct_ref_seq.db_align_beg                  434 
_struct_ref_seq.pdbx_db_align_beg_ins_code    ? 
_struct_ref_seq.db_align_end                  598 
_struct_ref_seq.pdbx_db_align_end_ins_code    ? 
_struct_ref_seq.pdbx_auth_seq_align_beg       434 
_struct_ref_seq.pdbx_auth_seq_align_end       598 
# 
_struct_ref_seq_dif.align_id                     1 
_struct_ref_seq_dif.pdbx_pdb_id_code             7NH2 
_struct_ref_seq_dif.mon_id                       GLY 
_struct_ref_seq_dif.pdbx_pdb_strand_id           A 
_struct_ref_seq_dif.seq_num                      1 
_struct_ref_seq_dif.pdbx_pdb_ins_code            ? 
_struct_ref_seq_dif.pdbx_seq_db_name             UNP 
_struct_ref_seq_dif.pdbx_seq_db_accession_code   S8F6K2 
_struct_ref_seq_dif.db_mon_id                    ? 
_struct_ref_seq_dif.pdbx_seq_db_seq_num          ? 
_struct_ref_seq_dif.details                      'expression tag' 
_struct_ref_seq_dif.pdbx_auth_seq_num            433 
_struct_ref_seq_dif.pdbx_ordinal                 1 
# 
_pdbx_struct_assembly.id                   1 
_pdbx_struct_assembly.details              author_and_software_defined_assembly 
_pdbx_struct_assembly.method_details       PISA 
_pdbx_struct_assembly.oligomeric_details   monomeric 
_pdbx_struct_assembly.oligomeric_count     1 
# 
loop_
_pdbx_struct_assembly_prop.biol_id 
_pdbx_struct_assembly_prop.type 
_pdbx_struct_assembly_prop.value 
_pdbx_struct_assembly_prop.details 
1 'ABSA (A^2)' 390  ? 
1 MORE         7    ? 
1 'SSA (A^2)'  7810 ? 
# 
_pdbx_struct_assembly_gen.assembly_id       1 
_pdbx_struct_assembly_gen.oper_expression   1 
_pdbx_struct_assembly_gen.asym_id_list      A,B,C,D 
# 
_pdbx_struct_assembly_auth_evidence.id                     1 
_pdbx_struct_assembly_auth_evidence.assembly_id            1 
_pdbx_struct_assembly_auth_evidence.experimental_support   'gel filtration' 
_pdbx_struct_assembly_auth_evidence.details                
'Checked using size exclusion chromatography combined with multi-angle laser light scattering.' 
# 
_pdbx_struct_oper_list.id                   1 
_pdbx_struct_oper_list.type                 'identity operation' 
_pdbx_struct_oper_list.name                 1_555 
_pdbx_struct_oper_list.symmetry_operation   x,y,z 
_pdbx_struct_oper_list.matrix[1][1]         1.0000000000 
_pdbx_struct_oper_list.matrix[1][2]         0.0000000000 
_pdbx_struct_oper_list.matrix[1][3]         0.0000000000 
_pdbx_struct_oper_list.vector[1]            0.0000000000 
_pdbx_struct_oper_list.matrix[2][1]         0.0000000000 
_pdbx_struct_oper_list.matrix[2][2]         1.0000000000 
_pdbx_struct_oper_list.matrix[2][3]         0.0000000000 
_pdbx_struct_oper_list.vector[2]            0.0000000000 
_pdbx_struct_oper_list.matrix[3][1]         0.0000000000 
_pdbx_struct_oper_list.matrix[3][2]         0.0000000000 
_pdbx_struct_oper_list.matrix[3][3]         1.0000000000 
_pdbx_struct_oper_list.vector[3]            0.0000000000 
# 
loop_
_struct_conf.conf_type_id 
_struct_conf.id 
_struct_conf.pdbx_PDB_helix_id 
_struct_conf.beg_label_comp_id 
_struct_conf.beg_label_asym_id 
_struct_conf.beg_label_seq_id 
_struct_conf.pdbx_beg_PDB_ins_code 
_struct_conf.end_label_comp_id 
_struct_conf.end_label_asym_id 
_struct_conf.end_label_seq_id 
_struct_conf.pdbx_end_PDB_ins_code 
_struct_conf.beg_auth_comp_id 
_struct_conf.beg_auth_asym_id 
_struct_conf.beg_auth_seq_id 
_struct_conf.end_auth_comp_id 
_struct_conf.end_auth_asym_id 
_struct_conf.end_auth_seq_id 
_struct_conf.pdbx_PDB_helix_class 
_struct_conf.details 
_struct_conf.pdbx_PDB_helix_length 
HELX_P HELX_P1 AA1 ARG A 23  ? GLY A 34  ? ARG A 455 GLY A 466 1 ? 12 
HELX_P HELX_P2 AA2 SER A 39  ? SER A 52  ? SER A 471 SER A 484 1 ? 14 
HELX_P HELX_P3 AA3 GLY A 88  ? LEU A 94  ? GLY A 520 LEU A 526 5 ? 7  
HELX_P HELX_P4 AA4 GLU A 111 ? GLY A 114 ? GLU A 543 GLY A 546 5 ? 4  
HELX_P HELX_P5 AA5 PRO A 125 ? SER A 129 ? PRO A 557 SER A 561 5 ? 5  
HELX_P HELX_P6 AA6 PRO A 136 ? GLN A 149 ? PRO A 568 GLN A 581 1 ? 14 
# 
_struct_conf_type.id          HELX_P 
_struct_conf_type.criteria    ? 
_struct_conf_type.reference   ? 
# 
_struct_sheet.id               AA1 
_struct_sheet.type             ? 
_struct_sheet.number_strands   6 
_struct_sheet.details          ? 
# 
loop_
_struct_sheet_order.sheet_id 
_struct_sheet_order.range_id_1 
_struct_sheet_order.range_id_2 
_struct_sheet_order.offset 
_struct_sheet_order.sense 
AA1 1 2 ? anti-parallel 
AA1 2 3 ? anti-parallel 
AA1 3 4 ? anti-parallel 
AA1 4 5 ? parallel      
AA1 5 6 ? anti-parallel 
# 
loop_
_struct_sheet_range.sheet_id 
_struct_sheet_range.id 
_struct_sheet_range.beg_label_comp_id 
_struct_sheet_range.beg_label_asym_id 
_struct_sheet_range.beg_label_seq_id 
_struct_sheet_range.pdbx_beg_PDB_ins_code 
_struct_sheet_range.end_label_comp_id 
_struct_sheet_range.end_label_asym_id 
_struct_sheet_range.end_label_seq_id 
_struct_sheet_range.pdbx_end_PDB_ins_code 
_struct_sheet_range.beg_auth_comp_id 
_struct_sheet_range.beg_auth_asym_id 
_struct_sheet_range.beg_auth_seq_id 
_struct_sheet_range.end_auth_comp_id 
_struct_sheet_range.end_auth_asym_id 
_struct_sheet_range.end_auth_seq_id 
AA1 1 VAL A 35  ? TRP A 36  ? VAL A 467 TRP A 468 
AA1 2 PHE A 98  ? GLU A 109 ? PHE A 530 GLU A 541 
AA1 3 GLY A 67  ? MET A 74  ? GLY A 499 MET A 506 
AA1 4 THR A 53  ? ALA A 62  ? THR A 485 ALA A 494 
AA1 5 SER A 12  ? SER A 21  ? SER A 444 SER A 453 
AA1 6 THR A 133 ? VAL A 135 ? THR A 565 VAL A 567 
# 
loop_
_pdbx_struct_sheet_hbond.sheet_id 
_pdbx_struct_sheet_hbond.range_id_1 
_pdbx_struct_sheet_hbond.range_id_2 
_pdbx_struct_sheet_hbond.range_1_label_atom_id 
_pdbx_struct_sheet_hbond.range_1_label_comp_id 
_pdbx_struct_sheet_hbond.range_1_label_asym_id 
_pdbx_struct_sheet_hbond.range_1_label_seq_id 
_pdbx_struct_sheet_hbond.range_1_PDB_ins_code 
_pdbx_struct_sheet_hbond.range_1_auth_atom_id 
_pdbx_struct_sheet_hbond.range_1_auth_comp_id 
_pdbx_struct_sheet_hbond.range_1_auth_asym_id 
_pdbx_struct_sheet_hbond.range_1_auth_seq_id 
_pdbx_struct_sheet_hbond.range_2_label_atom_id 
_pdbx_struct_sheet_hbond.range_2_label_comp_id 
_pdbx_struct_sheet_hbond.range_2_label_asym_id 
_pdbx_struct_sheet_hbond.range_2_label_seq_id 
_pdbx_struct_sheet_hbond.range_2_PDB_ins_code 
_pdbx_struct_sheet_hbond.range_2_auth_atom_id 
_pdbx_struct_sheet_hbond.range_2_auth_comp_id 
_pdbx_struct_sheet_hbond.range_2_auth_asym_id 
_pdbx_struct_sheet_hbond.range_2_auth_seq_id 
AA1 1 2 N TRP A 36  ? N TRP A 468 O PHE A 98  ? O PHE A 530 
AA1 2 3 O MET A 101 ? O MET A 533 N ARG A 73  ? N ARG A 505 
AA1 3 4 O GLY A 72  ? O GLY A 504 N LEU A 58  ? N LEU A 490 
AA1 4 5 O LEU A 57  ? O LEU A 489 N ARG A 15  ? N ARG A 447 
AA1 5 6 N ILE A 18  ? N ILE A 450 O THR A 133 ? O THR A 565 
# 
loop_
_struct_site.id 
_struct_site.pdbx_evidence_code 
_struct_site.pdbx_auth_asym_id 
_struct_site.pdbx_auth_comp_id 
_struct_site.pdbx_auth_seq_id 
_struct_site.pdbx_auth_ins_code 
_struct_site.pdbx_num_residues 
_struct_site.details 
AC1 Software A PG4 601 ? 3  'binding site for residue PG4 A 601' 
AC2 Software A OYK 602 ? 14 'binding site for residue OYK A 602' 
# 
loop_
_struct_site_gen.id 
_struct_site_gen.site_id 
_struct_site_gen.pdbx_num_res 
_struct_site_gen.label_comp_id 
_struct_site_gen.label_asym_id 
_struct_site_gen.label_seq_id 
_struct_site_gen.pdbx_auth_ins_code 
_struct_site_gen.auth_comp_id 
_struct_site_gen.auth_asym_id 
_struct_site_gen.auth_seq_id 
_struct_site_gen.label_atom_id 
_struct_site_gen.label_alt_id 
_struct_site_gen.symmetry 
_struct_site_gen.details 
1  AC1 3  LYS A 14  ? LYS A 446 . ? 1_555 ? 
2  AC1 3  SER A 141 ? SER A 573 . ? 1_555 ? 
3  AC1 3  HOH D .   ? HOH A 758 . ? 1_555 ? 
4  AC2 14 GLN A 11  ? GLN A 443 . ? 1_545 ? 
5  AC2 14 ASN A 22  ? ASN A 454 . ? 1_555 ? 
6  AC2 14 TRP A 36  ? TRP A 468 . ? 1_555 ? 
7  AC2 14 ALA A 37  ? ALA A 469 . ? 1_555 ? 
8  AC2 14 THR A 38  ? THR A 470 . ? 1_555 ? 
9  AC2 14 TRP A 87  ? TRP A 519 . ? 1_555 ? 
10 AC2 14 VAL A 90  ? VAL A 522 . ? 1_555 ? 
11 AC2 14 LEU A 94  ? LEU A 526 . ? 1_555 ? 
12 AC2 14 ASP A 131 ? ASP A 563 . ? 1_555 ? 
13 AC2 14 HOH D .   ? HOH A 710 . ? 1_555 ? 
14 AC2 14 HOH D .   ? HOH A 731 . ? 1_555 ? 
15 AC2 14 HOH D .   ? HOH A 732 . ? 1_555 ? 
16 AC2 14 HOH D .   ? HOH A 740 . ? 1_555 ? 
17 AC2 14 HOH D .   ? HOH A 836 . ? 1_555 ? 
# 
_space_group_symop.id              1 
_space_group_symop.operation_xyz   x,y,z 
# 
_pdbx_entry_details.entry_id                 7NH2 
_pdbx_entry_details.has_ligand_of_interest   Y 
_pdbx_entry_details.compound_details         ? 
_pdbx_entry_details.source_details           ? 
_pdbx_entry_details.nonpolymer_details       ? 
_pdbx_entry_details.sequence_details         ? 
# 
loop_
_pdbx_distant_solvent_atoms.id 
_pdbx_distant_solvent_atoms.PDB_model_num 
_pdbx_distant_solvent_atoms.auth_atom_id 
_pdbx_distant_solvent_atoms.label_alt_id 
_pdbx_distant_solvent_atoms.auth_asym_id 
_pdbx_distant_solvent_atoms.auth_comp_id 
_pdbx_distant_solvent_atoms.auth_seq_id 
_pdbx_distant_solvent_atoms.PDB_ins_code 
_pdbx_distant_solvent_atoms.neighbor_macromolecule_distance 
_pdbx_distant_solvent_atoms.neighbor_ligand_distance 
1 1 O ? A HOH 847 ? 6.05 . 
2 1 O ? A HOH 848 ? 6.68 . 
# 
loop_
_pdbx_unobs_or_zero_occ_residues.id 
_pdbx_unobs_or_zero_occ_residues.PDB_model_num 
_pdbx_unobs_or_zero_occ_residues.polymer_flag 
_pdbx_unobs_or_zero_occ_residues.occupancy_flag 
_pdbx_unobs_or_zero_occ_residues.auth_asym_id 
_pdbx_unobs_or_zero_occ_residues.auth_comp_id 
_pdbx_unobs_or_zero_occ_residues.auth_seq_id 
_pdbx_unobs_or_zero_occ_residues.PDB_ins_code 
_pdbx_unobs_or_zero_occ_residues.label_asym_id 
_pdbx_unobs_or_zero_occ_residues.label_comp_id 
_pdbx_unobs_or_zero_occ_residues.label_seq_id 
1  1 Y 1 A GLY 433 ? A GLY 1   
2  1 Y 1 A ASP 434 ? A ASP 2   
3  1 Y 1 A PRO 435 ? A PRO 3   
4  1 Y 1 A PHE 436 ? A PHE 4   
5  1 Y 1 A GLY 437 ? A GLY 5   
6  1 Y 1 A HIS 438 ? A HIS 6   
7  1 Y 1 A VAL 439 ? A VAL 7   
8  1 Y 1 A ALA 440 ? A ALA 8   
9  1 Y 1 A SER 441 ? A SER 9   
10 1 Y 1 A GLY 592 ? A GLY 160 
11 1 Y 1 A ILE 593 ? A ILE 161 
12 1 Y 1 A ASP 594 ? A ASP 162 
13 1 Y 1 A PRO 595 ? A PRO 163 
14 1 Y 1 A ALA 596 ? A ALA 164 
15 1 Y 1 A THR 597 ? A THR 165 
16 1 Y 1 A ARG 598 ? A ARG 166 
# 
loop_
_chem_comp_atom.comp_id 
_chem_comp_atom.atom_id 
_chem_comp_atom.type_symbol 
_chem_comp_atom.pdbx_aromatic_flag 
_chem_comp_atom.pdbx_stereo_config 
_chem_comp_atom.pdbx_ordinal 
ALA N    N N N 1   
ALA CA   C N S 2   
ALA C    C N N 3   
ALA O    O N N 4   
ALA CB   C N N 5   
ALA OXT  O N N 6   
ALA H    H N N 7   
ALA H2   H N N 8   
ALA HA   H N N 9   
ALA HB1  H N N 10  
ALA HB2  H N N 11  
ALA HB3  H N N 12  
ALA HXT  H N N 13  
ARG N    N N N 14  
ARG CA   C N S 15  
ARG C    C N N 16  
ARG O    O N N 17  
ARG CB   C N N 18  
ARG CG   C N N 19  
ARG CD   C N N 20  
ARG NE   N N N 21  
ARG CZ   C N N 22  
ARG NH1  N N N 23  
ARG NH2  N N N 24  
ARG OXT  O N N 25  
ARG H    H N N 26  
ARG H2   H N N 27  
ARG HA   H N N 28  
ARG HB2  H N N 29  
ARG HB3  H N N 30  
ARG HG2  H N N 31  
ARG HG3  H N N 32  
ARG HD2  H N N 33  
ARG HD3  H N N 34  
ARG HE   H N N 35  
ARG HH11 H N N 36  
ARG HH12 H N N 37  
ARG HH21 H N N 38  
ARG HH22 H N N 39  
ARG HXT  H N N 40  
ASN N    N N N 41  
ASN CA   C N S 42  
ASN C    C N N 43  
ASN O    O N N 44  
ASN CB   C N N 45  
ASN CG   C N N 46  
ASN OD1  O N N 47  
ASN ND2  N N N 48  
ASN OXT  O N N 49  
ASN H    H N N 50  
ASN H2   H N N 51  
ASN HA   H N N 52  
ASN HB2  H N N 53  
ASN HB3  H N N 54  
ASN HD21 H N N 55  
ASN HD22 H N N 56  
ASN HXT  H N N 57  
ASP N    N N N 58  
ASP CA   C N S 59  
ASP C    C N N 60  
ASP O    O N N 61  
ASP CB   C N N 62  
ASP CG   C N N 63  
ASP OD1  O N N 64  
ASP OD2  O N N 65  
ASP OXT  O N N 66  
ASP H    H N N 67  
ASP H2   H N N 68  
ASP HA   H N N 69  
ASP HB2  H N N 70  
ASP HB3  H N N 71  
ASP HD2  H N N 72  
ASP HXT  H N N 73  
CYS N    N N N 74  
CYS CA   C N R 75  
CYS C    C N N 76  
CYS O    O N N 77  
CYS CB   C N N 78  
CYS SG   S N N 79  
CYS OXT  O N N 80  
CYS H    H N N 81  
CYS H2   H N N 82  
CYS HA   H N N 83  
CYS HB2  H N N 84  
CYS HB3  H N N 85  
CYS HG   H N N 86  
CYS HXT  H N N 87  
GLN N    N N N 88  
GLN CA   C N S 89  
GLN C    C N N 90  
GLN O    O N N 91  
GLN CB   C N N 92  
GLN CG   C N N 93  
GLN CD   C N N 94  
GLN OE1  O N N 95  
GLN NE2  N N N 96  
GLN OXT  O N N 97  
GLN H    H N N 98  
GLN H2   H N N 99  
GLN HA   H N N 100 
GLN HB2  H N N 101 
GLN HB3  H N N 102 
GLN HG2  H N N 103 
GLN HG3  H N N 104 
GLN HE21 H N N 105 
GLN HE22 H N N 106 
GLN HXT  H N N 107 
GLU N    N N N 108 
GLU CA   C N S 109 
GLU C    C N N 110 
GLU O    O N N 111 
GLU CB   C N N 112 
GLU CG   C N N 113 
GLU CD   C N N 114 
GLU OE1  O N N 115 
GLU OE2  O N N 116 
GLU OXT  O N N 117 
GLU H    H N N 118 
GLU H2   H N N 119 
GLU HA   H N N 120 
GLU HB2  H N N 121 
GLU HB3  H N N 122 
GLU HG2  H N N 123 
GLU HG3  H N N 124 
GLU HE2  H N N 125 
GLU HXT  H N N 126 
GLY N    N N N 127 
GLY CA   C N N 128 
GLY C    C N N 129 
GLY O    O N N 130 
GLY OXT  O N N 131 
GLY H    H N N 132 
GLY H2   H N N 133 
GLY HA2  H N N 134 
GLY HA3  H N N 135 
GLY HXT  H N N 136 
HIS N    N N N 137 
HIS CA   C N S 138 
HIS C    C N N 139 
HIS O    O N N 140 
HIS CB   C N N 141 
HIS CG   C Y N 142 
HIS ND1  N Y N 143 
HIS CD2  C Y N 144 
HIS CE1  C Y N 145 
HIS NE2  N Y N 146 
HIS OXT  O N N 147 
HIS H    H N N 148 
HIS H2   H N N 149 
HIS HA   H N N 150 
HIS HB2  H N N 151 
HIS HB3  H N N 152 
HIS HD1  H N N 153 
HIS HD2  H N N 154 
HIS HE1  H N N 155 
HIS HE2  H N N 156 
HIS HXT  H N N 157 
HOH O    O N N 158 
HOH H1   H N N 159 
HOH H2   H N N 160 
ILE N    N N N 161 
ILE CA   C N S 162 
ILE C    C N N 163 
ILE O    O N N 164 
ILE CB   C N S 165 
ILE CG1  C N N 166 
ILE CG2  C N N 167 
ILE CD1  C N N 168 
ILE OXT  O N N 169 
ILE H    H N N 170 
ILE H2   H N N 171 
ILE HA   H N N 172 
ILE HB   H N N 173 
ILE HG12 H N N 174 
ILE HG13 H N N 175 
ILE HG21 H N N 176 
ILE HG22 H N N 177 
ILE HG23 H N N 178 
ILE HD11 H N N 179 
ILE HD12 H N N 180 
ILE HD13 H N N 181 
ILE HXT  H N N 182 
LEU N    N N N 183 
LEU CA   C N S 184 
LEU C    C N N 185 
LEU O    O N N 186 
LEU CB   C N N 187 
LEU CG   C N N 188 
LEU CD1  C N N 189 
LEU CD2  C N N 190 
LEU OXT  O N N 191 
LEU H    H N N 192 
LEU H2   H N N 193 
LEU HA   H N N 194 
LEU HB2  H N N 195 
LEU HB3  H N N 196 
LEU HG   H N N 197 
LEU HD11 H N N 198 
LEU HD12 H N N 199 
LEU HD13 H N N 200 
LEU HD21 H N N 201 
LEU HD22 H N N 202 
LEU HD23 H N N 203 
LEU HXT  H N N 204 
LYS N    N N N 205 
LYS CA   C N S 206 
LYS C    C N N 207 
LYS O    O N N 208 
LYS CB   C N N 209 
LYS CG   C N N 210 
LYS CD   C N N 211 
LYS CE   C N N 212 
LYS NZ   N N N 213 
LYS OXT  O N N 214 
LYS H    H N N 215 
LYS H2   H N N 216 
LYS HA   H N N 217 
LYS HB2  H N N 218 
LYS HB3  H N N 219 
LYS HG2  H N N 220 
LYS HG3  H N N 221 
LYS HD2  H N N 222 
LYS HD3  H N N 223 
LYS HE2  H N N 224 
LYS HE3  H N N 225 
LYS HZ1  H N N 226 
LYS HZ2  H N N 227 
LYS HZ3  H N N 228 
LYS HXT  H N N 229 
MET N    N N N 230 
MET CA   C N S 231 
MET C    C N N 232 
MET O    O N N 233 
MET CB   C N N 234 
MET CG   C N N 235 
MET SD   S N N 236 
MET CE   C N N 237 
MET OXT  O N N 238 
MET H    H N N 239 
MET H2   H N N 240 
MET HA   H N N 241 
MET HB2  H N N 242 
MET HB3  H N N 243 
MET HG2  H N N 244 
MET HG3  H N N 245 
MET HE1  H N N 246 
MET HE2  H N N 247 
MET HE3  H N N 248 
MET HXT  H N N 249 
OYK N12  N Y N 250 
OYK C01  C N N 251 
OYK C03  C Y N 252 
OYK C05  C Y N 253 
OYK C06  C Y N 254 
OYK C07  C Y N 255 
OYK C09  C N N 256 
OYK C11  C Y N 257 
OYK N02  N Y N 258 
OYK N04  N Y N 259 
OYK N08  N N N 260 
OYK N10  N Y N 261 
OYK H1   H N N 262 
OYK H2   H N N 263 
OYK H3   H N N 264 
OYK H4   H N N 265 
OYK H5   H N N 266 
OYK H6   H N N 267 
OYK H7   H N N 268 
OYK H8   H N N 269 
OYK H9   H N N 270 
PG4 O1   O N N 271 
PG4 C1   C N N 272 
PG4 C2   C N N 273 
PG4 O2   O N N 274 
PG4 C3   C N N 275 
PG4 C4   C N N 276 
PG4 O3   O N N 277 
PG4 C5   C N N 278 
PG4 C6   C N N 279 
PG4 O4   O N N 280 
PG4 C7   C N N 281 
PG4 C8   C N N 282 
PG4 O5   O N N 283 
PG4 HO1  H N N 284 
PG4 H11  H N N 285 
PG4 H12  H N N 286 
PG4 H21  H N N 287 
PG4 H22  H N N 288 
PG4 H31  H N N 289 
PG4 H32  H N N 290 
PG4 H41  H N N 291 
PG4 H42  H N N 292 
PG4 H51  H N N 293 
PG4 H52  H N N 294 
PG4 H61  H N N 295 
PG4 H62  H N N 296 
PG4 H71  H N N 297 
PG4 H72  H N N 298 
PG4 H81  H N N 299 
PG4 H82  H N N 300 
PG4 HO5  H N N 301 
PHE N    N N N 302 
PHE CA   C N S 303 
PHE C    C N N 304 
PHE O    O N N 305 
PHE CB   C N N 306 
PHE CG   C Y N 307 
PHE CD1  C Y N 308 
PHE CD2  C Y N 309 
PHE CE1  C Y N 310 
PHE CE2  C Y N 311 
PHE CZ   C Y N 312 
PHE OXT  O N N 313 
PHE H    H N N 314 
PHE H2   H N N 315 
PHE HA   H N N 316 
PHE HB2  H N N 317 
PHE HB3  H N N 318 
PHE HD1  H N N 319 
PHE HD2  H N N 320 
PHE HE1  H N N 321 
PHE HE2  H N N 322 
PHE HZ   H N N 323 
PHE HXT  H N N 324 
PRO N    N N N 325 
PRO CA   C N S 326 
PRO C    C N N 327 
PRO O    O N N 328 
PRO CB   C N N 329 
PRO CG   C N N 330 
PRO CD   C N N 331 
PRO OXT  O N N 332 
PRO H    H N N 333 
PRO HA   H N N 334 
PRO HB2  H N N 335 
PRO HB3  H N N 336 
PRO HG2  H N N 337 
PRO HG3  H N N 338 
PRO HD2  H N N 339 
PRO HD3  H N N 340 
PRO HXT  H N N 341 
SER N    N N N 342 
SER CA   C N S 343 
SER C    C N N 344 
SER O    O N N 345 
SER CB   C N N 346 
SER OG   O N N 347 
SER OXT  O N N 348 
SER H    H N N 349 
SER H2   H N N 350 
SER HA   H N N 351 
SER HB2  H N N 352 
SER HB3  H N N 353 
SER HG   H N N 354 
SER HXT  H N N 355 
THR N    N N N 356 
THR CA   C N S 357 
THR C    C N N 358 
THR O    O N N 359 
THR CB   C N R 360 
THR OG1  O N N 361 
THR CG2  C N N 362 
THR OXT  O N N 363 
THR H    H N N 364 
THR H2   H N N 365 
THR HA   H N N 366 
THR HB   H N N 367 
THR HG1  H N N 368 
THR HG21 H N N 369 
THR HG22 H N N 370 
THR HG23 H N N 371 
THR HXT  H N N 372 
TRP N    N N N 373 
TRP CA   C N S 374 
TRP C    C N N 375 
TRP O    O N N 376 
TRP CB   C N N 377 
TRP CG   C Y N 378 
TRP CD1  C Y N 379 
TRP CD2  C Y N 380 
TRP NE1  N Y N 381 
TRP CE2  C Y N 382 
TRP CE3  C Y N 383 
TRP CZ2  C Y N 384 
TRP CZ3  C Y N 385 
TRP CH2  C Y N 386 
TRP OXT  O N N 387 
TRP H    H N N 388 
TRP H2   H N N 389 
TRP HA   H N N 390 
TRP HB2  H N N 391 
TRP HB3  H N N 392 
TRP HD1  H N N 393 
TRP HE1  H N N 394 
TRP HE3  H N N 395 
TRP HZ2  H N N 396 
TRP HZ3  H N N 397 
TRP HH2  H N N 398 
TRP HXT  H N N 399 
TYR N    N N N 400 
TYR CA   C N S 401 
TYR C    C N N 402 
TYR O    O N N 403 
TYR CB   C N N 404 
TYR CG   C Y N 405 
TYR CD1  C Y N 406 
TYR CD2  C Y N 407 
TYR CE1  C Y N 408 
TYR CE2  C Y N 409 
TYR CZ   C Y N 410 
TYR OH   O N N 411 
TYR OXT  O N N 412 
TYR H    H N N 413 
TYR H2   H N N 414 
TYR HA   H N N 415 
TYR HB2  H N N 416 
TYR HB3  H N N 417 
TYR HD1  H N N 418 
TYR HD2  H N N 419 
TYR HE1  H N N 420 
TYR HE2  H N N 421 
TYR HH   H N N 422 
TYR HXT  H N N 423 
VAL N    N N N 424 
VAL CA   C N S 425 
VAL C    C N N 426 
VAL O    O N N 427 
VAL CB   C N N 428 
VAL CG1  C N N 429 
VAL CG2  C N N 430 
VAL OXT  O N N 431 
VAL H    H N N 432 
VAL H2   H N N 433 
VAL HA   H N N 434 
VAL HB   H N N 435 
VAL HG11 H N N 436 
VAL HG12 H N N 437 
VAL HG13 H N N 438 
VAL HG21 H N N 439 
VAL HG22 H N N 440 
VAL HG23 H N N 441 
VAL HXT  H N N 442 
# 
loop_
_chem_comp_bond.comp_id 
_chem_comp_bond.atom_id_1 
_chem_comp_bond.atom_id_2 
_chem_comp_bond.value_order 
_chem_comp_bond.pdbx_aromatic_flag 
_chem_comp_bond.pdbx_stereo_config 
_chem_comp_bond.pdbx_ordinal 
ALA N   CA   sing N N 1   
ALA N   H    sing N N 2   
ALA N   H2   sing N N 3   
ALA CA  C    sing N N 4   
ALA CA  CB   sing N N 5   
ALA CA  HA   sing N N 6   
ALA C   O    doub N N 7   
ALA C   OXT  sing N N 8   
ALA CB  HB1  sing N N 9   
ALA CB  HB2  sing N N 10  
ALA CB  HB3  sing N N 11  
ALA OXT HXT  sing N N 12  
ARG N   CA   sing N N 13  
ARG N   H    sing N N 14  
ARG N   H2   sing N N 15  
ARG CA  C    sing N N 16  
ARG CA  CB   sing N N 17  
ARG CA  HA   sing N N 18  
ARG C   O    doub N N 19  
ARG C   OXT  sing N N 20  
ARG CB  CG   sing N N 21  
ARG CB  HB2  sing N N 22  
ARG CB  HB3  sing N N 23  
ARG CG  CD   sing N N 24  
ARG CG  HG2  sing N N 25  
ARG CG  HG3  sing N N 26  
ARG CD  NE   sing N N 27  
ARG CD  HD2  sing N N 28  
ARG CD  HD3  sing N N 29  
ARG NE  CZ   sing N N 30  
ARG NE  HE   sing N N 31  
ARG CZ  NH1  sing N N 32  
ARG CZ  NH2  doub N N 33  
ARG NH1 HH11 sing N N 34  
ARG NH1 HH12 sing N N 35  
ARG NH2 HH21 sing N N 36  
ARG NH2 HH22 sing N N 37  
ARG OXT HXT  sing N N 38  
ASN N   CA   sing N N 39  
ASN N   H    sing N N 40  
ASN N   H2   sing N N 41  
ASN CA  C    sing N N 42  
ASN CA  CB   sing N N 43  
ASN CA  HA   sing N N 44  
ASN C   O    doub N N 45  
ASN C   OXT  sing N N 46  
ASN CB  CG   sing N N 47  
ASN CB  HB2  sing N N 48  
ASN CB  HB3  sing N N 49  
ASN CG  OD1  doub N N 50  
ASN CG  ND2  sing N N 51  
ASN ND2 HD21 sing N N 52  
ASN ND2 HD22 sing N N 53  
ASN OXT HXT  sing N N 54  
ASP N   CA   sing N N 55  
ASP N   H    sing N N 56  
ASP N   H2   sing N N 57  
ASP CA  C    sing N N 58  
ASP CA  CB   sing N N 59  
ASP CA  HA   sing N N 60  
ASP C   O    doub N N 61  
ASP C   OXT  sing N N 62  
ASP CB  CG   sing N N 63  
ASP CB  HB2  sing N N 64  
ASP CB  HB3  sing N N 65  
ASP CG  OD1  doub N N 66  
ASP CG  OD2  sing N N 67  
ASP OD2 HD2  sing N N 68  
ASP OXT HXT  sing N N 69  
CYS N   CA   sing N N 70  
CYS N   H    sing N N 71  
CYS N   H2   sing N N 72  
CYS CA  C    sing N N 73  
CYS CA  CB   sing N N 74  
CYS CA  HA   sing N N 75  
CYS C   O    doub N N 76  
CYS C   OXT  sing N N 77  
CYS CB  SG   sing N N 78  
CYS CB  HB2  sing N N 79  
CYS CB  HB3  sing N N 80  
CYS SG  HG   sing N N 81  
CYS OXT HXT  sing N N 82  
GLN N   CA   sing N N 83  
GLN N   H    sing N N 84  
GLN N   H2   sing N N 85  
GLN CA  C    sing N N 86  
GLN CA  CB   sing N N 87  
GLN CA  HA   sing N N 88  
GLN C   O    doub N N 89  
GLN C   OXT  sing N N 90  
GLN CB  CG   sing N N 91  
GLN CB  HB2  sing N N 92  
GLN CB  HB3  sing N N 93  
GLN CG  CD   sing N N 94  
GLN CG  HG2  sing N N 95  
GLN CG  HG3  sing N N 96  
GLN CD  OE1  doub N N 97  
GLN CD  NE2  sing N N 98  
GLN NE2 HE21 sing N N 99  
GLN NE2 HE22 sing N N 100 
GLN OXT HXT  sing N N 101 
GLU N   CA   sing N N 102 
GLU N   H    sing N N 103 
GLU N   H2   sing N N 104 
GLU CA  C    sing N N 105 
GLU CA  CB   sing N N 106 
GLU CA  HA   sing N N 107 
GLU C   O    doub N N 108 
GLU C   OXT  sing N N 109 
GLU CB  CG   sing N N 110 
GLU CB  HB2  sing N N 111 
GLU CB  HB3  sing N N 112 
GLU CG  CD   sing N N 113 
GLU CG  HG2  sing N N 114 
GLU CG  HG3  sing N N 115 
GLU CD  OE1  doub N N 116 
GLU CD  OE2  sing N N 117 
GLU OE2 HE2  sing N N 118 
GLU OXT HXT  sing N N 119 
GLY N   CA   sing N N 120 
GLY N   H    sing N N 121 
GLY N   H2   sing N N 122 
GLY CA  C    sing N N 123 
GLY CA  HA2  sing N N 124 
GLY CA  HA3  sing N N 125 
GLY C   O    doub N N 126 
GLY C   OXT  sing N N 127 
GLY OXT HXT  sing N N 128 
HIS N   CA   sing N N 129 
HIS N   H    sing N N 130 
HIS N   H2   sing N N 131 
HIS CA  C    sing N N 132 
HIS CA  CB   sing N N 133 
HIS CA  HA   sing N N 134 
HIS C   O    doub N N 135 
HIS C   OXT  sing N N 136 
HIS CB  CG   sing N N 137 
HIS CB  HB2  sing N N 138 
HIS CB  HB3  sing N N 139 
HIS CG  ND1  sing Y N 140 
HIS CG  CD2  doub Y N 141 
HIS ND1 CE1  doub Y N 142 
HIS ND1 HD1  sing N N 143 
HIS CD2 NE2  sing Y N 144 
HIS CD2 HD2  sing N N 145 
HIS CE1 NE2  sing Y N 146 
HIS CE1 HE1  sing N N 147 
HIS NE2 HE2  sing N N 148 
HIS OXT HXT  sing N N 149 
HOH O   H1   sing N N 150 
HOH O   H2   sing N N 151 
ILE N   CA   sing N N 152 
ILE N   H    sing N N 153 
ILE N   H2   sing N N 154 
ILE CA  C    sing N N 155 
ILE CA  CB   sing N N 156 
ILE CA  HA   sing N N 157 
ILE C   O    doub N N 158 
ILE C   OXT  sing N N 159 
ILE CB  CG1  sing N N 160 
ILE CB  CG2  sing N N 161 
ILE CB  HB   sing N N 162 
ILE CG1 CD1  sing N N 163 
ILE CG1 HG12 sing N N 164 
ILE CG1 HG13 sing N N 165 
ILE CG2 HG21 sing N N 166 
ILE CG2 HG22 sing N N 167 
ILE CG2 HG23 sing N N 168 
ILE CD1 HD11 sing N N 169 
ILE CD1 HD12 sing N N 170 
ILE CD1 HD13 sing N N 171 
ILE OXT HXT  sing N N 172 
LEU N   CA   sing N N 173 
LEU N   H    sing N N 174 
LEU N   H2   sing N N 175 
LEU CA  C    sing N N 176 
LEU CA  CB   sing N N 177 
LEU CA  HA   sing N N 178 
LEU C   O    doub N N 179 
LEU C   OXT  sing N N 180 
LEU CB  CG   sing N N 181 
LEU CB  HB2  sing N N 182 
LEU CB  HB3  sing N N 183 
LEU CG  CD1  sing N N 184 
LEU CG  CD2  sing N N 185 
LEU CG  HG   sing N N 186 
LEU CD1 HD11 sing N N 187 
LEU CD1 HD12 sing N N 188 
LEU CD1 HD13 sing N N 189 
LEU CD2 HD21 sing N N 190 
LEU CD2 HD22 sing N N 191 
LEU CD2 HD23 sing N N 192 
LEU OXT HXT  sing N N 193 
LYS N   CA   sing N N 194 
LYS N   H    sing N N 195 
LYS N   H2   sing N N 196 
LYS CA  C    sing N N 197 
LYS CA  CB   sing N N 198 
LYS CA  HA   sing N N 199 
LYS C   O    doub N N 200 
LYS C   OXT  sing N N 201 
LYS CB  CG   sing N N 202 
LYS CB  HB2  sing N N 203 
LYS CB  HB3  sing N N 204 
LYS CG  CD   sing N N 205 
LYS CG  HG2  sing N N 206 
LYS CG  HG3  sing N N 207 
LYS CD  CE   sing N N 208 
LYS CD  HD2  sing N N 209 
LYS CD  HD3  sing N N 210 
LYS CE  NZ   sing N N 211 
LYS CE  HE2  sing N N 212 
LYS CE  HE3  sing N N 213 
LYS NZ  HZ1  sing N N 214 
LYS NZ  HZ2  sing N N 215 
LYS NZ  HZ3  sing N N 216 
LYS OXT HXT  sing N N 217 
MET N   CA   sing N N 218 
MET N   H    sing N N 219 
MET N   H2   sing N N 220 
MET CA  C    sing N N 221 
MET CA  CB   sing N N 222 
MET CA  HA   sing N N 223 
MET C   O    doub N N 224 
MET C   OXT  sing N N 225 
MET CB  CG   sing N N 226 
MET CB  HB2  sing N N 227 
MET CB  HB3  sing N N 228 
MET CG  SD   sing N N 229 
MET CG  HG2  sing N N 230 
MET CG  HG3  sing N N 231 
MET SD  CE   sing N N 232 
MET CE  HE1  sing N N 233 
MET CE  HE2  sing N N 234 
MET CE  HE3  sing N N 235 
MET OXT HXT  sing N N 236 
OYK C09 N08  sing N N 237 
OYK N08 C07  sing N N 238 
OYK N04 C06  sing Y N 239 
OYK N04 C03  doub Y N 240 
OYK C07 C06  doub Y N 241 
OYK C07 N10  sing Y N 242 
OYK C06 C05  sing Y N 243 
OYK C03 N02  sing Y N 244 
OYK N10 C11  doub Y N 245 
OYK N02 C05  sing Y N 246 
OYK N02 C01  sing N N 247 
OYK C05 N12  doub Y N 248 
OYK C11 N12  sing Y N 249 
OYK C01 H1   sing N N 250 
OYK C01 H2   sing N N 251 
OYK C01 H3   sing N N 252 
OYK C03 H4   sing N N 253 
OYK C09 H5   sing N N 254 
OYK C09 H6   sing N N 255 
OYK C09 H7   sing N N 256 
OYK C11 H8   sing N N 257 
OYK N08 H9   sing N N 258 
PG4 O1  C1   sing N N 259 
PG4 O1  HO1  sing N N 260 
PG4 C1  C2   sing N N 261 
PG4 C1  H11  sing N N 262 
PG4 C1  H12  sing N N 263 
PG4 C2  O2   sing N N 264 
PG4 C2  H21  sing N N 265 
PG4 C2  H22  sing N N 266 
PG4 O2  C3   sing N N 267 
PG4 C3  C4   sing N N 268 
PG4 C3  H31  sing N N 269 
PG4 C3  H32  sing N N 270 
PG4 C4  O3   sing N N 271 
PG4 C4  H41  sing N N 272 
PG4 C4  H42  sing N N 273 
PG4 O3  C5   sing N N 274 
PG4 C5  C6   sing N N 275 
PG4 C5  H51  sing N N 276 
PG4 C5  H52  sing N N 277 
PG4 C6  O4   sing N N 278 
PG4 C6  H61  sing N N 279 
PG4 C6  H62  sing N N 280 
PG4 O4  C7   sing N N 281 
PG4 C7  C8   sing N N 282 
PG4 C7  H71  sing N N 283 
PG4 C7  H72  sing N N 284 
PG4 C8  O5   sing N N 285 
PG4 C8  H81  sing N N 286 
PG4 C8  H82  sing N N 287 
PG4 O5  HO5  sing N N 288 
PHE N   CA   sing N N 289 
PHE N   H    sing N N 290 
PHE N   H2   sing N N 291 
PHE CA  C    sing N N 292 
PHE CA  CB   sing N N 293 
PHE CA  HA   sing N N 294 
PHE C   O    doub N N 295 
PHE C   OXT  sing N N 296 
PHE CB  CG   sing N N 297 
PHE CB  HB2  sing N N 298 
PHE CB  HB3  sing N N 299 
PHE CG  CD1  doub Y N 300 
PHE CG  CD2  sing Y N 301 
PHE CD1 CE1  sing Y N 302 
PHE CD1 HD1  sing N N 303 
PHE CD2 CE2  doub Y N 304 
PHE CD2 HD2  sing N N 305 
PHE CE1 CZ   doub Y N 306 
PHE CE1 HE1  sing N N 307 
PHE CE2 CZ   sing Y N 308 
PHE CE2 HE2  sing N N 309 
PHE CZ  HZ   sing N N 310 
PHE OXT HXT  sing N N 311 
PRO N   CA   sing N N 312 
PRO N   CD   sing N N 313 
PRO N   H    sing N N 314 
PRO CA  C    sing N N 315 
PRO CA  CB   sing N N 316 
PRO CA  HA   sing N N 317 
PRO C   O    doub N N 318 
PRO C   OXT  sing N N 319 
PRO CB  CG   sing N N 320 
PRO CB  HB2  sing N N 321 
PRO CB  HB3  sing N N 322 
PRO CG  CD   sing N N 323 
PRO CG  HG2  sing N N 324 
PRO CG  HG3  sing N N 325 
PRO CD  HD2  sing N N 326 
PRO CD  HD3  sing N N 327 
PRO OXT HXT  sing N N 328 
SER N   CA   sing N N 329 
SER N   H    sing N N 330 
SER N   H2   sing N N 331 
SER CA  C    sing N N 332 
SER CA  CB   sing N N 333 
SER CA  HA   sing N N 334 
SER C   O    doub N N 335 
SER C   OXT  sing N N 336 
SER CB  OG   sing N N 337 
SER CB  HB2  sing N N 338 
SER CB  HB3  sing N N 339 
SER OG  HG   sing N N 340 
SER OXT HXT  sing N N 341 
THR N   CA   sing N N 342 
THR N   H    sing N N 343 
THR N   H2   sing N N 344 
THR CA  C    sing N N 345 
THR CA  CB   sing N N 346 
THR CA  HA   sing N N 347 
THR C   O    doub N N 348 
THR C   OXT  sing N N 349 
THR CB  OG1  sing N N 350 
THR CB  CG2  sing N N 351 
THR CB  HB   sing N N 352 
THR OG1 HG1  sing N N 353 
THR CG2 HG21 sing N N 354 
THR CG2 HG22 sing N N 355 
THR CG2 HG23 sing N N 356 
THR OXT HXT  sing N N 357 
TRP N   CA   sing N N 358 
TRP N   H    sing N N 359 
TRP N   H2   sing N N 360 
TRP CA  C    sing N N 361 
TRP CA  CB   sing N N 362 
TRP CA  HA   sing N N 363 
TRP C   O    doub N N 364 
TRP C   OXT  sing N N 365 
TRP CB  CG   sing N N 366 
TRP CB  HB2  sing N N 367 
TRP CB  HB3  sing N N 368 
TRP CG  CD1  doub Y N 369 
TRP CG  CD2  sing Y N 370 
TRP CD1 NE1  sing Y N 371 
TRP CD1 HD1  sing N N 372 
TRP CD2 CE2  doub Y N 373 
TRP CD2 CE3  sing Y N 374 
TRP NE1 CE2  sing Y N 375 
TRP NE1 HE1  sing N N 376 
TRP CE2 CZ2  sing Y N 377 
TRP CE3 CZ3  doub Y N 378 
TRP CE3 HE3  sing N N 379 
TRP CZ2 CH2  doub Y N 380 
TRP CZ2 HZ2  sing N N 381 
TRP CZ3 CH2  sing Y N 382 
TRP CZ3 HZ3  sing N N 383 
TRP CH2 HH2  sing N N 384 
TRP OXT HXT  sing N N 385 
TYR N   CA   sing N N 386 
TYR N   H    sing N N 387 
TYR N   H2   sing N N 388 
TYR CA  C    sing N N 389 
TYR CA  CB   sing N N 390 
TYR CA  HA   sing N N 391 
TYR C   O    doub N N 392 
TYR C   OXT  sing N N 393 
TYR CB  CG   sing N N 394 
TYR CB  HB2  sing N N 395 
TYR CB  HB3  sing N N 396 
TYR CG  CD1  doub Y N 397 
TYR CG  CD2  sing Y N 398 
TYR CD1 CE1  sing Y N 399 
TYR CD1 HD1  sing N N 400 
TYR CD2 CE2  doub Y N 401 
TYR CD2 HD2  sing N N 402 
TYR CE1 CZ   doub Y N 403 
TYR CE1 HE1  sing N N 404 
TYR CE2 CZ   sing Y N 405 
TYR CE2 HE2  sing N N 406 
TYR CZ  OH   sing N N 407 
TYR OH  HH   sing N N 408 
TYR OXT HXT  sing N N 409 
VAL N   CA   sing N N 410 
VAL N   H    sing N N 411 
VAL N   H2   sing N N 412 
VAL CA  C    sing N N 413 
VAL CA  CB   sing N N 414 
VAL CA  HA   sing N N 415 
VAL C   O    doub N N 416 
VAL C   OXT  sing N N 417 
VAL CB  CG1  sing N N 418 
VAL CB  CG2  sing N N 419 
VAL CB  HB   sing N N 420 
VAL CG1 HG11 sing N N 421 
VAL CG1 HG12 sing N N 422 
VAL CG1 HG13 sing N N 423 
VAL CG2 HG21 sing N N 424 
VAL CG2 HG22 sing N N 425 
VAL CG2 HG23 sing N N 426 
VAL OXT HXT  sing N N 427 
# 
loop_
_pdbx_audit_support.funding_organization 
_pdbx_audit_support.country 
_pdbx_audit_support.grant_number 
_pdbx_audit_support.ordinal 
'Laboratories of Excellence (LabEx)' France           ANR-11-LABX-0024 1 
'European Research Council (ERC)'    'European Union' 614880           2 
# 
_pdbx_entity_instance_feature.ordinal        1 
_pdbx_entity_instance_feature.comp_id        OYK 
_pdbx_entity_instance_feature.asym_id        ? 
_pdbx_entity_instance_feature.seq_num        ? 
_pdbx_entity_instance_feature.auth_comp_id   OYK 
_pdbx_entity_instance_feature.auth_asym_id   ? 
_pdbx_entity_instance_feature.auth_seq_num   ? 
_pdbx_entity_instance_feature.feature_type   'SUBJECT OF INVESTIGATION' 
_pdbx_entity_instance_feature.details        ? 
# 
_pdbx_initial_refinement_model.id               1 
_pdbx_initial_refinement_model.entity_id_list   ? 
_pdbx_initial_refinement_model.type             'experimental model' 
_pdbx_initial_refinement_model.source_name      PDB 
_pdbx_initial_refinement_model.accession_code   4R3I 
_pdbx_initial_refinement_model.details          ? 
# 
_space_group.name_H-M_alt     'P 1' 
_space_group.name_Hall        'P 1' 
_space_group.IT_number        1 
_space_group.crystal_system   triclinic 
_space_group.id               1 
# 
_atom_sites.entry_id                    7NH2 
_atom_sites.Cartn_transf_matrix[1][1]   ? 
_atom_sites.Cartn_transf_matrix[1][2]   ? 
_atom_sites.Cartn_transf_matrix[1][3]   ? 
_atom_sites.Cartn_transf_matrix[2][1]   ? 
_atom_sites.Cartn_transf_matrix[2][2]   ? 
_atom_sites.Cartn_transf_matrix[2][3]   ? 
_atom_sites.Cartn_transf_matrix[3][1]   ? 
_atom_sites.Cartn_transf_matrix[3][2]   ? 
_atom_sites.Cartn_transf_matrix[3][3]   ? 
_atom_sites.Cartn_transf_vector[1]      ? 
_atom_sites.Cartn_transf_vector[2]      ? 
_atom_sites.Cartn_transf_vector[3]      ? 
_atom_sites.fract_transf_matrix[1][1]   -0.03167853 
_atom_sites.fract_transf_matrix[1][2]   0.00158241 
_atom_sites.fract_transf_matrix[1][3]   0.00563053 
_atom_sites.fract_transf_matrix[2][1]   -0.00754172 
_atom_sites.fract_transf_matrix[2][2]   0.03022320 
_atom_sites.fract_transf_matrix[2][3]   -0.00776444 
_atom_sites.fract_transf_matrix[3][1]   -0.01252140 
_atom_sites.fract_transf_matrix[3][2]   0.00429541 
_atom_sites.fract_transf_matrix[3][3]   -0.02674191 
_atom_sites.fract_transf_vector[1]      0.078578 
_atom_sites.fract_transf_vector[2]      0.692774 
_atom_sites.fract_transf_vector[3]      0.671752 
_atom_sites.solution_primary            ? 
_atom_sites.solution_secondary          ? 
_atom_sites.solution_hydrogens          ? 
_atom_sites.special_details             ? 
# 
loop_
_atom_type.symbol 
_atom_type.scat_dispersion_real 
_atom_type.scat_dispersion_imag 
_atom_type.scat_Cromer_Mann_a1 
_atom_type.scat_Cromer_Mann_a2 
_atom_type.scat_Cromer_Mann_a3 
_atom_type.scat_Cromer_Mann_a4 
_atom_type.scat_Cromer_Mann_b1 
_atom_type.scat_Cromer_Mann_b2 
_atom_type.scat_Cromer_Mann_b3 
_atom_type.scat_Cromer_Mann_b4 
_atom_type.scat_Cromer_Mann_c 
_atom_type.scat_source 
_atom_type.scat_dispersion_source 
C ? ? 3.54356 2.42580 ? ? 25.62398 1.50364  ? ? 0.0 
;2-Gaussian fit: Grosse-Kunstleve RW, Sauter NK, Adams PD: Newsletter of the IUCr Commission on Crystallographic Computing 2004, 3, 22-31.
;
? 
N ? ? 4.01032 2.96436 ? ? 19.97189 1.75589  ? ? 0.0 
;2-Gaussian fit: Grosse-Kunstleve RW, Sauter NK, Adams PD: Newsletter of the IUCr Commission on Crystallographic Computing 2004, 3, 22-31.
;
? 
O ? ? 4.49882 3.47563 ? ? 15.80542 1.70748  ? ? 0.0 
;2-Gaussian fit: Grosse-Kunstleve RW, Sauter NK, Adams PD: Newsletter of the IUCr Commission on Crystallographic Computing 2004, 3, 22-31.
;
? 
S ? ? 9.55732 6.39887 ? ? 1.23737  29.19336 ? ? 0.0 
;2-Gaussian fit: Grosse-Kunstleve RW, Sauter NK, Adams PD: Newsletter of the IUCr Commission on Crystallographic Computing 2004, 3, 22-31.
;
? 
# 
loop_
_atom_site.group_PDB 
_atom_site.id 
_atom_site.type_symbol 
_atom_site.label_atom_id 
_atom_site.label_alt_id 
_atom_site.label_comp_id 
_atom_site.label_asym_id 
_atom_site.label_entity_id 
_atom_site.label_seq_id 
_atom_site.pdbx_PDB_ins_code 
_atom_site.Cartn_x 
_atom_site.Cartn_y 
_atom_site.Cartn_z 
_atom_site.occupancy 
_atom_site.B_iso_or_equiv 
_atom_site.pdbx_formal_charge 
_atom_site.auth_seq_id 
_atom_site.auth_comp_id 
_atom_site.auth_asym_id 
_atom_site.auth_atom_id 
_atom_site.pdbx_PDB_model_num 
ATOM   1    N N   . PRO A 1 10  ? 11.30015  16.34686  6.47711   1.000 33.45000 ? 442 PRO A N   1 
ATOM   2    C CA  . PRO A 1 10  ? 10.64356  17.35549  5.63994   1.000 33.77000 ? 442 PRO A CA  1 
ATOM   3    C C   . PRO A 1 10  ? 9.12662   17.19205  5.63328   1.000 22.79000 ? 442 PRO A C   1 
ATOM   4    O O   . PRO A 1 10  ? 8.64057   16.06128  5.59220   1.000 24.73000 ? 442 PRO A O   1 
ATOM   5    C CB  . PRO A 1 10  ? 11.20630  17.06416  4.24731   1.000 35.24000 ? 442 PRO A CB  1 
ATOM   6    C CG  . PRO A 1 10  ? 11.51462  15.60751  4.27067   1.000 39.29000 ? 442 PRO A CG  1 
ATOM   7    C CD  . PRO A 1 10  ? 11.95987  15.30171  5.67452   1.000 38.28000 ? 442 PRO A CD  1 
ATOM   8    N N   . GLN A 1 11  ? 8.39308   18.30102  5.67953   1.000 18.33000 ? 443 GLN A N   1 
ATOM   9    C CA  . GLN A 1 11  ? 6.94062   18.24070  5.62354   1.000 18.35000 ? 443 GLN A CA  1 
ATOM   10   C C   . GLN A 1 11  ? 6.46220   18.15297  4.17982   1.000 14.73000 ? 443 GLN A C   1 
ATOM   11   O O   . GLN A 1 11  ? 7.08913   18.67831  3.25654   1.000 15.85000 ? 443 GLN A O   1 
ATOM   12   C CB  . GLN A 1 11  ? 6.31358   19.49985  6.22539   1.000 23.97000 ? 443 GLN A CB  1 
ATOM   13   C CG  . GLN A 1 11  ? 6.72761   19.88397  7.63417   1.000 30.18000 ? 443 GLN A CG  1 
ATOM   14   C CD  . GLN A 1 11  ? 5.84481   20.99127  8.20307   1.000 38.07000 ? 443 GLN A CD  1 
ATOM   15   O OE1 . GLN A 1 11  ? 5.53035   21.97128  7.51799   1.000 27.73000 ? 443 GLN A OE1 1 
ATOM   16   N NE2 . GLN A 1 11  ? 5.42783   20.83113  9.45716   1.000 28.68000 ? 443 GLN A NE2 1 
ATOM   17   N N   . SER A 1 12  ? 5.31651   17.50933  3.99473   1.000 11.36000 ? 444 SER A N   1 
ATOM   18   C CA  . SER A 1 12  ? 4.62340   17.55889  2.71710   1.000 10.75000 ? 444 SER A CA  1 
ATOM   19   C C   . SER A 1 12  ? 3.15781   17.22644  2.94490   1.000 9.45000  ? 444 SER A C   1 
ATOM   20   O O   . SER A 1 12  ? 2.74987   16.81563  4.03733   1.000 9.52000  ? 444 SER A O   1 
ATOM   21   C CB  . SER A 1 12  ? 5.27781   16.68051  1.63916   1.000 16.21000 ? 444 SER A CB  1 
ATOM   22   O OG  . SER A 1 12  ? 5.18649   15.30840  1.95695   1.000 17.50000 ? 444 SER A OG  1 
ATOM   23   N N   . THR A 1 13  ? 2.36258   17.42441  1.89849   1.000 7.96000  ? 445 THR A N   1 
ATOM   24   C CA  . THR A 1 13  ? 0.93106   17.20561  2.01700   1.000 6.91000  ? 445 THR A CA  1 
ATOM   25   C C   . THR A 1 13  ? 0.54464   15.75828  1.75011   1.000 6.96000  ? 445 THR A C   1 
ATOM   26   O O   . THR A 1 13  ? -0.21698  15.17157  2.52130   1.000 7.40000  ? 445 THR A O   1 
ATOM   27   C CB  . THR A 1 13  ? 0.17880   18.14749  1.07889   1.000 7.61000  ? 445 THR A CB  1 
ATOM   28   O OG1 . THR A 1 13  ? 0.48569   19.49371  1.44601   1.000 8.24000  ? 445 THR A OG1 1 
ATOM   29   C CG2 . THR A 1 13  ? -1.32306  17.95726  1.19923   1.000 9.36000  ? 445 THR A CG2 1 
ATOM   30   N N   . LYS A 1 14  ? 1.03863   15.17011  0.66000   1.000 7.15000  ? 446 LYS A N   1 
ATOM   31   C CA  . LYS A 1 14  ? 0.70974   13.78465  0.32813   1.000 7.19000  ? 446 LYS A CA  1 
ATOM   32   C C   . LYS A 1 14  ? 1.94897   13.03659  -0.14465  1.000 6.78000  ? 446 LYS A C   1 
ATOM   33   O O   . LYS A 1 14  ? 2.69415   13.53167  -0.99761  1.000 7.82000  ? 446 LYS A O   1 
ATOM   34   C CB  . LYS A 1 14  ? -0.36813  13.69860  -0.75988  1.000 7.69000  ? 446 LYS A CB  1 
ATOM   35   C CG  . LYS A 1 14  ? -1.73816  14.20453  -0.34174  1.000 7.39000  ? 446 LYS A CG  1 
ATOM   36   C CD  . LYS A 1 14  ? -2.76733  13.93780  -1.42467  1.000 9.12000  ? 446 LYS A CD  1 
ATOM   37   C CE  . LYS A 1 14  ? -4.12590  14.43527  -0.96862  1.000 11.49000 ? 446 LYS A CE  1 
ATOM   38   N NZ  . LYS A 1 14  ? -5.21146  14.12689  -1.93587  1.000 14.00000 ? 446 LYS A NZ  1 
ATOM   39   N N   . ARG A 1 15  ? 2.14274   11.82912  0.38187   1.000 6.22000  ? 447 ARG A N   1 
ATOM   40   C CA  . ARG A 1 15  ? 3.19938   10.93176  -0.07291  1.000 6.02000  ? 447 ARG A CA  1 
ATOM   41   C C   . ARG A 1 15  ? 2.58689   9.56683   -0.35908  1.000 5.49000  ? 447 ARG A C   1 
ATOM   42   O O   . ARG A 1 15  ? 1.56010   9.20059   0.21350   1.000 5.57000  ? 447 ARG A O   1 
ATOM   43   C CB  . ARG A 1 15  ? 4.33812   10.83281  0.94237   1.000 6.58000  ? 447 ARG A CB  1 
ATOM   44   C CG  . ARG A 1 15  ? 5.17214   12.10469  0.98489   1.000 6.48000  ? 447 ARG A CG  1 
ATOM   45   C CD  . ARG A 1 15  ? 6.18318   12.08061  2.10993   1.000 7.94000  ? 447 ARG A CD  1 
ATOM   46   N NE  . ARG A 1 15  ? 7.23788   11.09226  1.93714   1.000 8.83000  ? 447 ARG A NE  1 
ATOM   47   C CZ  . ARG A 1 15  ? 8.17179   10.85498  2.84981   1.000 9.29000  ? 447 ARG A CZ  1 
ATOM   48   N NH1 . ARG A 1 15  ? 8.16664   11.53391  3.99452   1.000 10.33000 ? 447 ARG A NH1 1 
ATOM   49   N NH2 . ARG A 1 15  ? 9.09503   9.93169   2.62963   1.000 9.26000  ? 447 ARG A NH2 1 
ATOM   50   N N   . PHE A 1 16  ? 3.23030   8.81236   -1.25129  1.000 5.60000  ? 448 PHE A N   1 
ATOM   51   C CA  . PHE A 1 16  ? 2.62760   7.63416   -1.86687  1.000 5.06000  ? 448 PHE A CA  1 
ATOM   52   C C   . PHE A 1 16  ? 3.63146   6.49499   -1.88276  1.000 5.07000  ? 448 PHE A C   1 
ATOM   53   O O   . PHE A 1 16  ? 4.72325   6.65301   -2.43442  1.000 5.42000  ? 448 PHE A O   1 
ATOM   54   C CB  . PHE A 1 16  ? 2.21868   7.94948   -3.31745  1.000 5.16000  ? 448 PHE A CB  1 
ATOM   55   C CG  . PHE A 1 16  ? 1.28638   9.11602   -3.45676  1.000 5.04000  ? 448 PHE A CG  1 
ATOM   56   C CD1 . PHE A 1 16  ? 1.78295   10.40968  -3.50602  1.000 6.12000  ? 448 PHE A CD1 1 
ATOM   57   C CD2 . PHE A 1 16  ? -0.08380  8.91629   -3.57813  1.000 4.82000  ? 448 PHE A CD2 1 
ATOM   58   C CE1 . PHE A 1 16  ? 0.92200   11.49970  -3.65198  1.000 5.92000  ? 448 PHE A CE1 1 
ATOM   59   C CE2 . PHE A 1 16  ? -0.95661  9.99660   -3.71898  1.000 5.36000  ? 448 PHE A CE2 1 
ATOM   60   C CZ  . PHE A 1 16  ? -0.44867  11.28800  -3.75831  1.000 5.64000  ? 448 PHE A CZ  1 
ATOM   61   N N   . PHE A 1 17  ? 3.24815   5.34010   -1.33535  1.000 4.79000  ? 449 PHE A N   1 
ATOM   62   C CA  . PHE A 1 17  ? 4.14297   4.19020   -1.23048  1.000 4.75000  ? 449 PHE A CA  1 
ATOM   63   C C   . PHE A 1 17  ? 3.47758   2.95527   -1.81579  1.000 5.35000  ? 449 PHE A C   1 
ATOM   64   O O   . PHE A 1 17  ? 2.29912   2.70644   -1.55726  1.000 5.61000  ? 449 PHE A O   1 
ATOM   65   C CB  . PHE A 1 17  ? 4.50949   3.90875   0.23422   1.000 5.14000  ? 449 PHE A CB  1 
ATOM   66   C CG  . PHE A 1 17  ? 5.25511   5.03454   0.88716   1.000 5.84000  ? 449 PHE A CG  1 
ATOM   67   C CD1 . PHE A 1 17  ? 4.57220   6.10686   1.44835   1.000 5.80000  ? 449 PHE A CD1 1 
ATOM   68   C CD2 . PHE A 1 17  ? 6.64055   5.01983   0.93348   1.000 5.99000  ? 449 PHE A CD2 1 
ATOM   69   C CE1 . PHE A 1 17  ? 5.26211   7.15569   2.04472   1.000 7.75000  ? 449 PHE A CE1 1 
ATOM   70   C CE2 . PHE A 1 17  ? 7.33217   6.05540   1.54701   1.000 7.59000  ? 449 PHE A CE2 1 
ATOM   71   C CZ  . PHE A 1 17  ? 6.64465   7.12814   2.08810   1.000 7.89000  ? 449 PHE A CZ  1 
ATOM   72   N N   A ILE A 1 18  ? 4.22639   2.16609   -2.57881  0.470 4.95000  ? 450 ILE A N   1 
ATOM   73   N N   B ILE A 1 18  ? 4.24009   2.20086   -2.61424  0.530 5.02000  ? 450 ILE A N   1 
ATOM   74   C CA  A ILE A 1 18  ? 3.71101   0.90535   -3.09791  0.470 5.03000  ? 450 ILE A CA  1 
ATOM   75   C CA  B ILE A 1 18  ? 3.80662   0.88680   -3.06978  0.530 5.07000  ? 450 ILE A CA  1 
ATOM   76   C C   A ILE A 1 18  ? 3.94118   -0.18532  -2.06421  0.470 4.91000  ? 450 ILE A C   1 
ATOM   77   C C   B ILE A 1 18  ? 3.91317   -0.09150  -1.91329  0.530 4.84000  ? 450 ILE A C   1 
ATOM   78   O O   A ILE A 1 18  ? 5.06720   -0.39047  -1.60120  0.470 4.61000  ? 450 ILE A O   1 
ATOM   79   O O   B ILE A 1 18  ? 4.93243   -0.13916  -1.21432  0.530 4.66000  ? 450 ILE A O   1 
ATOM   80   C CB  A ILE A 1 18  ? 4.36307   0.54609   -4.43950  0.470 5.64000  ? 450 ILE A CB  1 
ATOM   81   C CB  B ILE A 1 18  ? 4.67824   0.40848   -4.23984  0.530 6.03000  ? 450 ILE A CB  1 
ATOM   82   C CG1 A ILE A 1 18  ? 4.08318   1.64234   -5.45684  0.470 7.05000  ? 450 ILE A CG1 1 
ATOM   83   C CG1 B ILE A 1 18  ? 4.67393   1.42969   -5.37930  0.530 7.19000  ? 450 ILE A CG1 1 
ATOM   84   C CG2 A ILE A 1 18  ? 3.81620   -0.78020  -4.95996  0.470 5.39000  ? 450 ILE A CG2 1 
ATOM   85   C CG2 B ILE A 1 18  ? 4.21387   -0.97515  -4.71888  0.530 5.84000  ? 450 ILE A CG2 1 
ATOM   86   C CD1 A ILE A 1 18  ? 4.67431   1.35703   -6.79149  0.470 7.41000  ? 450 ILE A CD1 1 
ATOM   87   C CD1 B ILE A 1 18  ? 3.30026   1.76428   -5.89078  0.530 7.82000  ? 450 ILE A CD1 1 
ATOM   88   N N   . ILE A 1 19  ? 2.86549   -0.88561  -1.71431  1.000 5.21000  ? 451 ILE A N   1 
ATOM   89   C CA  . ILE A 1 19  ? 2.87504   -1.98343  -0.75922  1.000 4.87000  ? 451 ILE A CA  1 
ATOM   90   C C   . ILE A 1 19  ? 2.68577   -3.27415  -1.53067  1.000 6.10000  ? 451 ILE A C   1 
ATOM   91   O O   . ILE A 1 19  ? 1.75572   -3.39197  -2.33928  1.000 6.92000  ? 451 ILE A O   1 
ATOM   92   C CB  . ILE A 1 19  ? 1.73810   -1.80949  0.25855   1.000 5.90000  ? 451 ILE A CB  1 
ATOM   93   C CG1 . ILE A 1 19  ? 2.01685   -0.58267  1.14187   1.000 6.98000  ? 451 ILE A CG1 1 
ATOM   94   C CG2 . ILE A 1 19  ? 1.53617   -3.09251  1.05975   1.000 6.63000  ? 451 ILE A CG2 1 
ATOM   95   C CD1 . ILE A 1 19  ? 3.25204   -0.70379  2.01805   1.000 6.89000  ? 451 ILE A CD1 1 
ATOM   96   N N   . LYS A 1 20  ? 3.58615   -4.22273  -1.31797  1.000 6.24000  ? 452 LYS A N   1 
ATOM   97   C CA  . LYS A 1 20  ? 3.44199   -5.52958  -1.92903  1.000 6.79000  ? 452 LYS A CA  1 
ATOM   98   C C   . LYS A 1 20  ? 2.87533   -6.50378  -0.90744  1.000 7.78000  ? 452 LYS A C   1 
ATOM   99   O O   . LYS A 1 20  ? 3.22364   -6.46644  0.27667   1.000 9.52000  ? 452 LYS A O   1 
ATOM   100  C CB  . LYS A 1 20  ? 4.78266   -6.05443  -2.44580  1.000 7.01000  ? 452 LYS A CB  1 
ATOM   101  C CG  . LYS A 1 20  ? 5.41355   -5.20481  -3.54649  1.000 6.86000  ? 452 LYS A CG  1 
ATOM   102  C CD  . LYS A 1 20  ? 4.51723   -5.04008  -4.77741  1.000 8.01000  ? 452 LYS A CD  1 
ATOM   103  C CE  . LYS A 1 20  ? 4.40636   -6.33945  -5.57357  1.000 9.37000  ? 452 LYS A CE  1 
ATOM   104  N NZ  . LYS A 1 20  ? 3.82262   -6.12666  -6.93755  1.000 9.88000  ? 452 LYS A NZ  1 
ATOM   105  N N   . SER A 1 21  ? 2.01886   -7.39533  -1.37713  1.000 9.11000  ? 453 SER A N   1 
ATOM   106  C CA  . SER A 1 21  ? 1.43550   -8.43204  -0.54523  1.000 9.27000  ? 453 SER A CA  1 
ATOM   107  C C   . SER A 1 21  ? 1.80123   -9.78075  -1.14400  1.000 10.49000 ? 453 SER A C   1 
ATOM   108  O O   . SER A 1 21  ? 1.61731   -9.99155  -2.34592  1.000 13.09000 ? 453 SER A O   1 
ATOM   109  C CB  . SER A 1 21  ? -0.06907  -8.26935  -0.54435  1.000 10.01000 ? 453 SER A CB  1 
ATOM   110  O OG  . SER A 1 21  ? -0.66504  -9.31150  0.20332   1.000 14.11000 ? 453 SER A OG  1 
ATOM   111  N N   . ASN A 1 22  ? 2.33204   -10.68172 -0.31879  1.000 12.45000 ? 454 ASN A N   1 
ATOM   112  C CA  . ASN A 1 22  ? 2.76799   -11.97754 -0.82590  1.000 13.17000 ? 454 ASN A CA  1 
ATOM   113  C C   . ASN A 1 22  ? 1.65858   -13.01600 -0.85373  1.000 11.46000 ? 454 ASN A C   1 
ATOM   114  O O   . ASN A 1 22  ? 1.78677   -14.01610 -1.56536  1.000 12.39000 ? 454 ASN A O   1 
ATOM   115  C CB  . ASN A 1 22  ? 3.88952   -12.55072 0.03982   1.000 21.38000 ? 454 ASN A CB  1 
ATOM   116  C CG  . ASN A 1 22  ? 5.03048   -11.58784 0.25386   1.000 31.81000 ? 454 ASN A CG  1 
ATOM   117  O OD1 . ASN A 1 22  ? 5.80411   -11.30527 -0.65884  1.000 39.20000 ? 454 ASN A OD1 1 
ATOM   118  N ND2 . ASN A 1 22  ? 5.15258   -11.08818 1.47868   1.000 40.63000 ? 454 ASN A ND2 1 
ATOM   119  N N   . ARG A 1 23  ? 0.59957   -12.83462 -0.07433  1.000 9.31000  ? 455 ARG A N   1 
ATOM   120  C CA  . ARG A 1 23  ? -0.52754  -13.75796 -0.07985  1.000 10.92000 ? 455 ARG A CA  1 
ATOM   121  C C   . ARG A 1 23  ? -1.80743  -12.94126 -0.12711  1.000 8.48000  ? 455 ARG A C   1 
ATOM   122  O O   . ARG A 1 23  ? -1.91165  -11.90578 0.53769   1.000 7.59000  ? 455 ARG A O   1 
ATOM   123  C CB  . ARG A 1 23  ? -0.52006  -14.72594 1.14700   1.000 15.74000 ? 455 ARG A CB  1 
ATOM   124  C CG  . ARG A 1 23  ? -0.03457  -14.11711 2.44014   1.000 22.83000 ? 455 ARG A CG  1 
ATOM   125  C CD  . ARG A 1 23  ? 0.22827   -15.12259 3.59496   1.000 20.79000 ? 455 ARG A CD  1 
ATOM   126  N NE  . ARG A 1 23  ? -0.61328  -16.31539 3.57425   1.000 24.99000 ? 455 ARG A NE  1 
ATOM   127  C CZ  . ARG A 1 23  ? -0.42486  -17.40126 4.32812   1.000 15.08000 ? 455 ARG A CZ  1 
ATOM   128  N NH1 . ARG A 1 23  ? 0.58092   -17.48120 5.19224   1.000 19.87000 ? 455 ARG A NH1 1 
ATOM   129  N NH2 . ARG A 1 23  ? -1.26517  -18.40928 4.22268   1.000 16.71000 ? 455 ARG A NH2 1 
ATOM   130  N N   . MET A 1 24  ? -2.77226  -13.38685 -0.92968  1.000 7.23000  ? 456 MET A N   1 
ATOM   131  C CA  . MET A 1 24  ? -4.01443  -12.62784 -1.05073  1.000 7.72000  ? 456 MET A CA  1 
ATOM   132  C C   . MET A 1 24  ? -4.74450  -12.50811 0.28110   1.000 7.31000  ? 456 MET A C   1 
ATOM   133  O O   . MET A 1 24  ? -5.45377  -11.51427 0.50505   1.000 6.40000  ? 456 MET A O   1 
ATOM   134  C CB  . MET A 1 24  ? -4.93520  -13.25531 -2.09618  1.000 8.25000  ? 456 MET A CB  1 
ATOM   135  C CG  . MET A 1 24  ? -4.49996  -13.03369 -3.54533  1.000 9.30000  ? 456 MET A CG  1 
ATOM   136  S SD  . MET A 1 24  ? -4.23503  -11.29813 -3.98980  1.000 10.87000 ? 456 MET A SD  1 
ATOM   137  C CE  . MET A 1 24  ? -5.81161  -10.56282 -3.55972  1.000 11.29000 ? 456 MET A CE  1 
ATOM   138  N N   . SER A 1 25  ? -4.60404  -13.49508 1.17485   1.000 6.12000  ? 457 SER A N   1 
ATOM   139  C CA  . SER A 1 25  ? -5.27726  -13.38942 2.46665   1.000 6.66000  ? 457 SER A CA  1 
ATOM   140  C C   . SER A 1 25  ? -4.82232  -12.15817 3.24920   1.000 7.15000  ? 457 SER A C   1 
ATOM   141  O O   . SER A 1 25  ? -5.58638  -11.65236 4.07539   1.000 6.33000  ? 457 SER A O   1 
ATOM   142  C CB  . SER A 1 25  ? -5.09148  -14.67542 3.27775   1.000 6.00000  ? 457 SER A CB  1 
ATOM   143  O OG  . SER A 1 25  ? -3.73866  -14.82914 3.60935   1.000 7.44000  ? 457 SER A OG  1 
ATOM   144  N N   . ASN A 1 26  ? -3.59818  -11.66724 3.01040   1.000 6.80000  ? 458 ASN A N   1 
ATOM   145  C CA  . ASN A 1 26  ? -3.16386  -10.42317 3.65181   1.000 7.65000  ? 458 ASN A CA  1 
ATOM   146  C C   . ASN A 1 26  ? -4.09509  -9.28497  3.26420   1.000 6.26000  ? 458 ASN A C   1 
ATOM   147  O O   . ASN A 1 26  ? -4.51919  -8.48225  4.10610   1.000 5.94000  ? 458 ASN A O   1 
ATOM   148  C CB  . ASN A 1 26  ? -1.74841  -10.04916 3.19083   1.000 8.61000  ? 458 ASN A CB  1 
ATOM   149  C CG  . ASN A 1 26  ? -0.69732  -11.03768 3.61777   1.000 12.99000 ? 458 ASN A CG  1 
ATOM   150  O OD1 . ASN A 1 26  ? -0.89961  -11.82737 4.53744   1.000 14.13000 ? 458 ASN A OD1 1 
ATOM   151  N ND2 . ASN A 1 26  ? 0.45596   -10.97249 2.96327   1.000 10.58000 ? 458 ASN A ND2 1 
ATOM   152  N N   . ILE A 1 27  ? -4.40831  -9.19646  1.97675   1.000 6.07000  ? 459 ILE A N   1 
ATOM   153  C CA  . ILE A 1 27  ? -5.28827  -8.13981  1.49401   1.000 6.49000  ? 459 ILE A CA  1 
ATOM   154  C C   . ILE A 1 27  ? -6.69615  -8.31359  2.04720   1.000 5.97000  ? 459 ILE A C   1 
ATOM   155  O O   . ILE A 1 27  ? -7.32968  -7.34239  2.48087   1.000 5.66000  ? 459 ILE A O   1 
ATOM   156  C CB  . ILE A 1 27  ? -5.24048  -8.11382  -0.04170  1.000 7.48000  ? 459 ILE A CB  1 
ATOM   157  C CG1 . ILE A 1 27  ? -3.93233  -7.47418  -0.50461  1.000 8.74000  ? 459 ILE A CG1 1 
ATOM   158  C CG2 . ILE A 1 27  ? -6.41560  -7.34419  -0.59748  1.000 7.89000  ? 459 ILE A CG2 1 
ATOM   159  C CD1 . ILE A 1 27  ? -3.71834  -7.53884  -2.00438  1.000 12.65000 ? 459 ILE A CD1 1 
ATOM   160  N N   . TYR A 1 28  ? -7.19691  -9.55456  2.08569   1.000 6.71000  ? 460 TYR A N   1 
ATOM   161  C CA  . TYR A 1 28  ? -8.54896  -9.76746  2.59642   1.000 6.29000  ? 460 TYR A CA  1 
ATOM   162  C C   . TYR A 1 28  ? -8.64455  -9.38557  4.07162   1.000 6.32000  ? 460 TYR A C   1 
ATOM   163  O O   . TYR A 1 28  ? -9.60351  -8.71684  4.49080   1.000 6.86000  ? 460 TYR A O   1 
ATOM   164  C CB  . TYR A 1 28  ? -8.99224  -11.21475 2.36284   1.000 7.04000  ? 460 TYR A CB  1 
ATOM   165  C CG  . TYR A 1 28  ? -8.82975  -11.69683 0.93061   1.000 7.74000  ? 460 TYR A CG  1 
ATOM   166  C CD1 . TYR A 1 28  ? -8.94952  -10.83030 -0.14839  1.000 8.82000  ? 460 TYR A CD1 1 
ATOM   167  C CD2 . TYR A 1 28  ? -8.56537  -13.03062 0.66287   1.000 8.89000  ? 460 TYR A CD2 1 
ATOM   168  C CE1 . TYR A 1 28  ? -8.80465  -11.27725 -1.45627  1.000 9.67000  ? 460 TYR A CE1 1 
ATOM   169  C CE2 . TYR A 1 28  ? -8.41067  -13.48875 -0.63132  1.000 9.39000  ? 460 TYR A CE2 1 
ATOM   170  C CZ  . TYR A 1 28  ? -8.53162  -12.60879 -1.68418  1.000 9.42000  ? 460 TYR A CZ  1 
ATOM   171  O OH  . TYR A 1 28  ? -8.37945  -13.07261 -2.97587  1.000 11.74000 ? 460 TYR A OH  1 
ATOM   172  N N   . THR A 1 29  ? -7.65144  -9.78640  4.87228   1.000 6.18000  ? 461 THR A N   1 
ATOM   173  C CA  . THR A 1 29  ? -7.60906  -9.38331  6.27736   1.000 5.94000  ? 461 THR A CA  1 
ATOM   174  C C   . THR A 1 29  ? -7.49730  -7.86830  6.40924   1.000 6.11000  ? 461 THR A C   1 
ATOM   175  O O   . THR A 1 29  ? -8.15844  -7.25302  7.26173   1.000 6.75000  ? 461 THR A O   1 
ATOM   176  C CB  . THR A 1 29  ? -6.43184  -10.07305 6.96326   1.000 7.06000  ? 461 THR A CB  1 
ATOM   177  O OG1 . THR A 1 29  ? -6.69848  -11.48044 7.02607   1.000 8.82000  ? 461 THR A OG1 1 
ATOM   178  C CG2 . THR A 1 29  ? -6.22300  -9.55276  8.37618   1.000 8.65000  ? 461 THR A CG2 1 
ATOM   179  N N   . SER A 1 30  ? -6.66125  -7.25012  5.57701   1.000 5.16000  ? 462 SER A N   1 
ATOM   180  C CA  . SER A 1 30  ? -6.46126  -5.81108  5.67100   1.000 5.54000  ? 462 SER A CA  1 
ATOM   181  C C   . SER A 1 30  ? -7.76405  -5.06672  5.39745   1.000 5.91000  ? 462 SER A C   1 
ATOM   182  O O   . SER A 1 30  ? -8.09713  -4.10249  6.09659   1.000 5.36000  ? 462 SER A O   1 
ATOM   183  C CB  . SER A 1 30  ? -5.37445  -5.39047  4.67847   1.000 5.19000  ? 462 SER A CB  1 
ATOM   184  O OG  . SER A 1 30  ? -5.21155  -3.98190  4.69009   1.000 4.62000  ? 462 SER A OG  1 
ATOM   185  N N   A ILE A 1 31  ? -8.54161  -5.50957  4.40721   0.260 5.90000  ? 463 ILE A N   1 
ATOM   186  N N   B ILE A 1 31  ? -8.50621  -5.51210  4.38688   0.740 5.47000  ? 463 ILE A N   1 
ATOM   187  C CA  A ILE A 1 31  ? -9.77677  -4.77752  4.12569   0.260 5.91000  ? 463 ILE A CA  1 
ATOM   188  C CA  B ILE A 1 31  ? -9.77518  -4.88138  4.04354   0.740 5.11000  ? 463 ILE A CA  1 
ATOM   189  C C   A ILE A 1 31  ? -10.90070 -5.13456  5.08890   0.260 6.34000  ? 463 ILE A C   1 
ATOM   190  C C   B ILE A 1 31  ? -10.80772 -5.10841  5.14441   0.740 5.77000  ? 463 ILE A C   1 
ATOM   191  O O   A ILE A 1 31  ? -11.81412 -4.32843  5.29571   0.260 6.15000  ? 463 ILE A O   1 
ATOM   192  O O   B ILE A 1 31  ? -11.55195 -4.19400  5.51814   0.740 5.96000  ? 463 ILE A O   1 
ATOM   193  C CB  A ILE A 1 31  ? -10.22877 -4.85434  2.65796   0.260 6.25000  ? 463 ILE A CB  1 
ATOM   194  C CB  B ILE A 1 31  ? -10.25306 -5.40967  2.68056   0.740 5.44000  ? 463 ILE A CB  1 
ATOM   195  C CG1 A ILE A 1 31  ? -10.53385 -6.27396  2.22577   0.260 6.59000  ? 463 ILE A CG1 1 
ATOM   196  C CG1 B ILE A 1 31  ? -9.38615  -4.84045  1.54930   0.740 5.10000  ? 463 ILE A CG1 1 
ATOM   197  C CG2 A ILE A 1 31  ? -9.16467  -4.35606  1.75660   0.260 5.76000  ? 463 ILE A CG2 1 
ATOM   198  C CG2 B ILE A 1 31  ? -11.71474 -5.08780  2.47715   0.740 6.76000  ? 463 ILE A CG2 1 
ATOM   199  C CD1 A ILE A 1 31  ? -10.39731 -6.38440  0.73148   0.260 6.64000  ? 463 ILE A CD1 1 
ATOM   200  C CD1 B ILE A 1 31  ? -9.60000  -5.52881  0.21774   0.740 5.59000  ? 463 ILE A CD1 1 
ATOM   201  N N   . GLN A 1 32  ? -10.87962 -6.33084  5.67688   1.000 6.67000  ? 464 GLN A N   1 
ATOM   202  C CA  . GLN A 1 32  ? -11.91998 -6.65673  6.64390   1.000 7.98000  ? 464 GLN A CA  1 
ATOM   203  C C   . GLN A 1 32  ? -11.70861 -5.93266  7.96339   1.000 8.88000  ? 464 GLN A C   1 
ATOM   204  O O   . GLN A 1 32  ? -12.68091 -5.59343  8.64609   1.000 11.09000 ? 464 GLN A O   1 
ATOM   205  C CB  . GLN A 1 32  ? -11.98687 -8.16818  6.86315   1.000 11.70000 ? 464 GLN A CB  1 
ATOM   206  C CG  . GLN A 1 32  ? -12.67510 -8.92145  5.73213   1.000 16.83000 ? 464 GLN A CG  1 
ATOM   207  C CD  . GLN A 1 32  ? -12.53148 -10.42866 5.85572   1.000 24.24000 ? 464 GLN A CD  1 
ATOM   208  O OE1 . GLN A 1 32  ? -11.47727 -10.99355 5.56260   1.000 30.02000 ? 464 GLN A OE1 1 
ATOM   209  N NE2 . GLN A 1 32  ? -13.59622 -11.08716 6.30205   1.000 27.89000 ? 464 GLN A NE2 1 
ATOM   210  N N   . HIS A 1 33  ? -10.45684 -5.66468  8.33194   1.000 7.06000  ? 465 HIS A N   1 
ATOM   211  C CA  . HIS A 1 33  ? -10.15299 -5.11639  9.64237   1.000 6.52000  ? 465 HIS A CA  1 
ATOM   212  C C   . HIS A 1 33  ? -9.45513  -3.76305  9.62449   1.000 7.69000  ? 465 HIS A C   1 
ATOM   213  O O   . HIS A 1 33  ? -9.12537  -3.24811  10.69874  1.000 9.23000  ? 465 HIS A O   1 
ATOM   214  C CB  . HIS A 1 33  ? -9.34697  -6.12777  10.46493  1.000 7.77000  ? 465 HIS A CB  1 
ATOM   215  C CG  . HIS A 1 33  ? -10.06604 -7.42268  10.67285  1.000 9.12000  ? 465 HIS A CG  1 
ATOM   216  N ND1 . HIS A 1 33  ? -11.06946 -7.56547  11.60735  1.000 14.02000 ? 465 HIS A ND1 1 
ATOM   217  C CD2 . HIS A 1 33  ? -9.93898  -8.62500  10.06317  1.000 11.34000 ? 465 HIS A CD2 1 
ATOM   218  C CE1 . HIS A 1 33  ? -11.52999 -8.80343  11.56389  1.000 15.54000 ? 465 HIS A CE1 1 
ATOM   219  N NE2 . HIS A 1 33  ? -10.86504 -9.46629  10.63391  1.000 14.22000 ? 465 HIS A NE2 1 
ATOM   220  N N   . GLY A 1 34  ? -9.21241  -3.17608  8.45249   1.000 7.20000  ? 466 GLY A N   1 
ATOM   221  C CA  . GLY A 1 34  ? -8.57169  -1.87197  8.37088   1.000 6.62000  ? 466 GLY A CA  1 
ATOM   222  C C   . GLY A 1 34  ? -7.19046  -1.83246  8.99248   1.000 5.25000  ? 466 GLY A C   1 
ATOM   223  O O   . GLY A 1 34  ? -6.90528  -0.97508  9.83799   1.000 6.17000  ? 466 GLY A O   1 
ATOM   224  N N   . VAL A 1 35  ? -6.31271  -2.74535  8.58214   1.000 5.13000  ? 467 VAL A N   1 
ATOM   225  C CA  . VAL A 1 35  ? -5.05101  -2.93925  9.27578   1.000 6.36000  ? 467 VAL A CA  1 
ATOM   226  C C   . VAL A 1 35  ? -3.98875  -3.35548  8.26967   1.000 6.12000  ? 467 VAL A C   1 
ATOM   227  O O   . VAL A 1 35  ? -4.28048  -4.00975  7.26570   1.000 4.98000  ? 467 VAL A O   1 
ATOM   228  C CB  . VAL A 1 35  ? -5.22606  -3.99725  10.39288  1.000 7.14000  ? 467 VAL A CB  1 
ATOM   229  C CG1 . VAL A 1 35  ? -5.61700  -5.35220  9.81266   1.000 6.00000  ? 467 VAL A CG1 1 
ATOM   230  C CG2 . VAL A 1 35  ? -3.95559  -4.07679  11.24694  1.000 6.00000  ? 467 VAL A CG2 1 
ATOM   231  N N   . TRP A 1 36  ? -2.74236  -2.97306  8.55200   1.000 5.06000  ? 468 TRP A N   1 
ATOM   232  C CA  . TRP A 1 36  ? -1.60065  -3.44454  7.77878   1.000 5.91000  ? 468 TRP A CA  1 
ATOM   233  C C   . TRP A 1 36  ? -0.39925  -3.57465  8.70504   1.000 5.88000  ? 468 TRP A C   1 
ATOM   234  O O   . TRP A 1 36  ? -0.39870  -3.06607  9.83087   1.000 6.33000  ? 468 TRP A O   1 
ATOM   235  C CB  . TRP A 1 36  ? -1.28808  -2.51635  6.58201   1.000 5.32000  ? 468 TRP A CB  1 
ATOM   236  C CG  . TRP A 1 36  ? -0.35312  -3.16668  5.58341   1.000 4.80000  ? 468 TRP A CG  1 
ATOM   237  C CD1 . TRP A 1 36  ? 0.91659   -2.78286  5.27594   1.000 4.65000  ? 468 TRP A CD1 1 
ATOM   238  C CD2 . TRP A 1 36  ? -0.62194  -4.33724  4.80602   1.000 4.88000  ? 468 TRP A CD2 1 
ATOM   239  N NE1 . TRP A 1 36  ? 1.45990   -3.64440  4.33976   1.000 5.10000  ? 468 TRP A NE1 1 
ATOM   240  C CE2 . TRP A 1 36  ? 0.52927   -4.60147  4.03263   1.000 4.61000  ? 468 TRP A CE2 1 
ATOM   241  C CE3 . TRP A 1 36  ? -1.73719  -5.17281  4.67069   1.000 6.05000  ? 468 TRP A CE3 1 
ATOM   242  C CZ2 . TRP A 1 36  ? 0.60203   -5.67703  3.15184   1.000 6.61000  ? 468 TRP A CZ2 1 
ATOM   243  C CZ3 . TRP A 1 36  ? -1.66218  -6.24571  3.79821   1.000 6.35000  ? 468 TRP A CZ3 1 
ATOM   244  C CH2 . TRP A 1 36  ? -0.50205  -6.48171  3.05083   1.000 6.82000  ? 468 TRP A CH2 1 
ATOM   245  N N   . ALA A 1 37  ? 0.61807   -4.28946  8.23216   1.000 5.76000  ? 469 ALA A N   1 
ATOM   246  C CA  . ALA A 1 37  ? 1.94182   -4.26592  8.84129   1.000 6.42000  ? 469 ALA A CA  1 
ATOM   247  C C   . ALA A 1 37  ? 2.95536   -4.49808  7.73470   1.000 6.49000  ? 469 ALA A C   1 
ATOM   248  O O   . ALA A 1 37  ? 2.63370   -5.07534  6.69686   1.000 6.57000  ? 469 ALA A O   1 
ATOM   249  C CB  . ALA A 1 37  ? 2.10408   -5.31599  9.95013   1.000 6.86000  ? 469 ALA A CB  1 
ATOM   250  N N   . THR A 1 38  ? 4.18273   -4.02524  7.95230   1.000 6.24000  ? 470 THR A N   1 
ATOM   251  C CA  . THR A 1 38  ? 5.23685   -4.15964  6.95623   1.000 6.90000  ? 470 THR A CA  1 
ATOM   252  C C   . THR A 1 38  ? 6.53317   -4.54148  7.66818   1.000 8.02000  ? 470 THR A C   1 
ATOM   253  O O   . THR A 1 38  ? 6.56418   -4.70655  8.89360   1.000 8.32000  ? 470 THR A O   1 
ATOM   254  C CB  . THR A 1 38  ? 5.32286   -2.88684  6.09497   1.000 6.65000  ? 470 THR A CB  1 
ATOM   255  O OG1 . THR A 1 38  ? 6.26045   -3.08356  5.03409   1.000 6.65000  ? 470 THR A OG1 1 
ATOM   256  C CG2 . THR A 1 38  ? 5.72222   -1.67147  6.93112   1.000 6.81000  ? 470 THR A CG2 1 
ATOM   257  N N   . SER A 1 39  ? 7.60298   -4.71548  6.89049   1.000 8.44000  ? 471 SER A N   1 
ATOM   258  C CA  . SER A 1 39  ? 8.90686   -5.03797  7.45445   1.000 9.12000  ? 471 SER A CA  1 
ATOM   259  C C   . SER A 1 39  ? 9.33693   -3.95518  8.43793   1.000 10.31000 ? 471 SER A C   1 
ATOM   260  O O   . SER A 1 39  ? 8.84253   -2.82655  8.41777   1.000 9.33000  ? 471 SER A O   1 
ATOM   261  C CB  . SER A 1 39  ? 9.95290   -5.12451  6.34599   1.000 10.41000 ? 471 SER A CB  1 
ATOM   262  O OG  . SER A 1 39  ? 10.22398  -3.81384  5.86610   1.000 13.24000 ? 471 SER A OG  1 
ATOM   263  N N   . LYS A 1 40  ? 10.29187  -4.30844  9.30092   1.000 11.38000 ? 472 LYS A N   1 
ATOM   264  C CA  . LYS A 1 40  ? 10.72205  -3.36107  10.32285  1.000 11.41000 ? 472 LYS A CA  1 
ATOM   265  C C   . LYS A 1 40  ? 11.32575  -2.10274  9.70224   1.000 11.77000 ? 472 LYS A C   1 
ATOM   266  O O   . LYS A 1 40  ? 11.06912  -0.98744  10.17339  1.000 13.10000 ? 472 LYS A O   1 
ATOM   267  C CB  . LYS A 1 40  ? 11.67692  -4.04367  11.30370  1.000 14.47000 ? 472 LYS A CB  1 
ATOM   268  C CG  . LYS A 1 40  ? 10.93185  -4.81455  12.39239  1.000 18.78000 ? 472 LYS A CG  1 
ATOM   269  C CD  . LYS A 1 40  ? 11.75363  -5.96761  12.95048  1.000 25.55000 ? 472 LYS A CD  1 
ATOM   270  C CE  . LYS A 1 40  ? 10.86208  -6.99473  13.64370  1.000 30.20000 ? 472 LYS A CE  1 
ATOM   271  N NZ  . LYS A 1 40  ? 11.44060  -7.47494  14.93258  1.000 39.08000 ? 472 LYS A NZ  1 
ATOM   272  N N   . GLY A 1 41  ? 12.08516  -2.25001  8.61558   1.000 12.21000 ? 473 GLY A N   1 
ATOM   273  C CA  . GLY A 1 41  ? 12.64119  -1.07611  7.95910   1.000 11.95000 ? 473 GLY A CA  1 
ATOM   274  C C   . GLY A 1 41  ? 11.57459  -0.21456  7.30591   1.000 12.45000 ? 473 GLY A C   1 
ATOM   275  O O   . GLY A 1 41  ? 11.60851  1.01727   7.40532   1.000 11.51000 ? 473 GLY A O   1 
ATOM   276  N N   . ASN A 1 42  ? 10.61508  -0.84574  6.62725   1.000 10.10000 ? 474 ASN A N   1 
ATOM   277  C CA  . ASN A 1 42  ? 9.53207   -0.07317  6.02659   1.000 8.81000  ? 474 ASN A CA  1 
ATOM   278  C C   . ASN A 1 42  ? 8.62544   0.53292   7.08516   1.000 8.13000  ? 474 ASN A C   1 
ATOM   279  O O   . ASN A 1 42  ? 8.01618   1.58361   6.84851   1.000 8.56000  ? 474 ASN A O   1 
ATOM   280  C CB  . ASN A 1 42  ? 8.70939   -0.95531  5.09180   1.000 9.42000  ? 474 ASN A CB  1 
ATOM   281  C CG  . ASN A 1 42  ? 9.36389   -1.14684  3.74699   1.000 11.25000 ? 474 ASN A CG  1 
ATOM   282  O OD1 . ASN A 1 42  ? 10.26128  -0.39770  3.36345   1.000 13.82000 ? 474 ASN A OD1 1 
ATOM   283  N ND2 . ASN A 1 42  ? 8.90330   -2.14112  3.00849   1.000 8.60000  ? 474 ASN A ND2 1 
ATOM   284  N N   A SER A 1 43  ? 8.50903   -0.11490  8.24738   0.610 8.88000  ? 475 SER A N   1 
ATOM   285  N N   B SER A 1 43  ? 8.54431   -0.09419  8.26097   0.390 8.60000  ? 475 SER A N   1 
ATOM   286  C CA  A SER A 1 43  ? 7.70911   0.44722   9.33149   0.610 9.47000  ? 475 SER A CA  1 
ATOM   287  C CA  B SER A 1 43  ? 7.70053   0.43224   9.32753   0.390 8.85000  ? 475 SER A CA  1 
ATOM   288  C C   A SER A 1 43  ? 8.27888   1.78109   9.78443   0.610 9.24000  ? 475 SER A C   1 
ATOM   289  C C   B SER A 1 43  ? 8.26796   1.73089   9.89306   0.390 9.01000  ? 475 SER A C   1 
ATOM   290  O O   A SER A 1 43  ? 7.54466   2.75924   9.96509   0.610 8.20000  ? 475 SER A O   1 
ATOM   291  O O   B SER A 1 43  ? 7.50963   2.63948   10.25571  0.390 8.49000  ? 475 SER A O   1 
ATOM   292  C CB  A SER A 1 43  ? 7.66011   -0.52541  10.50706  0.610 9.35000  ? 475 SER A CB  1 
ATOM   293  C CB  B SER A 1 43  ? 7.52505   -0.62418  10.41942  0.390 8.17000  ? 475 SER A CB  1 
ATOM   294  O OG  A SER A 1 43  ? 6.91001   -1.66645  10.18293  0.610 7.75000  ? 475 SER A OG  1 
ATOM   295  O OG  B SER A 1 43  ? 6.33263   -0.41204  11.14907  0.390 8.81000  ? 475 SER A OG  1 
ATOM   296  N N   . ARG A 1 44  ? 9.60115   1.83893   9.96570   1.000 9.88000  ? 476 ARG A N   1 
ATOM   297  C CA  . ARG A 1 44  ? 10.23072  3.09806   10.34962  1.000 11.06000 ? 476 ARG A CA  1 
ATOM   298  C C   . ARG A 1 44  ? 10.04229  4.15151   9.26473   1.000 10.56000 ? 476 ARG A C   1 
ATOM   299  O O   . ARG A 1 44  ? 9.75202   5.31615   9.56428   1.000 11.24000 ? 476 ARG A O   1 
ATOM   300  C CB  . ARG A 1 44  ? 11.71955  2.86852   10.61205  1.000 16.04000 ? 476 ARG A CB  1 
ATOM   301  C CG  . ARG A 1 44  ? 12.02108  1.99393   11.81888  1.000 24.40000 ? 476 ARG A CG  1 
ATOM   302  C CD  . ARG A 1 44  ? 13.50655  2.03318   12.17962  1.000 33.70000 ? 476 ARG A CD  1 
ATOM   303  N NE  . ARG A 1 44  ? 14.35106  1.36559   11.18824  1.000 43.59000 ? 476 ARG A NE  1 
ATOM   304  C CZ  . ARG A 1 44  ? 14.52617  0.04887   11.11122  1.000 40.00000 ? 476 ARG A CZ  1 
ATOM   305  N NH1 . ARG A 1 44  ? 13.91582  -0.75882  11.96912  1.000 43.45000 ? 476 ARG A NH1 1 
ATOM   306  N NH2 . ARG A 1 44  ? 15.31534  -0.46302  10.17634  1.000 39.90000 ? 476 ARG A NH2 1 
ATOM   307  N N   . LYS A 1 45  ? 10.18271  3.75649   7.99963   1.000 10.46000 ? 477 LYS A N   1 
ATOM   308  C CA  . LYS A 1 45  ? 10.02028  4.70678   6.90721   1.000 11.58000 ? 477 LYS A CA  1 
ATOM   309  C C   . LYS A 1 45  ? 8.59958   5.25869   6.86996   1.000 11.18000 ? 477 LYS A C   1 
ATOM   310  O O   . LYS A 1 45  ? 8.39402   6.47424   6.76423   1.000 10.40000 ? 477 LYS A O   1 
ATOM   311  C CB  . LYS A 1 45  ? 10.36863  4.03065   5.58551   1.000 13.97000 ? 477 LYS A CB  1 
ATOM   312  C CG  . LYS A 1 45  ? 10.10447  4.91635   4.38417   1.000 17.29000 ? 477 LYS A CG  1 
ATOM   313  C CD  . LYS A 1 45  ? 10.85146  4.42744   3.15918   1.000 24.88000 ? 477 LYS A CD  1 
ATOM   314  C CE  . LYS A 1 45  ? 10.34670  3.06861   2.71086   1.000 21.63000 ? 477 LYS A CE  1 
ATOM   315  N NZ  . LYS A 1 45  ? 11.14648  2.55887   1.55823   1.000 24.36000 ? 477 LYS A NZ  1 
ATOM   316  N N   . LEU A 1 46  ? 7.60049   4.37796   6.95640   1.000 9.75000  ? 478 LEU A N   1 
ATOM   317  C CA  . LEU A 1 46  ? 6.21398   4.83549   6.93261   1.000 8.17000  ? 478 LEU A CA  1 
ATOM   318  C C   . LEU A 1 46  ? 5.87710   5.66077   8.16689   1.000 8.05000  ? 478 LEU A C   1 
ATOM   319  O O   . LEU A 1 46  ? 5.11722   6.63159   8.08279   1.000 9.36000  ? 478 LEU A O   1 
ATOM   320  C CB  . LEU A 1 46  ? 5.25278   3.65249   6.79766   1.000 7.24000  ? 478 LEU A CB  1 
ATOM   321  C CG  . LEU A 1 46  ? 5.28278   2.89899   5.46866   1.000 7.50000  ? 478 LEU A CG  1 
ATOM   322  C CD1 . LEU A 1 46  ? 4.28287   1.76442   5.50133   1.000 7.59000  ? 478 LEU A CD1 1 
ATOM   323  C CD2 . LEU A 1 46  ? 4.98106   3.83995   4.29379   1.000 8.54000  ? 478 LEU A CD2 1 
ATOM   324  N N   . SER A 1 47  ? 6.40945   5.27975   9.33042   1.000 7.93000  ? 479 SER A N   1 
ATOM   325  C CA  . SER A 1 47  ? 6.15150   6.05591   10.53882  1.000 9.07000  ? 479 SER A CA  1 
ATOM   326  C C   . SER A 1 47  ? 6.71383   7.46536   10.42715  1.000 9.65000  ? 479 SER A C   1 
ATOM   327  O O   . SER A 1 47  ? 6.05178   8.44258   10.80373  1.000 10.61000 ? 479 SER A O   1 
ATOM   328  C CB  . SER A 1 47  ? 6.72104   5.34394   11.76232  1.000 9.16000  ? 479 SER A CB  1 
ATOM   329  O OG  . SER A 1 47  ? 6.09848   4.08613   11.94552  1.000 11.57000 ? 479 SER A OG  1 
ATOM   330  N N   . ASN A 1 48  ? 7.92817   7.59422   9.89153   1.000 10.34000 ? 480 ASN A N   1 
ATOM   331  C CA  . ASN A 1 48  ? 8.50471   8.92146   9.70533   1.000 12.85000 ? 480 ASN A CA  1 
ATOM   332  C C   . ASN A 1 48  ? 7.67107   9.74016   8.73309   1.000 12.10000 ? 480 ASN A C   1 
ATOM   333  O O   . ASN A 1 48  ? 7.45209   10.93888  8.94560   1.000 14.09000 ? 480 ASN A O   1 
ATOM   334  C CB  . ASN A 1 48  ? 9.94531   8.81279   9.20191   1.000 13.56000 ? 480 ASN A CB  1 
ATOM   335  C CG  . ASN A 1 48  ? 10.90626  8.31164   10.26597  1.000 18.46000 ? 480 ASN A CG  1 
ATOM   336  O OD1 . ASN A 1 48  ? 10.65749  8.45748   11.46032  1.000 21.98000 ? 480 ASN A OD1 1 
ATOM   337  N ND2 . ASN A 1 48  ? 12.01721  7.72541   9.82904   1.000 23.33000 ? 480 ASN A ND2 1 
ATOM   338  N N   . ALA A 1 49  ? 7.21002   9.11548   7.64802   1.000 10.22000 ? 481 ALA A N   1 
ATOM   339  C CA  . ALA A 1 49  ? 6.32047   9.82169   6.73410   1.000 8.97000  ? 481 ALA A CA  1 
ATOM   340  C C   . ALA A 1 49  ? 5.02558   10.22402  7.42512   1.000 7.26000  ? 481 ALA A C   1 
ATOM   341  O O   . ALA A 1 49  ? 4.55210   11.35086  7.26098   1.000 8.00000  ? 481 ALA A O   1 
ATOM   342  C CB  . ALA A 1 49  ? 6.02786   8.96248   5.50571   1.000 8.65000  ? 481 ALA A CB  1 
ATOM   343  N N   . PHE A 1 50  ? 4.43985   9.31868   8.21229   1.000 9.06000  ? 482 PHE A N   1 
ATOM   344  C CA  . PHE A 1 50  ? 3.14846   9.59740   8.82937   1.000 8.33000  ? 482 PHE A CA  1 
ATOM   345  C C   . PHE A 1 50  ? 3.17698   10.86306  9.68545   1.000 9.24000  ? 482 PHE A C   1 
ATOM   346  O O   . PHE A 1 50  ? 2.20576   11.62886  9.70865   1.000 8.78000  ? 482 PHE A O   1 
ATOM   347  C CB  . PHE A 1 50  ? 2.70909   8.39316   9.66625   1.000 7.93000  ? 482 PHE A CB  1 
ATOM   348  C CG  . PHE A 1 50  ? 1.38507   8.59020   10.34128  1.000 8.55000  ? 482 PHE A CG  1 
ATOM   349  C CD1 . PHE A 1 50  ? 0.20576   8.34753   9.65834   1.000 8.47000  ? 482 PHE A CD1 1 
ATOM   350  C CD2 . PHE A 1 50  ? 1.31401   9.04899   11.64998  1.000 10.20000 ? 482 PHE A CD2 1 
ATOM   351  C CE1 . PHE A 1 50  ? -1.02428  8.53674   10.26467  1.000 9.12000  ? 482 PHE A CE1 1 
ATOM   352  C CE2 . PHE A 1 50  ? 0.08439   9.25209   12.26393  1.000 11.96000 ? 482 PHE A CE2 1 
ATOM   353  C CZ  . PHE A 1 50  ? -1.08670  8.99173   11.57429  1.000 9.81000  ? 482 PHE A CZ  1 
ATOM   354  N N   . THR A 1 51  ? 4.26249   11.07880  10.42696  1.000 9.82000  ? 483 THR A N   1 
ATOM   355  C CA  . THR A 1 51  ? 4.31267   12.20791  11.34469  1.000 9.88000  ? 483 THR A CA  1 
ATOM   356  C C   . THR A 1 51  ? 4.71926   13.51283  10.66988  1.000 11.29000 ? 483 THR A C   1 
ATOM   357  O O   . THR A 1 51  ? 4.60021   14.57571  11.29246  1.000 14.39000 ? 483 THR A O   1 
ATOM   358  C CB  . THR A 1 51  ? 5.24018   11.88484  12.52107  1.000 12.23000 ? 483 THR A CB  1 
ATOM   359  O OG1 . THR A 1 51  ? 6.56610   11.65452  12.04288  1.000 17.22000 ? 483 THR A OG1 1 
ATOM   360  C CG2 . THR A 1 51  ? 4.75924   10.62984  13.22979  1.000 11.33000 ? 483 THR A CG2 1 
ATOM   361  N N   . SER A 1 52  ? 5.16635   13.47062  9.41717   1.000 11.24000 ? 484 SER A N   1 
ATOM   362  C CA  . SER A 1 52  ? 5.60807   14.66539  8.70375   1.000 9.82000  ? 484 SER A CA  1 
ATOM   363  C C   . SER A 1 52  ? 4.75810   14.98786  7.48092   1.000 9.76000  ? 484 SER A C   1 
ATOM   364  O O   . SER A 1 52  ? 5.07581   15.93577  6.75133   1.000 11.02000 ? 484 SER A O   1 
ATOM   365  C CB  . SER A 1 52  ? 7.07228   14.49283  8.26605   1.000 10.64000 ? 484 SER A CB  1 
ATOM   366  O OG  . SER A 1 52  ? 7.22411   13.38531  7.38217   1.000 13.99000 ? 484 SER A OG  1 
ATOM   367  N N   . THR A 1 53  ? 3.69068   14.24048  7.23470   1.000 7.97000  ? 485 THR A N   1 
ATOM   368  C CA  . THR A 1 53  ? 2.93407   14.34496  5.99452   1.000 6.98000  ? 485 THR A CA  1 
ATOM   369  C C   . THR A 1 53  ? 1.44979   14.34631  6.32820   1.000 6.41000  ? 485 THR A C   1 
ATOM   370  O O   . THR A 1 53  ? 1.00033   13.57636  7.18712   1.000 8.00000  ? 485 THR A O   1 
ATOM   371  C CB  . THR A 1 53  ? 3.24331   13.14540  5.07459   1.000 8.44000  ? 485 THR A CB  1 
ATOM   372  O OG1 . THR A 1 53  ? 4.65672   12.91982  5.01368   1.000 8.43000  ? 485 THR A OG1 1 
ATOM   373  C CG2 . THR A 1 53  ? 2.74763   13.38513  3.66143   1.000 8.04000  ? 485 THR A CG2 1 
ATOM   374  N N   . ASP A 1 54  ? 0.68074   15.21268  5.65585   1.000 6.41000  ? 486 ASP A N   1 
ATOM   375  C CA  . ASP A 1 54  ? -0.75338  15.26894  5.93804   1.000 6.44000  ? 486 ASP A CA  1 
ATOM   376  C C   . ASP A 1 54  ? -1.43701  13.94506  5.61367   1.000 7.34000  ? 486 ASP A C   1 
ATOM   377  O O   . ASP A 1 54  ? -2.34057  13.51379  6.34126   1.000 7.47000  ? 486 ASP A O   1 
ATOM   378  C CB  . ASP A 1 54  ? -1.41580  16.39325  5.14003   1.000 6.46000  ? 486 ASP A CB  1 
ATOM   379  C CG  . ASP A 1 54  ? -1.10330  17.77405  5.66852   1.000 8.48000  ? 486 ASP A CG  1 
ATOM   380  O OD1 . ASP A 1 54  ? -0.53809  17.89459  6.77783   1.000 8.66000  ? 486 ASP A OD1 1 
ATOM   381  O OD2 . ASP A 1 54  ? -1.44071  18.73961  4.94501   1.000 8.83000  ? 486 ASP A OD2 1 
ATOM   382  N N   . HIS A 1 55  ? -1.00872  13.27784  4.53047   1.000 6.52000  ? 487 HIS A N   1 
ATOM   383  C CA  . HIS A 1 55  ? -1.61449  12.02125  4.08449   1.000 6.96000  ? 487 HIS A CA  1 
ATOM   384  C C   . HIS A 1 55  ? -0.54170  11.08744  3.55604   1.000 5.72000  ? 487 HIS A C   1 
ATOM   385  O O   . HIS A 1 55  ? 0.18599   11.43238  2.62354   1.000 6.46000  ? 487 HIS A O   1 
ATOM   386  C CB  . HIS A 1 55  ? -2.66034  12.24463  2.97875   1.000 7.57000  ? 487 HIS A CB  1 
ATOM   387  C CG  . HIS A 1 55  ? -3.70146  13.25827  3.33782   1.000 6.31000  ? 487 HIS A CG  1 
ATOM   388  N ND1 . HIS A 1 55  ? -4.78271  12.95385  4.13329   1.000 7.23000  ? 487 HIS A ND1 1 
ATOM   389  C CD2 . HIS A 1 55  ? -3.80522  14.57654  3.04136   1.000 7.04000  ? 487 HIS A CD2 1 
ATOM   390  C CE1 . HIS A 1 55  ? -5.51735  14.03841  4.30558   1.000 9.16000  ? 487 HIS A CE1 1 
ATOM   391  N NE2 . HIS A 1 55  ? -4.94588  15.03530  3.65248   1.000 8.71000  ? 487 HIS A NE2 1 
ATOM   392  N N   . VAL A 1 56  ? -0.49535  9.88019   4.10587   1.000 5.41000  ? 488 VAL A N   1 
ATOM   393  C CA  . VAL A 1 56  ? 0.37196   8.82606   3.59740   1.000 4.69000  ? 488 VAL A CA  1 
ATOM   394  C C   . VAL A 1 56  ? -0.52267  7.80049   2.92766   1.000 4.14000  ? 488 VAL A C   1 
ATOM   395  O O   . VAL A 1 56  ? -1.36282  7.16557   3.58505   1.000 4.86000  ? 488 VAL A O   1 
ATOM   396  C CB  . VAL A 1 56  ? 1.21634   8.19722   4.70780   1.000 5.29000  ? 488 VAL A CB  1 
ATOM   397  C CG1 . VAL A 1 56  ? 1.94958   6.95583   4.18850   1.000 6.05000  ? 488 VAL A CG1 1 
ATOM   398  C CG2 . VAL A 1 56  ? 2.21189   9.21369   5.23508   1.000 6.49000  ? 488 VAL A CG2 1 
ATOM   399  N N   . LEU A 1 57  ? -0.37920  7.67452   1.60728   1.000 4.77000  ? 489 LEU A N   1 
ATOM   400  C CA  . LEU A 1 57  ? -1.19471  6.77222   0.81095   1.000 4.91000  ? 489 LEU A CA  1 
ATOM   401  C C   . LEU A 1 57  ? -0.41046  5.50725   0.50500   1.000 4.54000  ? 489 LEU A C   1 
ATOM   402  O O   . LEU A 1 57  ? 0.78222   5.56244   0.18528   1.000 5.07000  ? 489 LEU A O   1 
ATOM   403  C CB  . LEU A 1 57  ? -1.64601  7.43371   -0.49165  1.000 5.55000  ? 489 LEU A CB  1 
ATOM   404  C CG  . LEU A 1 57  ? -2.65500  8.58610   -0.41656  1.000 6.76000  ? 489 LEU A CG  1 
ATOM   405  C CD1 . LEU A 1 57  ? -3.79290  8.26339   0.55537   1.000 8.69000  ? 489 LEU A CD1 1 
ATOM   406  C CD2 . LEU A 1 57  ? -1.98138  9.90164   -0.05537  1.000 9.51000  ? 489 LEU A CD2 1 
ATOM   407  N N   . LEU A 1 58  ? -1.08560  4.36744   0.61350   1.000 5.07000  ? 490 LEU A N   1 
ATOM   408  C CA  . LEU A 1 58  ? -0.49863  3.05452   0.38999   1.000 4.60000  ? 490 LEU A CA  1 
ATOM   409  C C   . LEU A 1 58  ? -1.19464  2.45037   -0.81721  1.000 5.43000  ? 490 LEU A C   1 
ATOM   410  O O   . LEU A 1 58  ? -2.42461  2.35227   -0.84844  1.000 5.63000  ? 490 LEU A O   1 
ATOM   411  C CB  . LEU A 1 58  ? -0.71762  2.18800   1.63206   1.000 5.06000  ? 490 LEU A CB  1 
ATOM   412  C CG  . LEU A 1 58  ? -0.16091  2.77962   2.93372   1.000 6.66000  ? 490 LEU A CG  1 
ATOM   413  C CD1 . LEU A 1 58  ? -0.43537  1.81116   4.07270   1.000 9.02000  ? 490 LEU A CD1 1 
ATOM   414  C CD2 . LEU A 1 58  ? 1.32551   3.04575   2.81160   1.000 7.73000  ? 490 LEU A CD2 1 
ATOM   415  N N   . LEU A 1 59  ? -0.42042  2.07040   -1.81987  1.000 4.09000  ? 491 LEU A N   1 
ATOM   416  C CA  . LEU A 1 59  ? -0.97015  1.57240   -3.07516  1.000 4.90000  ? 491 LEU A CA  1 
ATOM   417  C C   . LEU A 1 59  ? -0.66608  0.08546   -3.11494  1.000 4.11000  ? 491 LEU A C   1 
ATOM   418  O O   . LEU A 1 59  ? 0.50212   -0.30003  -3.21727  1.000 4.58000  ? 491 LEU A O   1 
ATOM   419  C CB  . LEU A 1 59  ? -0.29980  2.29488   -4.23706  1.000 5.26000  ? 491 LEU A CB  1 
ATOM   420  C CG  . LEU A 1 59  ? -0.80560  3.73381   -4.49549  1.000 6.60000  ? 491 LEU A CG  1 
ATOM   421  C CD1 . LEU A 1 59  ? -0.51999  4.74029   -3.34951  1.000 7.27000  ? 491 LEU A CD1 1 
ATOM   422  C CD2 . LEU A 1 59  ? -0.21013  4.24008   -5.80880  1.000 8.71000  ? 491 LEU A CD2 1 
ATOM   423  N N   . PHE A 1 60  ? -1.70733  -0.73987  -2.98759  1.000 3.77000  ? 492 PHE A N   1 
ATOM   424  C CA  . PHE A 1 60  ? -1.55277  -2.16626  -2.70884  1.000 4.36000  ? 492 PHE A CA  1 
ATOM   425  C C   . PHE A 1 60  ? -1.43657  -2.97503  -3.99001  1.000 4.90000  ? 492 PHE A C   1 
ATOM   426  O O   . PHE A 1 60  ? -2.27928  -2.85460  -4.88939  1.000 5.17000  ? 492 PHE A O   1 
ATOM   427  C CB  . PHE A 1 60  ? -2.74983  -2.67555  -1.90098  1.000 4.52000  ? 492 PHE A CB  1 
ATOM   428  C CG  . PHE A 1 60  ? -2.75850  -2.20929  -0.47748  1.000 5.75000  ? 492 PHE A CG  1 
ATOM   429  C CD1 . PHE A 1 60  ? -2.08385  -2.92818  0.50490   1.000 7.23000  ? 492 PHE A CD1 1 
ATOM   430  C CD2 . PHE A 1 60  ? -3.42859  -1.05818  -0.11830  1.000 6.47000  ? 492 PHE A CD2 1 
ATOM   431  C CE1 . PHE A 1 60  ? -2.08096  -2.49771  1.82240   1.000 9.80000  ? 492 PHE A CE1 1 
ATOM   432  C CE2 . PHE A 1 60  ? -3.44102  -0.62799  1.20187   1.000 7.31000  ? 492 PHE A CE2 1 
ATOM   433  C CZ  . PHE A 1 60  ? -2.75825  -1.35743  2.17205   1.000 7.59000  ? 492 PHE A CZ  1 
ATOM   434  N N   . SER A 1 61  ? -0.40803  -3.81992  -4.05945  1.000 4.78000  ? 493 SER A N   1 
ATOM   435  C CA  . SER A 1 61  ? -0.17593  -4.64213  -5.24082  1.000 5.55000  ? 493 SER A CA  1 
ATOM   436  C C   . SER A 1 61  ? 0.25440   -6.03402  -4.80113  1.000 6.06000  ? 493 SER A C   1 
ATOM   437  O O   . SER A 1 61  ? 1.34979   -6.21477  -4.25849  1.000 7.17000  ? 493 SER A O   1 
ATOM   438  C CB  . SER A 1 61  ? 0.87313   -4.00677  -6.14436  1.000 6.03000  ? 493 SER A CB  1 
ATOM   439  O OG  . SER A 1 61  ? 1.26049   -4.92514  -7.17509  1.000 7.50000  ? 493 SER A OG  1 
ATOM   440  N N   . ALA A 1 62  ? -0.59349  -7.02290  -5.05615  1.000 8.22000  ? 494 ALA A N   1 
ATOM   441  C CA  . ALA A 1 62  ? -0.24695  -8.40488  -4.75417  1.000 9.57000  ? 494 ALA A CA  1 
ATOM   442  C C   . ALA A 1 62  ? 0.91770   -8.88096  -5.62814  1.000 9.46000  ? 494 ALA A C   1 
ATOM   443  O O   . ALA A 1 62  ? 0.94958   -8.62522  -6.83608  1.000 10.20000 ? 494 ALA A O   1 
ATOM   444  C CB  . ALA A 1 62  ? -1.46763  -9.29445  -4.99610  1.000 13.38000 ? 494 ALA A CB  1 
ATOM   445  N N   . ASN A 1 63  ? 1.86608   -9.58735  -4.98281  1.000 12.84000 ? 495 ASN A N   1 
ATOM   446  C CA  . ASN A 1 63  ? 3.01517   -10.22473 -5.63885  1.000 16.15000 ? 495 ASN A CA  1 
ATOM   447  C C   . ASN A 1 63  ? 2.60680   -11.00027 -6.87883  1.000 14.90000 ? 495 ASN A C   1 
ATOM   448  O O   . ASN A 1 63  ? 3.30071   -10.98016 -7.90348  1.000 17.20000 ? 495 ASN A O   1 
ATOM   449  C CB  . ASN A 1 63  ? 3.62942   -11.25536 -4.67828  1.000 18.47000 ? 495 ASN A CB  1 
ATOM   450  C CG  . ASN A 1 63  ? 4.49030   -10.63259 -3.60776  1.000 29.98000 ? 495 ASN A CG  1 
ATOM   451  O OD1 . ASN A 1 63  ? 4.42939   -9.42943  -3.36367  1.000 30.60000 ? 495 ASN A OD1 1 
ATOM   452  N ND2 . ASN A 1 63  ? 5.30209   -11.45778 -2.95328  1.000 24.82000 ? 495 ASN A ND2 1 
ATOM   453  N N   . GLU A 1 64  ? 1.51757   -11.73775 -6.78297  1.000 13.19000 ? 496 GLU A N   1 
ATOM   454  C CA  . GLU A 1 64  ? 1.13745   -12.64627 -7.84664  1.000 16.52000 ? 496 GLU A CA  1 
ATOM   455  C C   . GLU A 1 64  ? 0.34068   -11.96895 -8.94700  1.000 15.48000 ? 496 GLU A C   1 
ATOM   456  O O   . GLU A 1 64  ? -0.00493  -12.62373 -9.93587  1.000 18.11000 ? 496 GLU A O   1 
ATOM   457  C CB  . GLU A 1 64  ? 0.37041   -13.81306 -7.23305  1.000 15.80000 ? 496 GLU A CB  1 
ATOM   458  C CG  . GLU A 1 64  ? 1.27425   -14.64772 -6.33083  1.000 18.21000 ? 496 GLU A CG  1 
ATOM   459  C CD  . GLU A 1 64  ? 0.55183   -15.24900 -5.14518  1.000 19.05000 ? 496 GLU A CD  1 
ATOM   460  O OE1 . GLU A 1 64  ? -0.16205  -14.50311 -4.43559  1.000 23.61000 ? 496 GLU A OE1 1 
ATOM   461  O OE2 . GLU A 1 64  ? 0.71126   -16.46744 -4.92123  1.000 24.08000 ? 496 GLU A OE2 1 
ATOM   462  N N   . SER A 1 65  ? 0.06846   -10.67900 -8.81877  1.000 11.35000 ? 497 SER A N   1 
ATOM   463  C CA  . SER A 1 65  ? -0.80892  -9.98184  -9.73537  1.000 12.98000 ? 497 SER A CA  1 
ATOM   464  C C   . SER A 1 65  ? 0.03455   -9.14296  -10.67956 1.000 12.47000 ? 497 SER A C   1 
ATOM   465  O O   . SER A 1 65  ? 1.24097   -8.95599  -10.49136 1.000 19.52000 ? 497 SER A O   1 
ATOM   466  C CB  . SER A 1 65  ? -1.80482  -9.10403  -8.96515  1.000 14.63000 ? 497 SER A CB  1 
ATOM   467  O OG  . SER A 1 65  ? -1.18545  -7.91350  -8.51607  1.000 12.44000 ? 497 SER A OG  1 
ATOM   468  N N   . GLY A 1 66  ? -0.60579  -8.66034  -11.71818 1.000 14.56000 ? 498 GLY A N   1 
ATOM   469  C CA  . GLY A 1 66  ? 0.09415   -7.75458  -12.58553 1.000 12.42000 ? 498 GLY A CA  1 
ATOM   470  C C   . GLY A 1 66  ? -0.38711  -6.34006  -12.36396 1.000 10.71000 ? 498 GLY A C   1 
ATOM   471  O O   . GLY A 1 66  ? -0.48180  -5.58582  -13.32433 1.000 12.91000 ? 498 GLY A O   1 
ATOM   472  N N   . GLY A 1 67  ? -0.68607  -5.94719  -11.12094 1.000 10.22000 ? 499 GLY A N   1 
ATOM   473  C CA  . GLY A 1 67  ? -1.13438  -4.58402  -10.91523 1.000 8.67000  ? 499 GLY A CA  1 
ATOM   474  C C   . GLY A 1 67  ? -1.55857  -4.25502  -9.49997  1.000 7.60000  ? 499 GLY A C   1 
ATOM   475  O O   . GLY A 1 67  ? -1.09226  -4.87349  -8.54116  1.000 7.60000  ? 499 GLY A O   1 
ATOM   476  N N   . PHE A 1 68  ? -2.43632  -3.25854  -9.37078  1.000 6.53000  ? 500 PHE A N   1 
ATOM   477  C CA  . PHE A 1 68  ? -2.90455  -2.76931  -8.07989  1.000 6.13000  ? 500 PHE A CA  1 
ATOM   478  C C   . PHE A 1 68  ? -4.31072  -3.27483  -7.78609  1.000 6.64000  ? 500 PHE A C   1 
ATOM   479  O O   . PHE A 1 68  ? -5.15470  -3.34610  -8.68443  1.000 7.20000  ? 500 PHE A O   1 
ATOM   480  C CB  . PHE A 1 68  ? -2.93583  -1.23775  -8.05578  1.000 6.87000  ? 500 PHE A CB  1 
ATOM   481  C CG  . PHE A 1 68  ? -1.58111  -0.59141  -8.14554  1.000 7.76000  ? 500 PHE A CG  1 
ATOM   482  C CD1 . PHE A 1 68  ? -0.71857  -0.58638  -7.06011  1.000 7.65000  ? 500 PHE A CD1 1 
ATOM   483  C CD2 . PHE A 1 68  ? -1.17146  0.02085   -9.31912  1.000 9.40000  ? 500 PHE A CD2 1 
ATOM   484  C CE1 . PHE A 1 68  ? 0.54235   0.01434   -7.13893  1.000 6.49000  ? 500 PHE A CE1 1 
ATOM   485  C CE2 . PHE A 1 68  ? 0.07817   0.63828   -9.40336  1.000 9.76000  ? 500 PHE A CE2 1 
ATOM   486  C CZ  . PHE A 1 68  ? 0.93810   0.62434   -8.30971  1.000 8.39000  ? 500 PHE A CZ  1 
ATOM   487  N N   . GLN A 1 69  ? -4.57781  -3.54933  -6.51008  1.000 5.86000  ? 501 GLN A N   1 
ATOM   488  C CA  . GLN A 1 69  ? -5.91330  -3.90532  -6.05241  1.000 6.18000  ? 501 GLN A CA  1 
ATOM   489  C C   . GLN A 1 69  ? -6.61369  -2.76150  -5.34324  1.000 5.33000  ? 501 GLN A C   1 
ATOM   490  O O   . GLN A 1 69  ? -7.76755  -2.92094  -4.93346  1.000 5.40000  ? 501 GLN A O   1 
ATOM   491  C CB  . GLN A 1 69  ? -5.87890  -5.14314  -5.14818  1.000 7.42000  ? 501 GLN A CB  1 
ATOM   492  C CG  . GLN A 1 69  ? -5.52863  -6.43240  -5.90200  1.000 8.76000  ? 501 GLN A CG  1 
ATOM   493  C CD  . GLN A 1 69  ? -4.05836  -6.52251  -6.22217  1.000 8.76000  ? 501 GLN A CD  1 
ATOM   494  O OE1 . GLN A 1 69  ? -3.21360  -6.31593  -5.35045  1.000 9.45000  ? 501 GLN A OE1 1 
ATOM   495  N NE2 . GLN A 1 69  ? -3.73905  -6.80656  -7.48068  1.000 9.95000  ? 501 GLN A NE2 1 
ATOM   496  N N   . GLY A 1 70  ? -5.95929  -1.62392  -5.19244  1.000 5.74000  ? 502 GLY A N   1 
ATOM   497  C CA  . GLY A 1 70  ? -6.58694  -0.46296  -4.59938  1.000 5.23000  ? 502 GLY A CA  1 
ATOM   498  C C   . GLY A 1 70  ? -5.56896  0.34915   -3.83646  1.000 5.19000  ? 502 GLY A C   1 
ATOM   499  O O   . GLY A 1 70  ? -4.36677  0.15924   -3.97908  1.000 4.13000  ? 502 GLY A O   1 
ATOM   500  N N   . PHE A 1 71  ? -6.07239  1.30584   -3.05654  1.000 5.02000  ? 503 PHE A N   1 
ATOM   501  C CA  . PHE A 1 71  ? -5.20493  2.16028   -2.26210  1.000 5.18000  ? 503 PHE A CA  1 
ATOM   502  C C   . PHE A 1 71  ? -5.92223  2.57588   -0.99026  1.000 5.10000  ? 503 PHE A C   1 
ATOM   503  O O   . PHE A 1 71  ? -7.15697  2.54374   -0.90601  1.000 4.43000  ? 503 PHE A O   1 
ATOM   504  C CB  . PHE A 1 71  ? -4.69215  3.37995   -3.04607  1.000 5.52000  ? 503 PHE A CB  1 
ATOM   505  C CG  . PHE A 1 71  ? -5.74708  4.42678   -3.33799  1.000 5.71000  ? 503 PHE A CG  1 
ATOM   506  C CD1 . PHE A 1 71  ? -6.58884  4.30385   -4.42978  1.000 6.94000  ? 503 PHE A CD1 1 
ATOM   507  C CD2 . PHE A 1 71  ? -5.85317  5.55765   -2.53984  1.000 7.00000  ? 503 PHE A CD2 1 
ATOM   508  C CE1 . PHE A 1 71  ? -7.54854  5.28521   -4.69870  1.000 7.56000  ? 503 PHE A CE1 1 
ATOM   509  C CE2 . PHE A 1 71  ? -6.80213  6.52678   -2.80571  1.000 6.23000  ? 503 PHE A CE2 1 
ATOM   510  C CZ  . PHE A 1 71  ? -7.65182  6.39106   -3.87464  1.000 7.15000  ? 503 PHE A CZ  1 
ATOM   511  N N   . GLY A 1 72  ? -5.12770  2.94776   0.01411   1.000 5.85000  ? 504 GLY A N   1 
ATOM   512  C CA  . GLY A 1 72  ? -5.67894  3.35410   1.28928   1.000 6.09000  ? 504 GLY A CA  1 
ATOM   513  C C   . GLY A 1 72  ? -4.82642  4.43112   1.92227   1.000 6.17000  ? 504 GLY A C   1 
ATOM   514  O O   . GLY A 1 72  ? -3.75282  4.77652   1.42596   1.000 6.29000  ? 504 GLY A O   1 
ATOM   515  N N   . ARG A 1 73  ? -5.33183  4.97361   3.02490   1.000 5.90000  ? 505 ARG A N   1 
ATOM   516  C CA  . ARG A 1 73  ? -4.62918  5.96866   3.81644   1.000 5.84000  ? 505 ARG A CA  1 
ATOM   517  C C   . ARG A 1 73  ? -4.14297  5.33104   5.11545   1.000 5.53000  ? 505 ARG A C   1 
ATOM   518  O O   . ARG A 1 73  ? -4.91954  4.66632   5.81973   1.000 6.03000  ? 505 ARG A O   1 
ATOM   519  C CB  . ARG A 1 73  ? -5.55327  7.15102   4.12773   1.000 6.15000  ? 505 ARG A CB  1 
ATOM   520  C CG  . ARG A 1 73  ? -4.83707  8.30859   4.82076   1.000 7.05000  ? 505 ARG A CG  1 
ATOM   521  C CD  . ARG A 1 73  ? -5.80104  9.43854   5.12333   1.000 7.45000  ? 505 ARG A CD  1 
ATOM   522  N NE  . ARG A 1 73  ? -5.13636  10.58328  5.73911   1.000 7.76000  ? 505 ARG A NE  1 
ATOM   523  C CZ  . ARG A 1 73  ? -4.84289  10.70186  7.03002   1.000 8.20000  ? 505 ARG A CZ  1 
ATOM   524  N NH1 . ARG A 1 73  ? -5.12902  9.72637   7.90108   1.000 7.75000  ? 505 ARG A NH1 1 
ATOM   525  N NH2 . ARG A 1 73  ? -4.24661  11.81300  7.45039   1.000 7.72000  ? 505 ARG A NH2 1 
ATOM   526  N N   . MET A 1 74  ? -2.86557  5.52760   5.42593   1.000 4.92000  ? 506 MET A N   1 
ATOM   527  C CA  . MET A 1 74  ? -2.33943  5.15272   6.73060   1.000 5.30000  ? 506 MET A CA  1 
ATOM   528  C C   . MET A 1 74  ? -2.95656  6.04442   7.80215   1.000 5.95000  ? 506 MET A C   1 
ATOM   529  O O   . MET A 1 74  ? -2.86008  7.27357   7.72455   1.000 6.59000  ? 506 MET A O   1 
ATOM   530  C CB  . MET A 1 74  ? -0.82622  5.30760   6.71643   1.000 6.16000  ? 506 MET A CB  1 
ATOM   531  C CG  . MET A 1 74  ? -0.13992  4.86535   8.00112   1.000 6.34000  ? 506 MET A CG  1 
ATOM   532  S SD  . MET A 1 74  ? 1.63608   5.04190   7.82833   1.000 7.81000  ? 506 MET A SD  1 
ATOM   533  C CE  . MET A 1 74  ? 2.22617   4.43468   9.41610   1.000 9.28000  ? 506 MET A CE  1 
ATOM   534  N N   . MET A 1 75  ? -3.61271  5.43526   8.79037   1.000 6.29000  ? 507 MET A N   1 
ATOM   535  C CA  . MET A 1 75  ? -4.41076  6.19125   9.75188   1.000 6.29000  ? 507 MET A CA  1 
ATOM   536  C C   . MET A 1 75  ? -3.74929  6.34581   11.11170  1.000 7.76000  ? 507 MET A C   1 
ATOM   537  O O   . MET A 1 75  ? -4.11770  7.26661   11.85946  1.000 10.39000 ? 507 MET A O   1 
ATOM   538  C CB  . MET A 1 75  ? -5.78806  5.54264   9.94111   1.000 6.90000  ? 507 MET A CB  1 
ATOM   539  C CG  . MET A 1 75  ? -6.58798  5.36779   8.66295   1.000 7.23000  ? 507 MET A CG  1 
ATOM   540  S SD  . MET A 1 75  ? -7.05289  6.91820   7.85764   1.000 8.53000  ? 507 MET A SD  1 
ATOM   541  C CE  . MET A 1 75  ? -8.15229  7.62973   9.06246   1.000 12.40000 ? 507 MET A CE  1 
ATOM   542  N N   . SER A 1 76  ? -2.78776  5.48959   11.44227  1.000 8.63000  ? 508 SER A N   1 
ATOM   543  C CA  . SER A 1 76  ? -2.19700  5.49053   12.77035  1.000 10.12000 ? 508 SER A CA  1 
ATOM   544  C C   . SER A 1 76  ? -0.79667  4.91986   12.65009  1.000 9.52000  ? 508 SER A C   1 
ATOM   545  O O   . SER A 1 76  ? -0.42658  4.35474   11.62058  1.000 9.01000  ? 508 SER A O   1 
ATOM   546  C CB  . SER A 1 76  ? -3.03304  4.63676   13.73656  1.000 12.07000 ? 508 SER A CB  1 
ATOM   547  O OG  . SER A 1 76  ? -2.75141  3.25204   13.55634  1.000 19.70000 ? 508 SER A OG  1 
ATOM   548  N N   . LEU A 1 77  ? -0.01747  5.06931   13.71852  1.000 9.84000  ? 509 LEU A N   1 
ATOM   549  C CA  . LEU A 1 77  ? 1.32642   4.51618   13.77368  1.000 9.89000  ? 509 LEU A CA  1 
ATOM   550  C C   . LEU A 1 77  ? 1.28814   3.05278   14.19256  1.000 8.60000  ? 509 LEU A C   1 
ATOM   551  O O   . LEU A 1 77  ? 0.31172   2.59724   14.79416  1.000 10.91000 ? 509 LEU A O   1 
ATOM   552  C CB  . LEU A 1 77  ? 2.15573   5.29375   14.78565  1.000 11.63000 ? 509 LEU A CB  1 
ATOM   553  C CG  . LEU A 1 77  ? 2.62762   6.66174   14.30574  1.000 13.92000 ? 509 LEU A CG  1 
ATOM   554  C CD1 . LEU A 1 77  ? 3.32570   7.38487   15.43736  1.000 17.24000 ? 509 LEU A CD1 1 
ATOM   555  C CD2 . LEU A 1 77  ? 3.56852   6.51341   13.13840  1.000 14.14000 ? 509 LEU A CD2 1 
ATOM   556  N N   . PRO A 1 78  ? 2.34989   2.29600   13.89298  1.000 10.77000 ? 510 PRO A N   1 
ATOM   557  C CA  . PRO A 1 78  ? 2.43367   0.91148   14.37673  1.000 10.37000 ? 510 PRO A CA  1 
ATOM   558  C C   . PRO A 1 78  ? 2.19748   0.86059   15.87838  1.000 11.47000 ? 510 PRO A C   1 
ATOM   559  O O   . PRO A 1 78  ? 2.71852   1.68186   16.63332  1.000 13.99000 ? 510 PRO A O   1 
ATOM   560  C CB  . PRO A 1 78  ? 3.86597   0.50634   14.01481  1.000 11.63000 ? 510 PRO A CB  1 
ATOM   561  C CG  . PRO A 1 78  ? 4.17224   1.32554   12.78340  1.000 12.81000 ? 510 PRO A CG  1 
ATOM   562  C CD  . PRO A 1 78  ? 3.47259   2.64004   12.99967  1.000 10.91000 ? 510 PRO A CD  1 
ATOM   563  N N   . ASP A 1 79  ? 1.37960   -0.09626  16.30068  1.000 11.44000 ? 511 ASP A N   1 
ATOM   564  C CA  . ASP A 1 79  ? 0.91930   -0.19069  17.68269  1.000 14.58000 ? 511 ASP A CA  1 
ATOM   565  C C   . ASP A 1 79  ? 0.97284   -1.65819  18.08358  1.000 14.50000 ? 511 ASP A C   1 
ATOM   566  O O   . ASP A 1 79  ? 0.22921   -2.47271  17.52656  1.000 11.81000 ? 511 ASP A O   1 
ATOM   567  C CB  . ASP A 1 79  ? -0.51471  0.33822   17.74952  1.000 16.77000 ? 511 ASP A CB  1 
ATOM   568  C CG  . ASP A 1 79  ? -1.15495  0.20094   19.13079  1.000 20.14000 ? 511 ASP A CG  1 
ATOM   569  O OD1 . ASP A 1 79  ? -0.55481  -0.38868  20.05946  1.000 21.57000 ? 511 ASP A OD1 1 
ATOM   570  O OD2 . ASP A 1 79  ? -2.29488  0.68550   19.26703  1.000 25.90000 ? 511 ASP A OD2 1 
ATOM   571  N N   . PRO A 1 80  ? 1.82451   -2.03342  19.04719  1.000 15.59000 ? 512 PRO A N   1 
ATOM   572  C CA  . PRO A 1 80  ? 1.91201   -3.45184  19.44007  1.000 16.71000 ? 512 PRO A CA  1 
ATOM   573  C C   . PRO A 1 80  ? 0.61448   -4.00681  20.00422  1.000 14.11000 ? 512 PRO A C   1 
ATOM   574  O O   . PRO A 1 80  ? 0.44200   -5.23174  20.02658  1.000 16.64000 ? 512 PRO A O   1 
ATOM   575  C CB  . PRO A 1 80  ? 3.03458   -3.47052  20.49032  1.000 19.36000 ? 512 PRO A CB  1 
ATOM   576  C CG  . PRO A 1 80  ? 3.72642   -2.15474  20.37103  1.000 21.02000 ? 512 PRO A CG  1 
ATOM   577  C CD  . PRO A 1 80  ? 2.73983   -1.17866  19.82039  1.000 18.76000 ? 512 PRO A CD  1 
ATOM   578  N N   . GLN A 1 81  ? -0.30673  -3.14686  20.42974  1.000 17.34000 ? 513 GLN A N   1 
ATOM   579  C CA  . GLN A 1 81  ? -1.58639  -3.56131  20.98244  1.000 20.33000 ? 513 GLN A CA  1 
ATOM   580  C C   . GLN A 1 81  ? -2.66288  -3.75231  19.92267  1.000 16.29000 ? 513 GLN A C   1 
ATOM   581  O O   . GLN A 1 81  ? -3.74858  -4.24019  20.25001  1.000 16.34000 ? 513 GLN A O   1 
ATOM   582  C CB  . GLN A 1 81  ? -2.07402  -2.51046  21.98432  1.000 24.24000 ? 513 GLN A CB  1 
ATOM   583  C CG  . GLN A 1 81  ? -1.20960  -2.38745  23.23065  1.000 31.17000 ? 513 GLN A CG  1 
ATOM   584  C CD  . GLN A 1 81  ? -1.88158  -1.57356  24.31650  1.000 37.77000 ? 513 GLN A CD  1 
ATOM   585  O OE1 . GLN A 1 81  ? -2.51876  -0.55460  24.03985  1.000 44.99000 ? 513 GLN A OE1 1 
ATOM   586  N NE2 . GLN A 1 81  ? -1.74761  -2.02050  25.55889  1.000 43.28000 ? 513 GLN A NE2 1 
ATOM   587  N N   . LEU A 1 82  ? -2.39761  -3.38749  18.66984  1.000 13.59000 ? 514 LEU A N   1 
ATOM   588  C CA  . LEU A 1 82  ? -3.41238  -3.42801  17.62320  1.000 10.95000 ? 514 LEU A CA  1 
ATOM   589  C C   . LEU A 1 82  ? -3.41273  -4.79523  16.95520  1.000 9.18000  ? 514 LEU A C   1 
ATOM   590  O O   . LEU A 1 82  ? -2.40638  -5.19979  16.37103  1.000 10.34000 ? 514 LEU A O   1 
ATOM   591  C CB  . LEU A 1 82  ? -3.14459  -2.34927  16.57424  1.000 10.96000 ? 514 LEU A CB  1 
ATOM   592  C CG  . LEU A 1 82  ? -4.16067  -2.35668  15.43088  1.000 10.23000 ? 514 LEU A CG  1 
ATOM   593  C CD1 . LEU A 1 82  ? -5.54541  -1.96211  15.91836  1.000 14.65000 ? 514 LEU A CD1 1 
ATOM   594  C CD2 . LEU A 1 82  ? -3.69976  -1.43082  14.31604  1.000 9.22000  ? 514 LEU A CD2 1 
ATOM   595  N N   . PHE A 1 83  ? -4.54737  -5.49680  17.03681  1.000 10.32000 ? 515 PHE A N   1 
ATOM   596  C CA  . PHE A 1 83  ? -4.77042  -6.79991  16.41085  1.000 10.96000 ? 515 PHE A CA  1 
ATOM   597  C C   . PHE A 1 83  ? -3.55101  -7.72525  16.54931  1.000 10.84000 ? 515 PHE A C   1 
ATOM   598  O O   . PHE A 1 83  ? -3.05197  -8.24034  15.54445  1.000 9.95000  ? 515 PHE A O   1 
ATOM   599  C CB  . PHE A 1 83  ? -5.15489  -6.64392  14.94221  1.000 11.03000 ? 515 PHE A CB  1 
ATOM   600  C CG  . PHE A 1 83  ? -6.50871  -6.02974  14.70288  1.000 13.42000 ? 515 PHE A CG  1 
ATOM   601  C CD1 . PHE A 1 83  ? -7.67399  -6.68860  15.06234  1.000 17.79000 ? 515 PHE A CD1 1 
ATOM   602  C CD2 . PHE A 1 83  ? -6.61210  -4.81815  14.03652  1.000 11.84000 ? 515 PHE A CD2 1 
ATOM   603  C CE1 . PHE A 1 83  ? -8.91925  -6.12140  14.80481  1.000 18.93000 ? 515 PHE A CE1 1 
ATOM   604  C CE2 . PHE A 1 83  ? -7.84141  -4.24703  13.77885  1.000 13.77000 ? 515 PHE A CE2 1 
ATOM   605  C CZ  . PHE A 1 83  ? -8.99784  -4.89726  14.16567  1.000 18.84000 ? 515 PHE A CZ  1 
ATOM   606  N N   . PRO A 1 84  ? -3.05289  -7.95012  17.76734  1.000 14.00000 ? 516 PRO A N   1 
ATOM   607  C CA  . PRO A 1 84  ? -1.77456  -8.66302  17.91903  1.000 13.51000 ? 516 PRO A CA  1 
ATOM   608  C C   . PRO A 1 84  ? -1.80145  -10.03658 17.26132  1.000 13.32000 ? 516 PRO A C   1 
ATOM   609  O O   . PRO A 1 84  ? -2.68768  -10.85181 17.52637  1.000 13.64000 ? 516 PRO A O   1 
ATOM   610  C CB  . PRO A 1 84  ? -1.61598  -8.77357  19.44161  1.000 16.56000 ? 516 PRO A CB  1 
ATOM   611  C CG  . PRO A 1 84  ? -2.41406  -7.64478  19.98433  1.000 24.59000 ? 516 PRO A CG  1 
ATOM   612  C CD  . PRO A 1 84  ? -3.59498  -7.52184  19.06964  1.000 17.89000 ? 516 PRO A CD  1 
ATOM   613  N N   . GLY A 1 85  ? -0.82999  -10.27492 16.37987  1.000 11.42000 ? 517 GLY A N   1 
ATOM   614  C CA  . GLY A 1 85  ? -0.65977  -11.56538 15.74140  1.000 11.30000 ? 517 GLY A CA  1 
ATOM   615  C C   . GLY A 1 85  ? -1.67536  -11.92275 14.67885  1.000 10.25000 ? 517 GLY A C   1 
ATOM   616  O O   . GLY A 1 85  ? -1.76805  -13.08814 14.29739  1.000 11.67000 ? 517 GLY A O   1 
ATOM   617  N N   . ILE A 1 86  ? -2.42282  -10.94089 14.15888  1.000 10.79000 ? 518 ILE A N   1 
ATOM   618  C CA  . ILE A 1 86  ? -3.51376  -11.22060 13.22776  1.000 10.24000 ? 518 ILE A CA  1 
ATOM   619  C C   . ILE A 1 86  ? -3.02909  -11.91326 11.95675  1.000 11.46000 ? 518 ILE A C   1 
ATOM   620  O O   . ILE A 1 86  ? -3.78130  -12.67298 11.33779  1.000 13.96000 ? 518 ILE A O   1 
ATOM   621  C CB  . ILE A 1 86  ? -4.30274  -9.92665  12.91907  1.000 9.55000  ? 518 ILE A CB  1 
ATOM   622  C CG1 . ILE A 1 86  ? -5.58117  -10.25616 12.14362  1.000 8.93000  ? 518 ILE A CG1 1 
ATOM   623  C CG2 . ILE A 1 86  ? -3.43350  -8.90235  12.15774  1.000 10.97000 ? 518 ILE A CG2 1 
ATOM   624  C CD1 . ILE A 1 86  ? -6.50976  -9.07163  11.96864  1.000 12.55000 ? 518 ILE A CD1 1 
ATOM   625  N N   . TRP A 1 87  ? -1.77725  -11.67781 11.55459  1.000 11.44000 ? 519 TRP A N   1 
ATOM   626  C CA  . TRP A 1 87  ? -1.23063  -12.27150 10.33852  1.000 11.75000 ? 519 TRP A CA  1 
ATOM   627  C C   . TRP A 1 87  ? -0.69350  -13.67488 10.55676  1.000 11.78000 ? 519 TRP A C   1 
ATOM   628  O O   . TRP A 1 87  ? -0.28008  -14.31785 9.58595   1.000 13.82000 ? 519 TRP A O   1 
ATOM   629  C CB  . TRP A 1 87  ? -0.08470  -11.41415 9.79797   1.000 11.29000 ? 519 TRP A CB  1 
ATOM   630  C CG  . TRP A 1 87  ? -0.40576  -9.97110  9.78397   1.000 8.79000  ? 519 TRP A CG  1 
ATOM   631  C CD1 . TRP A 1 87  ? 0.07967   -9.02640  10.63232  1.000 8.73000  ? 519 TRP A CD1 1 
ATOM   632  C CD2 . TRP A 1 87  ? -1.30849  -9.30176  8.90601   1.000 7.36000  ? 519 TRP A CD2 1 
ATOM   633  N NE1 . TRP A 1 87  ? -0.46165  -7.80782  10.34396  1.000 8.44000  ? 519 TRP A NE1 1 
ATOM   634  C CE2 . TRP A 1 87  ? -1.31733  -7.94495  9.28096   1.000 7.30000  ? 519 TRP A CE2 1 
ATOM   635  C CE3 . TRP A 1 87  ? -2.10355  -9.71311  7.83418   1.000 8.59000  ? 519 TRP A CE3 1 
ATOM   636  C CZ2 . TRP A 1 87  ? -2.09204  -6.99885  8.62741   1.000 7.70000  ? 519 TRP A CZ2 1 
ATOM   637  C CZ3 . TRP A 1 87  ? -2.87229  -8.76584  7.18696   1.000 9.52000  ? 519 TRP A CZ3 1 
ATOM   638  C CH2 . TRP A 1 87  ? -2.86007  -7.42962  7.58555   1.000 8.07000  ? 519 TRP A CH2 1 
ATOM   639  N N   . GLY A 1 88  ? -0.68361  -14.15800 11.79453  1.000 12.65000 ? 520 GLY A N   1 
ATOM   640  C CA  . GLY A 1 88  ? -0.05976  -15.42314 12.08809  1.000 12.41000 ? 520 GLY A CA  1 
ATOM   641  C C   . GLY A 1 88  ? 1.40577   -15.24026 12.41541  1.000 11.65000 ? 520 GLY A C   1 
ATOM   642  O O   . GLY A 1 88  ? 1.87226   -14.13029 12.69551  1.000 12.43000 ? 520 GLY A O   1 
ATOM   643  N N   . PRO A 1 89  ? 2.16396   -16.34120 12.38233  1.000 12.58000 ? 521 PRO A N   1 
ATOM   644  C CA  . PRO A 1 89  ? 3.57384   -16.29026 12.80713  1.000 13.92000 ? 521 PRO A CA  1 
ATOM   645  C C   . PRO A 1 89  ? 4.43423   -15.28658 12.06671  1.000 12.83000 ? 521 PRO A C   1 
ATOM   646  O O   . PRO A 1 89  ? 5.43999   -14.83095 12.62299  1.000 13.53000 ? 521 PRO A O   1 
ATOM   647  C CB  . PRO A 1 89  ? 4.06386   -17.72434 12.56715  1.000 18.17000 ? 521 PRO A CB  1 
ATOM   648  C CG  . PRO A 1 89  ? 2.83375   -18.55519 12.63811  1.000 19.81000 ? 521 PRO A CG  1 
ATOM   649  C CD  . PRO A 1 89  ? 1.71198   -17.71416 12.10229  1.000 16.72000 ? 521 PRO A CD  1 
ATOM   650  N N   . VAL A 1 90  ? 4.08567   -14.92413 10.82977  1.000 12.96000 ? 522 VAL A N   1 
ATOM   651  C CA  . VAL A 1 90  ? 4.84639   -13.89412 10.13356  1.000 13.05000 ? 522 VAL A CA  1 
ATOM   652  C C   . VAL A 1 90  ? 4.89600   -12.57736 10.90652  1.000 11.43000 ? 522 VAL A C   1 
ATOM   653  O O   . VAL A 1 90  ? 5.81443   -11.78013 10.69827  1.000 10.97000 ? 522 VAL A O   1 
ATOM   654  C CB  . VAL A 1 90  ? 4.32857   -13.72317 8.68959   1.000 12.39000 ? 522 VAL A CB  1 
ATOM   655  C CG1 . VAL A 1 90  ? 3.01786   -12.96470 8.68423   1.000 12.22000 ? 522 VAL A CG1 1 
ATOM   656  C CG2 . VAL A 1 90  ? 5.37214   -13.01247 7.82862   1.000 14.59000 ? 522 VAL A CG2 1 
ATOM   657  N N   . GLN A 1 91  ? 3.93161   -12.33417 11.80776  1.000 10.92000 ? 523 GLN A N   1 
ATOM   658  C CA  . GLN A 1 91  ? 3.98365   -11.15659 12.66769  1.000 10.75000 ? 523 GLN A CA  1 
ATOM   659  C C   . GLN A 1 91  ? 5.34680   -11.01475 13.33651  1.000 11.71000 ? 523 GLN A C   1 
ATOM   660  O O   . GLN A 1 91  ? 5.81057   -9.89716  13.58563  1.000 11.61000 ? 523 GLN A O   1 
ATOM   661  C CB  . GLN A 1 91  ? 2.88160   -11.26026 13.73166  1.000 10.02000 ? 523 GLN A CB  1 
ATOM   662  C CG  . GLN A 1 91  ? 2.67273   -9.99539  14.55259  1.000 10.66000 ? 523 GLN A CG  1 
ATOM   663  C CD  . GLN A 1 91  ? 1.71016   -9.02535  13.89824  1.000 9.15000  ? 523 GLN A CD  1 
ATOM   664  O OE1 . GLN A 1 91  ? 0.51931   -9.28470  13.81945  1.000 9.68000  ? 523 GLN A OE1 1 
ATOM   665  N NE2 . GLN A 1 91  ? 2.22888   -7.89771  13.44818  1.000 10.63000 ? 523 GLN A NE2 1 
ATOM   666  N N   . LEU A 1 92  ? 6.00652   -12.14290 13.62077  1.000 10.82000 ? 524 LEU A N   1 
ATOM   667  C CA  . LEU A 1 92  ? 7.29699   -12.12813 14.30098  1.000 14.14000 ? 524 LEU A CA  1 
ATOM   668  C C   . LEU A 1 92  ? 8.40177   -11.46218 13.48450  1.000 14.66000 ? 524 LEU A C   1 
ATOM   669  O O   . LEU A 1 92  ? 9.39321   -11.00635 14.06313  1.000 19.61000 ? 524 LEU A O   1 
ATOM   670  C CB  . LEU A 1 92  ? 7.70115   -13.56056 14.67723  1.000 14.04000 ? 524 LEU A CB  1 
ATOM   671  C CG  . LEU A 1 92  ? 6.84858   -14.20020 15.77484  1.000 15.34000 ? 524 LEU A CG  1 
ATOM   672  C CD1 . LEU A 1 92  ? 7.00838   -15.72537 15.79090  1.000 13.63000 ? 524 LEU A CD1 1 
ATOM   673  C CD2 . LEU A 1 92  ? 7.21612   -13.59521 17.12147  1.000 15.63000 ? 524 LEU A CD2 1 
ATOM   674  N N   . ARG A 1 93  ? 8.26816   -11.38222 12.16179  1.000 14.92000 ? 525 ARG A N   1 
ATOM   675  C CA  . ARG A 1 93  ? 9.27681   -10.69474 11.36141  1.000 16.89000 ? 525 ARG A CA  1 
ATOM   676  C C   . ARG A 1 93  ? 8.80076   -9.36602  10.78793  1.000 14.73000 ? 525 ARG A C   1 
ATOM   677  O O   . ARG A 1 93  ? 9.46888   -8.80915  9.90956   1.000 18.25000 ? 525 ARG A O   1 
ATOM   678  C CB  . ARG A 1 93  ? 9.87644   -11.59012 10.27180  1.000 23.20000 ? 525 ARG A CB  1 
ATOM   679  C CG  . ARG A 1 93  ? 8.90550   -12.42807 9.45817   1.000 27.73000 ? 525 ARG A CG  1 
ATOM   680  C CD  . ARG A 1 93  ? 9.69368   -13.24675 8.43095   1.000 32.03000 ? 525 ARG A CD  1 
ATOM   681  N NE  . ARG A 1 93  ? 8.87071   -14.19270 7.68132   1.000 35.43000 ? 525 ARG A NE  1 
ATOM   682  C CZ  . ARG A 1 93  ? 8.46740   -14.00315 6.42773   1.000 37.30000 ? 525 ARG A CZ  1 
ATOM   683  N NH1 . ARG A 1 93  ? 8.80554   -12.89323 5.78043   1.000 32.14000 ? 525 ARG A NH1 1 
ATOM   684  N NH2 . ARG A 1 93  ? 7.72502   -14.92126 5.82002   1.000 30.96000 ? 525 ARG A NH2 1 
ATOM   685  N N   . LEU A 1 94  ? 7.67957   -8.83685  11.26623  1.000 10.80000 ? 526 LEU A N   1 
ATOM   686  C CA  . LEU A 1 94  ? 7.16425   -7.54950  10.81719  1.000 11.07000 ? 526 LEU A CA  1 
ATOM   687  C C   . LEU A 1 94  ? 7.22692   -6.53738  11.95242  1.000 11.01000 ? 526 LEU A C   1 
ATOM   688  O O   . LEU A 1 94  ? 7.47467   -6.88264  13.11212  1.000 12.32000 ? 526 LEU A O   1 
ATOM   689  C CB  . LEU A 1 94  ? 5.72119   -7.70068  10.32488  1.000 10.45000 ? 526 LEU A CB  1 
ATOM   690  C CG  . LEU A 1 94  ? 5.51639   -8.74496  9.22984   1.000 12.67000 ? 526 LEU A CG  1 
ATOM   691  C CD1 . LEU A 1 94  ? 4.03429   -8.96774  8.93735   1.000 12.85000 ? 526 LEU A CD1 1 
ATOM   692  C CD2 . LEU A 1 94  ? 6.26326   -8.33688  7.96153   1.000 15.62000 ? 526 LEU A CD2 1 
ATOM   693  N N   . GLY A 1 95  ? 7.02513   -5.26811  11.60696  1.000 10.11000 ? 527 GLY A N   1 
ATOM   694  C CA  . GLY A 1 95  ? 6.73693   -4.26776  12.60777  1.000 10.58000 ? 527 GLY A CA  1 
ATOM   695  C C   . GLY A 1 95  ? 5.34626   -4.48814  13.17555  1.000 9.90000  ? 527 GLY A C   1 
ATOM   696  O O   . GLY A 1 95  ? 4.62634   -5.41590  12.80794  1.000 12.05000 ? 527 GLY A O   1 
ATOM   697  N N   . SER A 1 96  ? 4.96370   -3.61775  14.10372  1.000 10.05000 ? 528 SER A N   1 
ATOM   698  C CA  . SER A 1 96  ? 3.63868   -3.71624  14.69715  1.000 9.58000  ? 528 SER A CA  1 
ATOM   699  C C   . SER A 1 96  ? 2.56343   -3.25194  13.71194  1.000 7.89000  ? 528 SER A C   1 
ATOM   700  O O   . SER A 1 96  ? 2.82115   -2.51016  12.75863  1.000 9.17000  ? 528 SER A O   1 
ATOM   701  C CB  . SER A 1 96  ? 3.55397   -2.89317  15.98149  1.000 11.90000 ? 528 SER A CB  1 
ATOM   702  O OG  . SER A 1 96  ? 4.37966   -3.46510  16.98816  1.000 14.60000 ? 528 SER A OG  1 
ATOM   703  N N   . ASN A 1 97  ? 1.33778   -3.68912  13.97348  1.000 7.25000  ? 529 ASN A N   1 
ATOM   704  C CA  . ASN A 1 97  ? 0.22416   -3.37721  13.09110  1.000 5.72000  ? 529 ASN A CA  1 
ATOM   705  C C   . ASN A 1 97  ? -0.18788  -1.91363  13.21562  1.000 7.30000  ? 529 ASN A C   1 
ATOM   706  O O   . ASN A 1 97  ? -0.09213  -1.30612  14.29045  1.000 7.44000  ? 529 ASN A O   1 
ATOM   707  C CB  . ASN A 1 97  ? -0.95333  -4.28184  13.43800  1.000 6.57000  ? 529 ASN A CB  1 
ATOM   708  C CG  . ASN A 1 97  ? -0.61362  -5.74026  13.23213  1.000 6.65000  ? 529 ASN A CG  1 
ATOM   709  O OD1 . ASN A 1 97  ? 0.17092   -6.07088  12.35643  1.000 7.85000  ? 529 ASN A OD1 1 
ATOM   710  N ND2 . ASN A 1 97  ? -1.18779  -6.62512  14.04396  1.000 9.52000  ? 529 ASN A ND2 1 
ATOM   711  N N   . PHE A 1 98  ? -0.65226  -1.34120  12.09899  1.000 6.35000  ? 530 PHE A N   1 
ATOM   712  C CA  . PHE A 1 98  ? -1.20692  0.00585   12.10866  1.000 6.42000  ? 530 PHE A CA  1 
ATOM   713  C C   . PHE A 1 98  ? -2.52534  0.03900   11.34324  1.000 6.34000  ? 530 PHE A C   1 
ATOM   714  O O   . PHE A 1 98  ? -2.81713  -0.82088  10.50935  1.000 5.80000  ? 530 PHE A O   1 
ATOM   715  C CB  . PHE A 1 98  ? -0.21414  1.04552   11.57425  1.000 6.38000  ? 530 PHE A CB  1 
ATOM   716  C CG  . PHE A 1 98  ? 0.32550   0.74333   10.20074  1.000 6.29000  ? 530 PHE A CG  1 
ATOM   717  C CD1 . PHE A 1 98  ? 1.48449   0.01465   10.04091  1.000 6.23000  ? 530 PHE A CD1 1 
ATOM   718  C CD2 . PHE A 1 98  ? -0.32033  1.22067   9.07904   1.000 6.28000  ? 530 PHE A CD2 1 
ATOM   719  C CE1 . PHE A 1 98  ? 1.99377   -0.24399  8.77564   1.000 7.08000  ? 530 PHE A CE1 1 
ATOM   720  C CE2 . PHE A 1 98  ? 0.17918   0.96824   7.81600   1.000 6.30000  ? 530 PHE A CE2 1 
ATOM   721  C CZ  . PHE A 1 98  ? 1.32929   0.24449   7.66000   1.000 7.51000  ? 530 PHE A CZ  1 
ATOM   722  N N   . ARG A 1 99  ? -3.34103  1.04438   11.62891  1.000 6.00000  ? 531 ARG A N   1 
ATOM   723  C CA  . ARG A 1 99  ? -4.61909  1.16147   10.94957  1.000 5.71000  ? 531 ARG A CA  1 
ATOM   724  C C   . ARG A 1 99  ? -4.47276  1.74027   9.54689   1.000 6.23000  ? 531 ARG A C   1 
ATOM   725  O O   . ARG A 1 99  ? -3.66164  2.64474   9.30122   1.000 6.25000  ? 531 ARG A O   1 
ATOM   726  C CB  . ARG A 1 99  ? -5.59122  2.00850   11.76619  1.000 7.01000  ? 531 ARG A CB  1 
ATOM   727  C CG  . ARG A 1 99  ? -5.97108  1.36464   13.08589  1.000 9.33000  ? 531 ARG A CG  1 
ATOM   728  C CD  . ARG A 1 99  ? -7.01428  2.18435   13.82652  1.000 14.05000 ? 531 ARG A CD  1 
ATOM   729  N NE  . ARG A 1 99  ? -7.36249  1.58042   15.11549  1.000 21.08000 ? 531 ARG A NE  1 
ATOM   730  C CZ  . ARG A 1 99  ? -8.20161  0.55985   15.27082  1.000 21.61000 ? 531 ARG A CZ  1 
ATOM   731  N NH1 . ARG A 1 99  ? -8.78947  0.00440   14.22165  1.000 22.35000 ? 531 ARG A NH1 1 
ATOM   732  N NH2 . ARG A 1 99  ? -8.45258  0.08861   16.48647  1.000 31.80000 ? 531 ARG A NH2 1 
ATOM   733  N N   A VAL A 1 100 ? -5.25434  1.19285   8.61985   0.660 5.58000  ? 532 VAL A N   1 
ATOM   734  N N   B VAL A 1 100 ? -5.25381  1.19214   8.61836   0.340 5.76000  ? 532 VAL A N   1 
ATOM   735  C CA  A VAL A 1 100 ? -5.33807  1.68067   7.24780   0.660 5.90000  ? 532 VAL A CA  1 
ATOM   736  C CA  B VAL A 1 100 ? -5.33045  1.69020   7.24799   0.340 5.89000  ? 532 VAL A CA  1 
ATOM   737  C C   A VAL A 1 100 ? -6.80717  1.75030   6.87010   0.660 5.96000  ? 532 VAL A C   1 
ATOM   738  C C   B VAL A 1 100 ? -6.79345  1.72888   6.83011   0.340 5.94000  ? 532 VAL A C   1 
ATOM   739  O O   A VAL A 1 100 ? -7.59259  0.86896   7.23465   0.660 6.80000  ? 532 VAL A O   1 
ATOM   740  O O   B VAL A 1 100 ? -7.56229  0.80720   7.12574   0.340 6.53000  ? 532 VAL A O   1 
ATOM   741  C CB  A VAL A 1 100 ? -4.58555  0.75778   6.26740   0.660 5.54000  ? 532 VAL A CB  1 
ATOM   742  C CB  B VAL A 1 100 ? -4.49853  0.83967   6.26213   0.340 5.62000  ? 532 VAL A CB  1 
ATOM   743  C CG1 A VAL A 1 100 ? -4.79143  1.19958   4.81795   0.660 5.37000  ? 532 VAL A CG1 1 
ATOM   744  C CG1 B VAL A 1 100 ? -3.04636  0.81001   6.68318   0.340 5.57000  ? 532 VAL A CG1 1 
ATOM   745  C CG2 A VAL A 1 100 ? -3.11296  0.73303   6.60716   0.660 5.78000  ? 532 VAL A CG2 1 
ATOM   746  C CG2 B VAL A 1 100 ? -5.04334  -0.57386  6.16967   0.340 5.44000  ? 532 VAL A CG2 1 
ATOM   747  N N   . MET A 1 101 ? -7.18366  2.80597   6.16039   1.000 5.84000  ? 533 MET A N   1 
ATOM   748  C CA  . MET A 1 101 ? -8.51976  2.94981   5.60625   1.000 6.85000  ? 533 MET A CA  1 
ATOM   749  C C   . MET A 1 101 ? -8.37517  2.77853   4.10176   1.000 5.65000  ? 533 MET A C   1 
ATOM   750  O O   . MET A 1 101 ? -7.74717  3.61066   3.44149   1.000 6.27000  ? 533 MET A O   1 
ATOM   751  C CB  . MET A 1 101 ? -9.07255  4.33771   5.92399   1.000 8.07000  ? 533 MET A CB  1 
ATOM   752  C CG  . MET A 1 101 ? -10.39058 4.64635   5.23276   1.000 9.31000  ? 533 MET A CG  1 
ATOM   753  S SD  . MET A 1 101 ? -11.06039 6.25604   5.71121   1.000 17.21000 ? 533 MET A SD  1 
ATOM   754  C CE  . MET A 1 101 ? -9.75943  7.37051   5.19516   1.000 22.33000 ? 533 MET A CE  1 
ATOM   755  N N   . TRP A 1 102 ? -8.89889  1.67837   3.56550   1.000 5.39000  ? 534 TRP A N   1 
ATOM   756  C CA  . TRP A 1 102 ? -8.92721  1.51826   2.11699   1.000 5.27000  ? 534 TRP A CA  1 
ATOM   757  C C   . TRP A 1 102 ? -9.91811  2.49686   1.51299   1.000 5.55000  ? 534 TRP A C   1 
ATOM   758  O O   . TRP A 1 102 ? -11.08834 2.54242   1.91091   1.000 6.20000  ? 534 TRP A O   1 
ATOM   759  C CB  . TRP A 1 102 ? -9.31779  0.09537   1.74439   1.000 5.35000  ? 534 TRP A CB  1 
ATOM   760  C CG  . TRP A 1 102 ? -8.23752  -0.93084  1.94854   1.000 4.82000  ? 534 TRP A CG  1 
ATOM   761  C CD1 . TRP A 1 102 ? -7.71606  -1.36226  3.13919   1.000 5.21000  ? 534 TRP A CD1 1 
ATOM   762  C CD2 . TRP A 1 102 ? -7.58079  -1.69014  0.92657   1.000 4.71000  ? 534 TRP A CD2 1 
ATOM   763  N NE1 . TRP A 1 102 ? -6.76525  -2.33607  2.91360   1.000 5.75000  ? 534 TRP A NE1 1 
ATOM   764  C CE2 . TRP A 1 102 ? -6.65364  -2.54478  1.56361   1.000 5.46000  ? 534 TRP A CE2 1 
ATOM   765  C CE3 . TRP A 1 102 ? -7.68990  -1.72644  -0.46533  1.000 5.38000  ? 534 TRP A CE3 1 
ATOM   766  C CZ2 . TRP A 1 102 ? -5.86160  -3.44050  0.86030   1.000 5.50000  ? 534 TRP A CZ2 1 
ATOM   767  C CZ3 . TRP A 1 102 ? -6.88066  -2.60976  -1.17582  1.000 5.06000  ? 534 TRP A CZ3 1 
ATOM   768  C CH2 . TRP A 1 102 ? -5.97860  -3.45359  -0.50522  1.000 5.71000  ? 534 TRP A CH2 1 
ATOM   769  N N   . LEU A 1 103 ? -9.44177  3.28372   0.55381   1.000 4.84000  ? 535 LEU A N   1 
ATOM   770  C CA  . LEU A 1 103 ? -10.26503 4.26318   -0.13413  1.000 4.55000  ? 535 LEU A CA  1 
ATOM   771  C C   . LEU A 1 103 ? -10.83029 3.72324   -1.43687  1.000 5.75000  ? 535 LEU A C   1 
ATOM   772  O O   . LEU A 1 103 ? -11.81720 4.27080   -1.94461  1.000 8.78000  ? 535 LEU A O   1 
ATOM   773  C CB  . LEU A 1 103 ? -9.44884  5.53267   -0.41393  1.000 5.97000  ? 535 LEU A CB  1 
ATOM   774  C CG  . LEU A 1 103 ? -8.97125  6.21109   0.87512   1.000 7.03000  ? 535 LEU A CG  1 
ATOM   775  C CD1 . LEU A 1 103 ? -7.91253  7.26476   0.56426   1.000 9.65000  ? 535 LEU A CD1 1 
ATOM   776  C CD2 . LEU A 1 103 ? -10.16657 6.84172   1.59858   1.000 10.15000 ? 535 LEU A CD2 1 
ATOM   777  N N   . LYS A 1 104 ? -10.24935 2.65523   -1.97305  1.000 5.00000  ? 536 LYS A N   1 
ATOM   778  C CA  . LYS A 1 104 ? -10.74757 2.06552   -3.20247  1.000 5.02000  ? 536 LYS A CA  1 
ATOM   779  C C   . LYS A 1 104 ? -10.26383 0.62802   -3.27715  1.000 5.61000  ? 536 LYS A C   1 
ATOM   780  O O   . LYS A 1 104 ? -9.10275  0.34566   -2.98132  1.000 5.89000  ? 536 LYS A O   1 
ATOM   781  C CB  . LYS A 1 104 ? -10.21437 2.82916   -4.42186  1.000 5.79000  ? 536 LYS A CB  1 
ATOM   782  C CG  . LYS A 1 104 ? -10.81322 2.36928   -5.74845  1.000 6.15000  ? 536 LYS A CG  1 
ATOM   783  C CD  . LYS A 1 104 ? -12.30687 2.66846   -5.78321  1.000 5.62000  ? 536 LYS A CD  1 
ATOM   784  C CE  . LYS A 1 104 ? -12.87585 2.35731   -7.15123  1.000 6.76000  ? 536 LYS A CE  1 
ATOM   785  N NZ  . LYS A 1 104 ? -14.29493 2.81048   -7.25419  1.000 7.95000  ? 536 LYS A NZ  1 
ATOM   786  N N   . GLN A 1 105 ? -11.16311 -0.26610  -3.66807  1.000 6.05000  ? 537 GLN A N   1 
ATOM   787  C CA  . GLN A 1 105 ? -10.82253 -1.60404  -4.13952  1.000 5.14000  ? 537 GLN A CA  1 
ATOM   788  C C   . GLN A 1 105 ? -11.08495 -1.61013  -5.63333  1.000 6.65000  ? 537 GLN A C   1 
ATOM   789  O O   . GLN A 1 105 ? -12.15125 -1.17151  -6.07006  1.000 6.94000  ? 537 GLN A O   1 
ATOM   790  C CB  . GLN A 1 105 ? -11.75172 -2.63309  -3.50152  1.000 5.90000  ? 537 GLN A CB  1 
ATOM   791  C CG  . GLN A 1 105 ? -11.51510 -2.87691  -2.03466  1.000 6.25000  ? 537 GLN A CG  1 
ATOM   792  C CD  . GLN A 1 105 ? -12.43543 -3.94472  -1.48737  1.000 6.12000  ? 537 GLN A CD  1 
ATOM   793  O OE1 . GLN A 1 105 ? -12.63384 -4.99661  -2.11575  1.000 8.25000  ? 537 GLN A OE1 1 
ATOM   794  N NE2 . GLN A 1 105 ? -12.98452 -3.69658  -0.29218  1.000 7.23000  ? 537 GLN A NE2 1 
ATOM   795  N N   . CYS A 1 106 ? -10.13473 -2.10540  -6.42001  1.000 6.25000  ? 538 CYS A N   1 
ATOM   796  C CA  . CYS A 1 106 ? -10.25010 -1.99420  -7.86787  1.000 7.42000  ? 538 CYS A CA  1 
ATOM   797  C C   . CYS A 1 106 ? -9.34030  -3.02013  -8.52226  1.000 7.54000  ? 538 CYS A C   1 
ATOM   798  O O   . CYS A 1 106 ? -8.68051  -3.81523  -7.85313  1.000 8.38000  ? 538 CYS A O   1 
ATOM   799  C CB  . CYS A 1 106 ? -9.89213  -0.57956  -8.32935  1.000 8.48000  ? 538 CYS A CB  1 
ATOM   800  S SG  . CYS A 1 106 ? -8.18187  -0.09419  -8.03232  1.000 10.65000 ? 538 CYS A SG  1 
ATOM   801  N N   . LYS A 1 107 ? -9.32342  -2.99443  -9.85051  1.000 10.27000 ? 539 LYS A N   1 
ATOM   802  C CA  . LYS A 1 107 ? -8.37339  -3.75305  -10.65040 1.000 12.53000 ? 539 LYS A CA  1 
ATOM   803  C C   . LYS A 1 107 ? -7.77405  -2.80494  -11.67586 1.000 14.33000 ? 539 LYS A C   1 
ATOM   804  O O   . LYS A 1 107 ? -8.50012  -2.24151  -12.50402 1.000 14.42000 ? 539 LYS A O   1 
ATOM   805  C CB  . LYS A 1 107 ? -9.07686  -4.92276  -11.34576 1.000 16.89000 ? 539 LYS A CB  1 
ATOM   806  C CG  . LYS A 1 107 ? -8.15091  -5.85661  -12.11900 1.000 22.43000 ? 539 LYS A CG  1 
ATOM   807  C CD  . LYS A 1 107 ? -8.92599  -6.64941  -13.15992 1.000 30.04000 ? 539 LYS A CD  1 
ATOM   808  C CE  . LYS A 1 107 ? -8.18207  -7.90823  -13.57655 1.000 35.57000 ? 539 LYS A CE  1 
ATOM   809  N NZ  . LYS A 1 107 ? -9.11602  -8.97122  -14.04419 1.000 35.94000 ? 539 LYS A NZ  1 
ATOM   810  N N   . ILE A 1 108 ? -6.46144  -2.59696  -11.60430 1.000 11.39000 ? 540 ILE A N   1 
ATOM   811  C CA  . ILE A 1 108 ? -5.74528  -1.83270  -12.62137 1.000 12.70000 ? 540 ILE A CA  1 
ATOM   812  C C   . ILE A 1 108 ? -4.40163  -2.51474  -12.86018 1.000 14.94000 ? 540 ILE A C   1 
ATOM   813  O O   . ILE A 1 108 ? -3.62760  -2.71767  -11.91957 1.000 13.20000 ? 540 ILE A O   1 
ATOM   814  C CB  . ILE A 1 108 ? -5.57895  -0.34403  -12.24925 1.000 14.56000 ? 540 ILE A CB  1 
ATOM   815  C CG1 . ILE A 1 108 ? -4.89508  0.43577   -13.37591 1.000 17.67000 ? 540 ILE A CG1 1 
ATOM   816  C CG2 . ILE A 1 108 ? -4.84432  -0.15925  -10.91660 1.000 14.39000 ? 540 ILE A CG2 1 
ATOM   817  C CD1 . ILE A 1 108 ? -4.99375  1.93458   -13.19384 1.000 19.69000 ? 540 ILE A CD1 1 
ATOM   818  N N   . GLU A 1 109 ? -4.14114  -2.91236  -14.09934 1.000 14.22000 ? 541 GLU A N   1 
ATOM   819  C CA  . GLU A 1 109 ? -2.91598  -3.63459  -14.41298 1.000 13.29000 ? 541 GLU A CA  1 
ATOM   820  C C   . GLU A 1 109 ? -1.78110  -2.66201  -14.69888 1.000 11.98000 ? 541 GLU A C   1 
ATOM   821  O O   . GLU A 1 109 ? -1.98600  -1.58375  -15.26214 1.000 11.19000 ? 541 GLU A O   1 
ATOM   822  C CB  . GLU A 1 109 ? -3.12870  -4.56235  -15.61168 1.000 20.31000 ? 541 GLU A CB  1 
ATOM   823  C CG  . GLU A 1 109 ? -4.36886  -5.44156  -15.49135 1.000 23.44000 ? 541 GLU A CG  1 
ATOM   824  C CD  . GLU A 1 109 ? -4.11055  -6.89268  -15.84762 1.000 40.98000 ? 541 GLU A CD  1 
ATOM   825  O OE1 . GLU A 1 109 ? -3.74882  -7.67222  -14.93936 1.000 53.10000 ? 541 GLU A OE1 1 
ATOM   826  O OE2 . GLU A 1 109 ? -4.28060  -7.25520  -17.03465 1.000 34.47000 ? 541 GLU A OE2 1 
ATOM   827  N N   . PHE A 1 110 ? -0.56350  -3.05518  -14.30003 1.000 11.65000 ? 542 PHE A N   1 
ATOM   828  C CA  . PHE A 1 110 ? 0.60363   -2.24260  -14.63119 1.000 11.41000 ? 542 PHE A CA  1 
ATOM   829  C C   . PHE A 1 110 ? 0.67180   -1.97635  -16.12780 1.000 10.16000 ? 542 PHE A C   1 
ATOM   830  O O   . PHE A 1 110 ? 1.06644   -0.88771  -16.55616 1.000 13.22000 ? 542 PHE A O   1 
ATOM   831  C CB  . PHE A 1 110 ? 1.89236   -2.94571  -14.19380 1.000 11.72000 ? 542 PHE A CB  1 
ATOM   832  C CG  . PHE A 1 110 ? 2.05068   -3.06887  -12.70772 1.000 11.29000 ? 542 PHE A CG  1 
ATOM   833  C CD1 . PHE A 1 110 ? 2.00903   -1.95239  -11.89072 1.000 10.91000 ? 542 PHE A CD1 1 
ATOM   834  C CD2 . PHE A 1 110 ? 2.26181   -4.30837  -12.12976 1.000 11.95000 ? 542 PHE A CD2 1 
ATOM   835  C CE1 . PHE A 1 110 ? 2.16354   -2.07973  -10.52069 1.000 12.42000 ? 542 PHE A CE1 1 
ATOM   836  C CE2 . PHE A 1 110 ? 2.42397   -4.43111  -10.76592 1.000 11.15000 ? 542 PHE A CE2 1 
ATOM   837  C CZ  . PHE A 1 110 ? 2.37321   -3.31720  -9.96515  1.000 11.29000 ? 542 PHE A CZ  1 
ATOM   838  N N   . GLU A 1 111 ? 0.29177   -2.97275  -16.93115 1.000 12.90000 ? 543 GLU A N   1 
ATOM   839  C CA  . GLU A 1 111 ? 0.32539   -2.85290  -18.38378 1.000 14.29000 ? 543 GLU A CA  1 
ATOM   840  C C   . GLU A 1 111 ? -0.66938  -1.82713  -18.90810 1.000 14.25000 ? 543 GLU A C   1 
ATOM   841  O O   . GLU A 1 111 ? -0.44759  -1.27247  -19.98846 1.000 16.73000 ? 543 GLU A O   1 
ATOM   842  C CB  . GLU A 1 111 ? 0.08386   -4.22318  -19.00964 1.000 19.67000 ? 543 GLU A CB  1 
ATOM   843  C CG  . GLU A 1 111 ? 0.82601   -5.35165  -18.29873 1.000 35.65000 ? 543 GLU A CG  1 
ATOM   844  C CD  . GLU A 1 111 ? 0.02791   -5.96376  -17.14744 1.000 40.71000 ? 543 GLU A CD  1 
ATOM   845  O OE1 . GLU A 1 111 ? -0.90870  -6.73550  -17.43427 1.000 50.69000 ? 543 GLU A OE1 1 
ATOM   846  O OE2 . GLU A 1 111 ? 0.33331   -5.68168  -15.96083 1.000 16.38000 ? 543 GLU A OE2 1 
ATOM   847  N N   . GLU A 1 112 ? -1.75217  -1.55109  -18.16819 1.000 12.74000 ? 544 GLU A N   1 
ATOM   848  C CA  . GLU A 1 112 ? -2.67282  -0.49494  -18.57170 1.000 14.02000 ? 544 GLU A CA  1 
ATOM   849  C C   . GLU A 1 112 ? -2.01675  0.87199   -18.49866 1.000 17.20000 ? 544 GLU A C   1 
ATOM   850  O O   . GLU A 1 112 ? -2.44217  1.79959   -19.19598 1.000 19.59000 ? 544 GLU A O   1 
ATOM   851  C CB  . GLU A 1 112 ? -3.92437  -0.50200  -17.69225 1.000 13.44000 ? 544 GLU A CB  1 
ATOM   852  C CG  . GLU A 1 112 ? -4.72981  -1.76982  -17.74862 1.000 18.33000 ? 544 GLU A CG  1 
ATOM   853  C CD  . GLU A 1 112 ? -6.00854  -1.66554  -16.95571 1.000 22.61000 ? 544 GLU A CD  1 
ATOM   854  O OE1 . GLU A 1 112 ? -6.81634  -0.76073  -17.26342 1.000 22.58000 ? 544 GLU A OE1 1 
ATOM   855  O OE2 . GLU A 1 112 ? -6.19746  -2.48176  -16.02648 1.000 16.85000 ? 544 GLU A OE2 1 
ATOM   856  N N   . LEU A 1 113 ? -0.99809  1.02155   -17.65503 1.000 17.30000 ? 545 LEU A N   1 
ATOM   857  C CA  . LEU A 1 113 ? -0.29693  2.28328   -17.49055 1.000 19.70000 ? 545 LEU A CA  1 
ATOM   858  C C   . LEU A 1 113 ? 0.82195   2.46961   -18.50672 1.000 20.33000 ? 545 LEU A C   1 
ATOM   859  O O   . LEU A 1 113 ? 1.46083   3.52558   -18.51909 1.000 21.81000 ? 545 LEU A O   1 
ATOM   860  C CB  . LEU A 1 113 ? 0.24792   2.39160   -16.06236 1.000 22.96000 ? 545 LEU A CB  1 
ATOM   861  C CG  . LEU A 1 113 ? -0.79699  2.18903   -14.95958 1.000 21.34000 ? 545 LEU A CG  1 
ATOM   862  C CD1 . LEU A 1 113 ? -0.16112  1.70993   -13.66055 1.000 22.69000 ? 545 LEU A CD1 1 
ATOM   863  C CD2 . LEU A 1 113 ? -1.58994  3.46729   -14.73335 1.000 25.02000 ? 545 LEU A CD2 1 
ATOM   864  N N   . GLY A 1 114 ? 1.06770   1.48361   -19.36597 1.000 20.37000 ? 546 GLY A N   1 
ATOM   865  C CA  . GLY A 1 114 ? 2.21160   1.64404   -20.23510 1.000 26.56000 ? 546 GLY A CA  1 
ATOM   866  C C   . GLY A 1 114 ? 3.49443   1.36156   -19.46405 1.000 23.61000 ? 546 GLY A C   1 
ATOM   867  O O   . GLY A 1 114 ? 3.48544   0.82321   -18.35686 1.000 23.49000 ? 546 GLY A O   1 
ATOM   868  N N   . LYS A 1 115 ? 4.61611   1.75302   -20.06362 1.000 25.47000 ? 547 LYS A N   1 
ATOM   869  C CA  . LYS A 1 115 ? 5.92868   1.43723   -19.50042 1.000 26.82000 ? 547 LYS A CA  1 
ATOM   870  C C   . LYS A 1 115 ? 6.45697   2.60157   -18.66030 1.000 27.15000 ? 547 LYS A C   1 
ATOM   871  O O   . LYS A 1 115 ? 7.38759   3.32246   -19.02489 1.000 36.20000 ? 547 LYS A O   1 
ATOM   872  C CB  . LYS A 1 115 ? 6.89233   1.00111   -20.59744 1.000 36.13000 ? 547 LYS A CB  1 
ATOM   873  C CG  . LYS A 1 115 ? 6.29501   -0.04025  -21.53278 1.000 43.12000 ? 547 LYS A CG  1 
ATOM   874  C CD  . LYS A 1 115 ? 7.37096   -0.75851  -22.32266 1.000 49.90000 ? 547 LYS A CD  1 
ATOM   875  C CE  . LYS A 1 115 ? 7.87375   0.10376   -23.46175 1.000 53.67000 ? 547 LYS A CE  1 
ATOM   876  N NZ  . LYS A 1 115 ? 8.51624   -0.70799  -24.52898 1.000 57.16000 ? 547 LYS A NZ  1 
ATOM   877  N N   . VAL A 1 116 ? 5.85044   2.74197   -17.48788 1.000 16.81000 ? 548 VAL A N   1 
ATOM   878  C CA  . VAL A 1 116 ? 6.16950   3.80823   -16.54546 1.000 12.63000 ? 548 VAL A CA  1 
ATOM   879  C C   . VAL A 1 116 ? 7.37870   3.38638   -15.72438 1.000 9.92000  ? 548 VAL A C   1 
ATOM   880  O O   . VAL A 1 116 ? 7.42475   2.26229   -15.21684 1.000 11.62000 ? 548 VAL A O   1 
ATOM   881  C CB  . VAL A 1 116 ? 4.96778   4.04514   -15.61667 1.000 14.10000 ? 548 VAL A CB  1 
ATOM   882  C CG1 . VAL A 1 116 ? 5.30345   5.06264   -14.53811 1.000 14.62000 ? 548 VAL A CG1 1 
ATOM   883  C CG2 . VAL A 1 116 ? 3.72813   4.45081   -16.41940 1.000 16.30000 ? 548 VAL A CG2 1 
ATOM   884  N N   . THR A 1 117 ? 8.35667   4.27836   -15.58043 1.000 11.83000 ? 549 THR A N   1 
ATOM   885  C CA  . THR A 1 117 ? 9.46673   4.05434   -14.66219 1.000 10.33000 ? 549 THR A CA  1 
ATOM   886  C C   . THR A 1 117 ? 9.40958   5.04961   -13.51373 1.000 11.04000 ? 549 THR A C   1 
ATOM   887  O O   . THR A 1 117 ? 8.76173   6.09574   -13.59356 1.000 11.63000 ? 549 THR A O   1 
ATOM   888  C CB  . THR A 1 117 ? 10.82142  4.17566   -15.36515 1.000 10.13000 ? 549 THR A CB  1 
ATOM   889  O OG1 . THR A 1 117 ? 10.95160  5.47799   -15.93327 1.000 13.94000 ? 549 THR A OG1 1 
ATOM   890  C CG2 . THR A 1 117 ? 10.96615  3.11496   -16.44351 1.000 13.06000 ? 549 THR A CG2 1 
ATOM   891  N N   . ASN A 1 118 ? 10.11696  4.71733   -12.43772 1.000 8.37000  ? 550 ASN A N   1 
ATOM   892  C CA  . ASN A 1 118 ? 10.07158  5.50208   -11.21031 1.000 8.16000  ? 550 ASN A CA  1 
ATOM   893  C C   . ASN A 1 118 ? 11.42026  6.17154   -10.97552 1.000 7.83000  ? 550 ASN A C   1 
ATOM   894  O O   . ASN A 1 118 ? 12.40544  5.48154   -10.65053 1.000 7.39000  ? 550 ASN A O   1 
ATOM   895  C CB  . ASN A 1 118 ? 9.70751   4.56849   -10.05390 1.000 7.75000  ? 550 ASN A CB  1 
ATOM   896  C CG  . ASN A 1 118 ? 9.58096   5.27091   -8.72919  1.000 7.93000  ? 550 ASN A CG  1 
ATOM   897  O OD1 . ASN A 1 118 ? 9.86169   6.45949   -8.60165  1.000 6.89000  ? 550 ASN A OD1 1 
ATOM   898  N ND2 . ASN A 1 118 ? 9.17182   4.51463   -7.70172  1.000 8.12000  ? 550 ASN A ND2 1 
ATOM   899  N N   . PRO A 1 119 ? 11.50944  7.49883   -11.12878 1.000 7.63000  ? 551 PRO A N   1 
ATOM   900  C CA  . PRO A 1 119 ? 12.79294  8.19248   -10.91649 1.000 8.73000  ? 551 PRO A CA  1 
ATOM   901  C C   . PRO A 1 119 ? 13.28006  8.14626   -9.48386  1.000 8.95000  ? 551 PRO A C   1 
ATOM   902  O O   . PRO A 1 119 ? 14.46290  8.41007   -9.23881  1.000 10.70000 ? 551 PRO A O   1 
ATOM   903  C CB  . PRO A 1 119 ? 12.49757  9.63488   -11.35994 1.000 11.25000 ? 551 PRO A CB  1 
ATOM   904  C CG  . PRO A 1 119 ? 10.99840  9.79319   -11.13578 1.000 10.86000 ? 551 PRO A CG  1 
ATOM   905  C CD  . PRO A 1 119 ? 10.41516  8.43642   -11.45777 1.000 9.07000  ? 551 PRO A CD  1 
ATOM   906  N N   . TRP A 1 120 ? 12.41070  7.83476   -8.52987  1.000 8.69000  ? 552 TRP A N   1 
ATOM   907  C CA  . TRP A 1 120 ? 12.80476  7.68123   -7.13785  1.000 9.47000  ? 552 TRP A CA  1 
ATOM   908  C C   . TRP A 1 120 ? 13.15835  6.24091   -6.78828  1.000 10.93000 ? 552 TRP A C   1 
ATOM   909  O O   . TRP A 1 120 ? 13.36623  5.92866   -5.60907  1.000 12.94000 ? 552 TRP A O   1 
ATOM   910  C CB  . TRP A 1 120 ? 11.69010  8.16921   -6.21508  1.000 9.19000  ? 552 TRP A CB  1 
ATOM   911  C CG  . TRP A 1 120 ? 11.47113  9.65580   -6.23195  1.000 9.19000  ? 552 TRP A CG  1 
ATOM   912  C CD1 . TRP A 1 120 ? 12.06232  10.58529  -7.04904  1.000 9.94000  ? 552 TRP A CD1 1 
ATOM   913  C CD2 . TRP A 1 120 ? 10.60233  10.38396  -5.36563  1.000 9.34000  ? 552 TRP A CD2 1 
ATOM   914  N NE1 . TRP A 1 120 ? 11.59317  11.85006  -6.74672  1.000 11.44000 ? 552 TRP A NE1 1 
ATOM   915  C CE2 . TRP A 1 120 ? 10.70402  11.74584  -5.70777  1.000 9.62000  ? 552 TRP A CE2 1 
ATOM   916  C CE3 . TRP A 1 120 ? 9.74638   10.00954  -4.32649  1.000 8.09000  ? 552 TRP A CE3 1 
ATOM   917  C CZ2 . TRP A 1 120 ? 9.97334   12.73438  -5.05399  1.000 9.62000  ? 552 TRP A CZ2 1 
ATOM   918  C CZ3 . TRP A 1 120 ? 9.03082   10.99080  -3.67315  1.000 9.30000  ? 552 TRP A CZ3 1 
ATOM   919  C CH2 . TRP A 1 120 ? 9.13768   12.33426  -4.04634  1.000 8.13000  ? 552 TRP A CH2 1 
ATOM   920  N N   . ASN A 1 121 ? 13.20787  5.35860   -7.77890  1.000 7.77000  ? 553 ASN A N   1 
ATOM   921  C CA  . ASN A 1 121 ? 13.58479  3.96768   -7.57961  1.000 7.44000  ? 553 ASN A CA  1 
ATOM   922  C C   . ASN A 1 121 ? 14.48629  3.49664   -8.72009  1.000 5.94000  ? 553 ASN A C   1 
ATOM   923  O O   . ASN A 1 121 ? 14.26461  2.45348   -9.33617  1.000 6.54000  ? 553 ASN A O   1 
ATOM   924  C CB  . ASN A 1 121 ? 12.34178  3.09360   -7.44930  1.000 8.12000  ? 553 ASN A CB  1 
ATOM   925  C CG  . ASN A 1 121 ? 12.65865  1.70063   -6.94773  1.000 8.20000  ? 553 ASN A CG  1 
ATOM   926  O OD1 . ASN A 1 121 ? 13.58276  1.51417   -6.15286  1.000 10.40000 ? 553 ASN A OD1 1 
ATOM   927  N ND2 . ASN A 1 121 ? 11.90997  0.71526   -7.41936  1.000 8.53000  ? 553 ASN A ND2 1 
ATOM   928  N N   . ASP A 1 122 ? 15.53696  4.27807   -8.99280  1.000 6.63000  ? 554 ASP A N   1 
ATOM   929  C CA  . ASP A 1 122 ? 16.63588  3.85989   -9.86797  1.000 6.20000  ? 554 ASP A CA  1 
ATOM   930  C C   . ASP A 1 122 ? 16.15802  3.56778   -11.28564 1.000 6.41000  ? 554 ASP A C   1 
ATOM   931  O O   . ASP A 1 122 ? 16.72143  2.70853   -11.98092 1.000 6.93000  ? 554 ASP A O   1 
ATOM   932  C CB  . ASP A 1 122 ? 17.40352  2.65998   -9.29205  1.000 5.78000  ? 554 ASP A CB  1 
ATOM   933  C CG  . ASP A 1 122 ? 18.32177  3.03614   -8.13292  1.000 7.54000  ? 554 ASP A CG  1 
ATOM   934  O OD1 . ASP A 1 122 ? 18.65640  4.21232   -7.99468  1.000 7.26000  ? 554 ASP A OD1 1 
ATOM   935  O OD2 . ASP A 1 122 ? 18.74030  2.14459   -7.34624  1.000 9.09000  ? 554 ASP A OD2 1 
ATOM   936  N N   . ASP A 1 123 ? 15.12053  4.28430   -11.72470 1.000 6.17000  ? 555 ASP A N   1 
ATOM   937  C CA  . ASP A 1 123 ? 14.56106  4.14690   -13.06592 1.000 6.67000  ? 555 ASP A CA  1 
ATOM   938  C C   . ASP A 1 123 ? 13.95298  2.76862   -13.31166 1.000 7.40000  ? 555 ASP A C   1 
ATOM   939  O O   . ASP A 1 123 ? 13.80967  2.34527   -14.45962 1.000 7.27000  ? 555 ASP A O   1 
ATOM   940  C CB  . ASP A 1 123 ? 15.58149  4.52405   -14.15598 1.000 6.99000  ? 555 ASP A CB  1 
ATOM   941  C CG  . ASP A 1 123 ? 14.93123  4.85393   -15.50013 1.000 7.64000  ? 555 ASP A CG  1 
ATOM   942  O OD1 . ASP A 1 123 ? 13.88307  5.53374   -15.50716 1.000 7.92000  ? 555 ASP A OD1 1 
ATOM   943  O OD2 . ASP A 1 123 ? 15.47855  4.45067   -16.55092 1.000 6.78000  ? 555 ASP A OD2 1 
ATOM   944  N N   . LEU A 1 124 ? 13.57553  2.05941   -12.24350 1.000 8.22000  ? 556 LEU A N   1 
ATOM   945  C CA  . LEU A 1 124 ? 12.94350  0.75801   -12.38869 1.000 7.05000  ? 556 LEU A CA  1 
ATOM   946  C C   . LEU A 1 124 ? 11.50458  0.92374   -12.86997 1.000 7.65000  ? 556 LEU A C   1 
ATOM   947  O O   . LEU A 1 124 ? 10.83077  1.89213   -12.51497 1.000 8.27000  ? 556 LEU A O   1 
ATOM   948  C CB  . LEU A 1 124 ? 12.90899  0.02613   -11.04623 1.000 7.44000  ? 556 LEU A CB  1 
ATOM   949  C CG  . LEU A 1 124 ? 14.19025  -0.71585  -10.65956 1.000 8.84000  ? 556 LEU A CG  1 
ATOM   950  C CD1 . LEU A 1 124 ? 14.24455  -0.98848  -9.15994  1.000 9.32000  ? 556 LEU A CD1 1 
ATOM   951  C CD2 . LEU A 1 124 ? 14.35156  -2.01666  -11.43722 1.000 10.81000 ? 556 LEU A CD2 1 
ATOM   952  N N   . PRO A 1 125 ? 11.00034  -0.03572  -13.64381 1.000 8.41000  ? 557 PRO A N   1 
ATOM   953  C CA  . PRO A 1 125 ? 9.57841   -0.03168  -13.99499 1.000 9.18000  ? 557 PRO A CA  1 
ATOM   954  C C   . PRO A 1 125 ? 8.70971   -0.00448  -12.74701 1.000 9.49000  ? 557 PRO A C   1 
ATOM   955  O O   . PRO A 1 125 ? 9.04447   -0.59046  -11.71469 1.000 8.57000  ? 557 PRO A O   1 
ATOM   956  C CB  . PRO A 1 125 ? 9.40289   -1.35702  -14.74608 1.000 10.16000 ? 557 PRO A CB  1 
ATOM   957  C CG  . PRO A 1 125 ? 10.75441  -1.65870  -15.30462 1.000 11.00000 ? 557 PRO A CG  1 
ATOM   958  C CD  . PRO A 1 125 ? 11.72416  -1.16418  -14.25883 1.000 8.57000  ? 557 PRO A CD  1 
ATOM   959  N N   . LEU A 1 126 ? 7.58012   0.69336   -12.84691 1.000 9.35000  ? 558 LEU A N   1 
ATOM   960  C CA  . LEU A 1 126 ? 6.61881   0.67453   -11.75599 1.000 9.53000  ? 558 LEU A CA  1 
ATOM   961  C C   . LEU A 1 126 ? 6.28408   -0.75743  -11.35394 1.000 8.66000  ? 558 LEU A C   1 
ATOM   962  O O   . LEU A 1 126 ? 6.20522   -1.07977  -10.16259 1.000 10.46000 ? 558 LEU A O   1 
ATOM   963  C CB  . LEU A 1 126 ? 5.36439   1.42007   -12.21491 1.000 11.71000 ? 558 LEU A CB  1 
ATOM   964  C CG  . LEU A 1 126 ? 4.24176   1.60644   -11.21077 1.000 12.28000 ? 558 LEU A CG  1 
ATOM   965  C CD1 . LEU A 1 126 ? 4.70130   2.47394   -10.06813 1.000 15.38000 ? 558 LEU A CD1 1 
ATOM   966  C CD2 . LEU A 1 126 ? 3.05404   2.22934   -11.91811 1.000 13.03000 ? 558 LEU A CD2 1 
ATOM   967  N N   . ARG A 1 127 ? 6.15455   -1.64689  -12.33996 1.000 9.79000  ? 559 ARG A N   1 
ATOM   968  C CA  . ARG A 1 127 ? 5.78958   -3.02954  -12.06981 1.000 11.14000 ? 559 ARG A CA  1 
ATOM   969  C C   . ARG A 1 127 ? 6.84788   -3.78057  -11.27335 1.000 10.93000 ? 559 ARG A C   1 
ATOM   970  O O   . ARG A 1 127 ? 6.52336   -4.80250  -10.66292 1.000 13.23000 ? 559 ARG A O   1 
ATOM   971  C CB  . ARG A 1 127 ? 5.48057   -3.75996  -13.38253 1.000 15.42000 ? 559 ARG A CB  1 
ATOM   972  C CG  . ARG A 1 127 ? 6.69846   -4.05125  -14.24952 1.000 17.88000 ? 559 ARG A CG  1 
ATOM   973  C CD  . ARG A 1 127 ? 6.29671   -4.68778  -15.57850 1.000 23.76000 ? 559 ARG A CD  1 
ATOM   974  N NE  . ARG A 1 127 ? 5.08419   -5.48676  -15.44371 1.000 35.80000 ? 559 ARG A NE  1 
ATOM   975  C CZ  . ARG A 1 127 ? 4.04004   -5.40889  -16.26343 1.000 42.53000 ? 559 ARG A CZ  1 
ATOM   976  N NH1 . ARG A 1 127 ? 4.05474   -4.56823  -17.29126 1.000 46.93000 ? 559 ARG A NH1 1 
ATOM   977  N NH2 . ARG A 1 127 ? 2.97941   -6.17429  -16.05266 1.000 34.42000 ? 559 ARG A NH2 1 
ATOM   978  N N   . LYS A 1 128 ? 8.09822   -3.30476  -11.25794 1.000 9.84000  ? 560 LYS A N   1 
ATOM   979  C CA  . LYS A 1 128 ? 9.16729   -3.94957  -10.50414 1.000 9.19000  ? 560 LYS A CA  1 
ATOM   980  C C   . LYS A 1 128 ? 9.36503   -3.34977  -9.11677  1.000 9.62000  ? 560 LYS A C   1 
ATOM   981  O O   . LYS A 1 128 ? 10.36869  -3.64970  -8.46218  1.000 10.85000 ? 560 LYS A O   1 
ATOM   982  C CB  . LYS A 1 128 ? 10.48496  -3.92736  -11.29273 1.000 11.91000 ? 560 LYS A CB  1 
ATOM   983  C CG  . LYS A 1 128 ? 10.41310  -4.63331  -12.63781 1.000 18.73000 ? 560 LYS A CG  1 
ATOM   984  C CD  . LYS A 1 128 ? 10.90408  -6.06904  -12.55491 1.000 27.13000 ? 560 LYS A CD  1 
ATOM   985  C CE  . LYS A 1 128 ? 10.70567  -6.79492  -13.88299 1.000 28.75000 ? 560 LYS A CE  1 
ATOM   986  N NZ  . LYS A 1 128 ? 11.92199  -6.74734  -14.73274 1.000 34.19000 ? 560 LYS A NZ  1 
ATOM   987  N N   . SER A 1 129 ? 8.44048   -2.51330  -8.65886  1.000 7.57000  ? 561 SER A N   1 
ATOM   988  C CA  . SER A 1 129 ? 8.57443   -1.87949  -7.35221  1.000 8.73000  ? 561 SER A CA  1 
ATOM   989  C C   . SER A 1 129 ? 8.49682   -2.90547  -6.23208  1.000 8.55000  ? 561 SER A C   1 
ATOM   990  O O   . SER A 1 129 ? 7.56129   -3.71549  -6.17966  1.000 9.65000  ? 561 SER A O   1 
ATOM   991  C CB  . SER A 1 129 ? 7.46803   -0.84871  -7.13166  1.000 9.10000  ? 561 SER A CB  1 
ATOM   992  O OG  . SER A 1 129 ? 7.47101   0.14545   -8.13939  1.000 9.51000  ? 561 SER A OG  1 
ATOM   993  N N   A ARG A 1 130 ? 9.47602   -2.87192  -5.33392  0.530 8.92000  ? 562 ARG A N   1 
ATOM   994  N N   B ARG A 1 130 ? 9.46832   -2.84863  -5.32435  0.470 8.81000  ? 562 ARG A N   1 
ATOM   995  C CA  A ARG A 1 130 ? 9.41620   -3.71127  -4.14974  0.530 8.80000  ? 562 ARG A CA  1 
ATOM   996  C CA  B ARG A 1 130 ? 9.47353   -3.66569  -4.12128  0.470 8.48000  ? 562 ARG A CA  1 
ATOM   997  C C   A ARG A 1 130 ? 8.54529   -3.05632  -3.07550  0.530 6.96000  ? 562 ARG A C   1 
ATOM   998  C C   B ARG A 1 130 ? 8.61718   -3.01892  -3.03174  0.470 6.98000  ? 562 ARG A C   1 
ATOM   999  O O   A ARG A 1 130 ? 8.13051   -1.90061  -3.18103  0.530 7.79000  ? 562 ARG A O   1 
ATOM   1000 O O   B ARG A 1 130 ? 8.28439   -1.83140  -3.08240  0.470 6.82000  ? 562 ARG A O   1 
ATOM   1001 C CB  A ARG A 1 130 ? 10.82001  -4.01259  -3.62248  0.530 11.75000 ? 562 ARG A CB  1 
ATOM   1002 C CB  B ARG A 1 130 ? 10.90539  -3.85458  -3.61587  0.470 11.33000 ? 562 ARG A CB  1 
ATOM   1003 C CG  A ARG A 1 130 ? 11.52213  -2.82310  -2.99583  0.530 15.61000 ? 562 ARG A CG  1 
ATOM   1004 C CG  B ARG A 1 130 ? 11.74256  -4.80030  -4.46550  0.470 14.70000 ? 562 ARG A CG  1 
ATOM   1005 C CD  A ARG A 1 130 ? 13.03713  -2.92925  -3.13422  0.530 23.64000 ? 562 ARG A CD  1 
ATOM   1006 C CD  B ARG A 1 130 ? 11.48797  -6.24647  -4.06866  0.470 20.40000 ? 562 ARG A CD  1 
ATOM   1007 N NE  A ARG A 1 130 ? 13.57017  -4.14400  -2.52225  0.530 29.47000 ? 562 ARG A NE  1 
ATOM   1008 N NE  B ARG A 1 130 ? 12.67301  -7.08445  -4.23035  0.470 25.31000 ? 562 ARG A NE  1 
ATOM   1009 C CZ  A ARG A 1 130 ? 14.01584  -4.21668  -1.27196  0.530 31.07000 ? 562 ARG A CZ  1 
ATOM   1010 C CZ  B ARG A 1 130 ? 12.91146  -8.18528  -3.52463  0.470 26.43000 ? 562 ARG A CZ  1 
ATOM   1011 N NH1 A ARG A 1 130 ? 13.99289  -3.14272  -0.49509  0.530 30.84000 ? 562 ARG A NH1 1 
ATOM   1012 N NH1 B ARG A 1 130 ? 12.04786  -8.58734  -2.60239  0.470 25.39000 ? 562 ARG A NH1 1 
ATOM   1013 N NH2 A ARG A 1 130 ? 14.48723  -5.36395  -0.79993  0.530 30.43000 ? 562 ARG A NH2 1 
ATOM   1014 N NH2 B ARG A 1 130 ? 14.01628  -8.88605  -3.74053  0.470 28.67000 ? 562 ARG A NH2 1 
ATOM   1015 N N   . ASP A 1 131 ? 8.27063   -3.82276  -2.02672  1.000 6.46000  ? 563 ASP A N   1 
ATOM   1016 C CA  . ASP A 1 131 ? 7.44020   -3.35400  -0.92546  1.000 6.16000  ? 563 ASP A CA  1 
ATOM   1017 C C   . ASP A 1 131 ? 8.05279   -2.11381  -0.27888  1.000 5.90000  ? 563 ASP A C   1 
ATOM   1018 O O   . ASP A 1 131 ? 9.25200   -2.09273  0.03333   1.000 7.76000  ? 563 ASP A O   1 
ATOM   1019 C CB  . ASP A 1 131 ? 7.35973   -4.48520  0.10213   1.000 5.69000  ? 563 ASP A CB  1 
ATOM   1020 C CG  . ASP A 1 131 ? 6.48048   -4.14958  1.27627   1.000 7.31000  ? 563 ASP A CG  1 
ATOM   1021 O OD1 . ASP A 1 131 ? 5.30785   -3.77734  1.05830   1.000 6.88000  ? 563 ASP A OD1 1 
ATOM   1022 O OD2 . ASP A 1 131 ? 6.96175   -4.29066  2.42749   1.000 8.55000  ? 563 ASP A OD2 1 
ATOM   1023 N N   . GLY A 1 132 ? 7.22690   -1.07294  -0.09432  1.000 5.75000  ? 564 GLY A N   1 
ATOM   1024 C CA  . GLY A 1 132 ? 7.65259   0.17283   0.51346   1.000 6.18000  ? 564 GLY A CA  1 
ATOM   1025 C C   . GLY A 1 132 ? 8.26177   1.19604   -0.42531  1.000 6.53000  ? 564 GLY A C   1 
ATOM   1026 O O   . GLY A 1 132 ? 8.69190   2.25517   0.04218   1.000 8.47000  ? 564 GLY A O   1 
ATOM   1027 N N   . THR A 1 133 ? 8.27603   0.94135   -1.73042  1.000 6.45000  ? 565 THR A N   1 
ATOM   1028 C CA  . THR A 1 133 ? 8.86416   1.88143   -2.67716  1.000 6.73000  ? 565 THR A CA  1 
ATOM   1029 C C   . THR A 1 133 ? 8.02690   3.15230   -2.74267  1.000 6.95000  ? 565 THR A C   1 
ATOM   1030 O O   . THR A 1 133 ? 6.82576   3.10037   -3.00426  1.000 7.20000  ? 565 THR A O   1 
ATOM   1031 C CB  . THR A 1 133 ? 8.90356   1.23914   -4.06522  1.000 7.54000  ? 565 THR A CB  1 
ATOM   1032 O OG1 . THR A 1 133 ? 9.79715   0.11268   -4.05980  1.000 8.93000  ? 565 THR A OG1 1 
ATOM   1033 C CG2 . THR A 1 133 ? 9.36503   2.23677   -5.12752  1.000 9.06000  ? 565 THR A CG2 1 
ATOM   1034 N N   . GLU A 1 134 ? 8.66084   4.30566   -2.55632  1.000 6.36000  ? 566 GLU A N   1 
ATOM   1035 C CA  . GLU A 1 134 ? 7.94480   5.56760   -2.69900  1.000 6.38000  ? 566 GLU A CA  1 
ATOM   1036 C C   . GLU A 1 134 ? 7.89803   5.96543   -4.16864  1.000 6.36000  ? 566 GLU A C   1 
ATOM   1037 O O   . GLU A 1 134 ? 8.82680   5.69278   -4.92627  1.000 6.55000  ? 566 GLU A O   1 
ATOM   1038 C CB  . GLU A 1 134 ? 8.60717   6.66341   -1.86348  1.000 6.59000  ? 566 GLU A CB  1 
ATOM   1039 C CG  . GLU A 1 134 ? 7.73693   7.92398   -1.78354  1.000 7.24000  ? 566 GLU A CG  1 
ATOM   1040 C CD  . GLU A 1 134 ? 8.15552   8.90886   -0.71446  1.000 8.16000  ? 566 GLU A CD  1 
ATOM   1041 O OE1 . GLU A 1 134 ? 9.14724   8.67482   0.00988   1.000 9.04000  ? 566 GLU A OE1 1 
ATOM   1042 O OE2 . GLU A 1 134 ? 7.47102   9.94467   -0.60026  1.000 8.45000  ? 566 GLU A OE2 1 
ATOM   1043 N N   . VAL A 1 135 ? 6.79306   6.57710   -4.58290  1.000 7.07000  ? 567 VAL A N   1 
ATOM   1044 C CA  . VAL A 1 135 ? 6.70549   7.16780   -5.91767  1.000 8.13000  ? 567 VAL A CA  1 
ATOM   1045 C C   . VAL A 1 135 ? 6.57268   8.68378   -5.79944  1.000 6.25000  ? 567 VAL A C   1 
ATOM   1046 O O   . VAL A 1 135 ? 6.00179   9.19209   -4.81670  1.000 6.53000  ? 567 VAL A O   1 
ATOM   1047 C CB  . VAL A 1 135 ? 5.55926   6.58172   -6.76610  1.000 8.49000  ? 567 VAL A CB  1 
ATOM   1048 C CG1 . VAL A 1 135 ? 5.78383   5.11546   -7.06660  1.000 8.88000  ? 567 VAL A CG1 1 
ATOM   1049 C CG2 . VAL A 1 135 ? 4.22237   6.76435   -6.07732  1.000 8.40000  ? 567 VAL A CG2 1 
ATOM   1050 N N   . PRO A 1 136 ? 7.05312   9.44077   -6.78317  1.000 6.68000  ? 568 PRO A N   1 
ATOM   1051 C CA  . PRO A 1 136 ? 6.88019   10.88942  -6.73062  1.000 7.93000  ? 568 PRO A CA  1 
ATOM   1052 C C   . PRO A 1 136 ? 5.41413   11.24895  -6.71504  1.000 8.17000  ? 568 PRO A C   1 
ATOM   1053 O O   . PRO A 1 136 ? 4.56952   10.53712  -7.29420  1.000 6.65000  ? 568 PRO A O   1 
ATOM   1054 C CB  . PRO A 1 136 ? 7.55235   11.37029  -8.02813  1.000 10.14000 ? 568 PRO A CB  1 
ATOM   1055 C CG  . PRO A 1 136 ? 8.42197   10.25947  -8.44971  1.000 9.94000  ? 568 PRO A CG  1 
ATOM   1056 C CD  . PRO A 1 136 ? 7.72883   9.01358   -8.02066  1.000 8.03000  ? 568 PRO A CD  1 
ATOM   1057 N N   . PRO A 1 137 ? 5.05861   12.37877  -6.10265  1.000 9.03000  ? 569 PRO A N   1 
ATOM   1058 C CA  . PRO A 1 137 ? 3.63979   12.74278  -5.98239  1.000 8.97000  ? 569 PRO A CA  1 
ATOM   1059 C C   . PRO A 1 137 ? 2.91440   12.89677  -7.31069  1.000 9.45000  ? 569 PRO A C   1 
ATOM   1060 O O   . PRO A 1 137 ? 1.72687   12.56188  -7.38755  1.000 10.00000 ? 569 PRO A O   1 
ATOM   1061 C CB  . PRO A 1 137 ? 3.67611   14.05414  -5.18399  1.000 12.44000 ? 569 PRO A CB  1 
ATOM   1062 C CG  . PRO A 1 137 ? 5.05688   14.59620  -5.38526  1.000 16.09000 ? 569 PRO A CG  1 
ATOM   1063 C CD  . PRO A 1 137 ? 5.94806   13.38401  -5.49513  1.000 10.97000 ? 569 PRO A CD  1 
ATOM   1064 N N   . ALA A 1 138 ? 3.58149   13.37913  -8.36457  1.000 10.48000 ? 570 ALA A N   1 
ATOM   1065 C CA  . ALA A 1 138 ? 2.92079   13.48432  -9.66405  1.000 13.26000 ? 570 ALA A CA  1 
ATOM   1066 C C   . ALA A 1 138 ? 2.40938   12.12821  -10.12892 1.000 12.82000 ? 570 ALA A C   1 
ATOM   1067 O O   . ALA A 1 138 ? 1.29826   12.01952  -10.65824 1.000 15.77000 ? 570 ALA A O   1 
ATOM   1068 C CB  . ALA A 1 138 ? 3.88318   14.06944  -10.70022 1.000 15.50000 ? 570 ALA A CB  1 
ATOM   1069 N N   . LEU A 1 139 ? 3.20425   11.07810  -9.93110  1.000 8.50000  ? 571 LEU A N   1 
ATOM   1070 C CA  . LEU A 1 139 ? 2.78003   9.74140   -10.33325 1.000 7.57000  ? 571 LEU A CA  1 
ATOM   1071 C C   . LEU A 1 139 ? 1.80315   9.13304   -9.32416  1.000 6.79000  ? 571 LEU A C   1 
ATOM   1072 O O   . LEU A 1 139 ? 0.76869   8.58016   -9.70967  1.000 6.88000  ? 571 LEU A O   1 
ATOM   1073 C CB  . LEU A 1 139 ? 4.01075   8.85047   -10.53711 1.000 7.53000  ? 571 LEU A CB  1 
ATOM   1074 C CG  . LEU A 1 139 ? 3.79003   7.35926   -10.74023 1.000 8.23000  ? 571 LEU A CG  1 
ATOM   1075 C CD1 . LEU A 1 139 ? 2.93446   7.09252   -11.95577 1.000 8.31000  ? 571 LEU A CD1 1 
ATOM   1076 C CD2 . LEU A 1 139 ? 5.13413   6.66104   -10.89147 1.000 8.63000  ? 571 LEU A CD2 1 
ATOM   1077 N N   . GLY A 1 140 ? 2.11201   9.23428   -8.02874  1.000 6.57000  ? 572 GLY A N   1 
ATOM   1078 C CA  . GLY A 1 140 ? 1.23727   8.65560   -7.01919  1.000 6.14000  ? 572 GLY A CA  1 
ATOM   1079 C C   . GLY A 1 140 ? -0.16318  9.23098   -7.05098  1.000 5.99000  ? 572 GLY A C   1 
ATOM   1080 O O   . GLY A 1 140 ? -1.14832  8.49357   -6.95921  1.000 5.79000  ? 572 GLY A O   1 
ATOM   1081 N N   A SER A 1 141 ? -0.27410  10.55481  -7.18141  0.560 7.64000  ? 573 SER A N   1 
ATOM   1082 N N   B SER A 1 141 ? -0.27185  10.55514  -7.19357  0.440 7.13000  ? 573 SER A N   1 
ATOM   1083 C CA  A SER A 1 141 ? -1.59163  11.17833  -7.23537  0.560 7.56000  ? 573 SER A CA  1 
ATOM   1084 C CA  B SER A 1 141 ? -1.58709  11.18666  -7.23504  0.440 6.97000  ? 573 SER A CA  1 
ATOM   1085 C C   A SER A 1 141 ? -2.39917  10.64606  -8.41116  0.560 7.19000  ? 573 SER A C   1 
ATOM   1086 C C   B SER A 1 141 ? -2.40518  10.68564  -8.41761  0.440 6.82000  ? 573 SER A C   1 
ATOM   1087 O O   A SER A 1 141 ? -3.57624  10.30014  -8.26037  0.560 6.83000  ? 573 SER A O   1 
ATOM   1088 O O   B SER A 1 141 ? -3.60050  10.40457  -8.27576  0.440 6.57000  ? 573 SER A O   1 
ATOM   1089 C CB  A SER A 1 141 ? -1.46465  12.70023  -7.30701  0.560 9.42000  ? 573 SER A CB  1 
ATOM   1090 C CB  B SER A 1 141 ? -1.44801  12.71029  -7.27413  0.440 7.97000  ? 573 SER A CB  1 
ATOM   1091 O OG  A SER A 1 141 ? -2.73817  13.31682  -7.21756  0.560 11.62000 ? 573 SER A OG  1 
ATOM   1092 O OG  B SER A 1 141 ? -0.79761  13.13851  -8.45833  0.440 9.12000  ? 573 SER A OG  1 
ATOM   1093 N N   . LEU A 1 142 ? -1.77291  10.55066  -9.59005  1.000 6.53000  ? 574 LEU A N   1 
ATOM   1094 C CA  . LEU A 1 142 ? -2.48060  10.04895  -10.76529 1.000 7.15000  ? 574 LEU A CA  1 
ATOM   1095 C C   . LEU A 1 142 ? -2.87866  8.58756   -10.61279 1.000 6.26000  ? 574 LEU A C   1 
ATOM   1096 O O   . LEU A 1 142 ? -3.97525  8.20193   -11.02269 1.000 6.83000  ? 574 LEU A O   1 
ATOM   1097 C CB  . LEU A 1 142 ? -1.64057  10.24014  -12.02391 1.000 8.15000  ? 574 LEU A CB  1 
ATOM   1098 C CG  . LEU A 1 142 ? -1.50814  11.67634  -12.51690 1.000 10.63000 ? 574 LEU A CG  1 
ATOM   1099 C CD1 . LEU A 1 142 ? -0.49633  11.71092  -13.64567 1.000 12.52000 ? 574 LEU A CD1 1 
ATOM   1100 C CD2 . LEU A 1 142 ? -2.84816  12.18593  -13.00153 1.000 14.02000 ? 574 LEU A CD2 1 
ATOM   1101 N N   . LEU A 1 143 ? -2.00455  7.75466   -10.03112 1.000 4.99000  ? 575 LEU A N   1 
ATOM   1102 C CA  . LEU A 1 143 ? -2.38233  6.36366   -9.80206  1.000 5.41000  ? 575 LEU A CA  1 
ATOM   1103 C C   . LEU A 1 143 ? -3.63525  6.27852   -8.94678  1.000 5.76000  ? 575 LEU A C   1 
ATOM   1104 O O   . LEU A 1 143 ? -4.55332  5.50908   -9.24081  1.000 6.37000  ? 575 LEU A O   1 
ATOM   1105 C CB  . LEU A 1 143 ? -1.22210  5.59913   -9.15703  1.000 5.35000  ? 575 LEU A CB  1 
ATOM   1106 C CG  . LEU A 1 143 ? 0.02458   5.43597   -10.03700 1.000 6.80000  ? 575 LEU A CG  1 
ATOM   1107 C CD1 . LEU A 1 143 ? 1.16394   4.84613   -9.23029  1.000 7.00000  ? 575 LEU A CD1 1 
ATOM   1108 C CD2 . LEU A 1 143 ? -0.27786  4.58910   -11.26886 1.000 9.08000  ? 575 LEU A CD2 1 
ATOM   1109 N N   . CYS A 1 144 ? -3.69682  7.08804   -7.89639  1.000 5.43000  ? 576 CYS A N   1 
ATOM   1110 C CA  . CYS A 1 144 ? -4.86643  7.08366   -7.03032  1.000 6.49000  ? 576 CYS A CA  1 
ATOM   1111 C C   . CYS A 1 144 ? -6.08862  7.62920   -7.76407  1.000 6.18000  ? 576 CYS A C   1 
ATOM   1112 O O   . CYS A 1 144 ? -7.18622  7.08106   -7.63723  1.000 6.92000  ? 576 CYS A O   1 
ATOM   1113 C CB  . CYS A 1 144 ? -4.54490  7.92180   -5.79541  1.000 6.69000  ? 576 CYS A CB  1 
ATOM   1114 S SG  . CYS A 1 144 ? -3.37505  7.11702   -4.67152  1.000 7.51000  ? 576 CYS A SG  1 
ATOM   1115 N N   . THR A 1 145 ? -5.91790  8.70083   -8.54333  1.000 7.13000  ? 577 THR A N   1 
ATOM   1116 C CA  . THR A 1 145 ? -7.02451  9.23664   -9.33500  1.000 7.61000  ? 577 THR A CA  1 
ATOM   1117 C C   . THR A 1 145 ? -7.57487  8.18916   -10.29553 1.000 8.22000  ? 577 THR A C   1 
ATOM   1118 O O   . THR A 1 145 ? -8.78926  7.95609   -10.35239 1.000 8.12000  ? 577 THR A O   1 
ATOM   1119 C CB  . THR A 1 145 ? -6.57382  10.48751  -10.09047 1.000 8.25000  ? 577 THR A CB  1 
ATOM   1120 O OG1 . THR A 1 145 ? -6.24887  11.51877  -9.15531  1.000 11.41000 ? 577 THR A OG1 1 
ATOM   1121 C CG2 . THR A 1 145 ? -7.68825  10.98436  -10.99297 1.000 11.08000 ? 577 THR A CG2 1 
ATOM   1122 N N   . TRP A 1 146 ? -6.69354  7.51537   -11.02843 1.000 7.47000  ? 578 TRP A N   1 
ATOM   1123 C CA  . TRP A 1 146 ? -7.15238  6.48975   -11.96025 1.000 8.45000  ? 578 TRP A CA  1 
ATOM   1124 C C   . TRP A 1 146 ? -7.84911  5.33529   -11.24481 1.000 8.31000  ? 578 TRP A C   1 
ATOM   1125 O O   . TRP A 1 146 ? -8.85863  4.81627   -11.73475 1.000 9.47000  ? 578 TRP A O   1 
ATOM   1126 C CB  . TRP A 1 146 ? -5.99368  5.98155   -12.80535 1.000 8.27000  ? 578 TRP A CB  1 
ATOM   1127 C CG  . TRP A 1 146 ? -5.50220  7.00080   -13.78896 1.000 8.31000  ? 578 TRP A CG  1 
ATOM   1128 C CD1 . TRP A 1 146 ? -6.25641  7.90207   -14.49166 1.000 10.97000 ? 578 TRP A CD1 1 
ATOM   1129 C CD2 . TRP A 1 146 ? -4.14374  7.24150   -14.15093 1.000 8.82000  ? 578 TRP A CD2 1 
ATOM   1130 N NE1 . TRP A 1 146 ? -5.44084  8.67413   -15.28623 1.000 10.51000 ? 578 TRP A NE1 1 
ATOM   1131 C CE2 . TRP A 1 146 ? -4.14054  8.28619   -15.09598 1.000 8.65000  ? 578 TRP A CE2 1 
ATOM   1132 C CE3 . TRP A 1 146 ? -2.92701  6.66308   -13.78031 1.000 9.25000  ? 578 TRP A CE3 1 
ATOM   1133 C CZ2 . TRP A 1 146 ? -2.96492  8.77401   -15.66181 1.000 9.32000  ? 578 TRP A CZ2 1 
ATOM   1134 C CZ3 . TRP A 1 146 ? -1.76156  7.14717   -14.34533 1.000 11.22000 ? 578 TRP A CZ3 1 
ATOM   1135 C CH2 . TRP A 1 146 ? -1.79009  8.19135   -15.28006 1.000 10.49000 ? 578 TRP A CH2 1 
ATOM   1136 N N   . MET A 1 147 ? -7.32492  4.91362   -10.08957 1.000 7.39000  ? 579 MET A N   1 
ATOM   1137 C CA  . MET A 1 147 ? -8.00137  3.86305   -9.32453  1.000 7.91000  ? 579 MET A CA  1 
ATOM   1138 C C   . MET A 1 147 ? -9.38960  4.31088   -8.87820  1.000 7.97000  ? 579 MET A C   1 
ATOM   1139 O O   . MET A 1 147 ? -10.35662 3.54311   -8.97497  1.000 7.82000  ? 579 MET A O   1 
ATOM   1140 C CB  . MET A 1 147 ? -7.14274  3.44506   -8.13338  1.000 7.05000  ? 579 MET A CB  1 
ATOM   1141 C CG  . MET A 1 147 ? -5.94748  2.62131   -8.53970  1.000 7.29000  ? 579 MET A CG  1 
ATOM   1142 S SD  . MET A 1 147 ? -5.14612  1.75027   -7.18362  1.000 7.06000  ? 579 MET A SD  1 
ATOM   1143 C CE  . MET A 1 147 ? -3.66976  2.73965   -6.99628  1.000 7.91000  ? 579 MET A CE  1 
ATOM   1144 N N   A SER A 1 148 ? -9.51317  5.56570   -8.43021  0.460 7.59000  ? 580 SER A N   1 
ATOM   1145 N N   B SER A 1 148 ? -9.51295  5.55002   -8.39490  0.540 7.73000  ? 580 SER A N   1 
ATOM   1146 C CA  A SER A 1 148 ? -10.77702 6.08400   -7.91140  0.460 8.02000  ? 580 SER A CA  1 
ATOM   1147 C CA  B SER A 1 148 ? -10.81027 6.01723   -7.91213  0.540 8.34000  ? 580 SER A CA  1 
ATOM   1148 C C   A SER A 1 148 ? -11.83728 6.27233   -8.98589  0.460 8.92000  ? 580 SER A C   1 
ATOM   1149 C C   B SER A 1 148 ? -11.85667 6.04287   -9.01702  0.540 9.93000  ? 580 SER A C   1 
ATOM   1150 O O   A SER A 1 148 ? -13.02101 6.40052   -8.64760  0.460 7.62000  ? 580 SER A O   1 
ATOM   1151 O O   B SER A 1 148 ? -13.03789 5.78950   -8.75123  0.540 10.03000 ? 580 SER A O   1 
ATOM   1152 C CB  A SER A 1 148 ? -10.54444 7.42225   -7.21396  0.460 8.48000  ? 580 SER A CB  1 
ATOM   1153 C CB  B SER A 1 148 ? -10.67828 7.39019   -7.24906  0.540 9.28000  ? 580 SER A CB  1 
ATOM   1154 O OG  A SER A 1 148 ? -9.86509  7.24514   -5.98832  0.460 9.36000  ? 580 SER A OG  1 
ATOM   1155 O OG  B SER A 1 148 ? -10.36125 8.40421   -8.18753  0.540 9.97000  ? 580 SER A OG  1 
ATOM   1156 N N   . GLN A 1 149 ? -11.44559 6.31971   -10.25407 1.000 9.79000  ? 581 GLN A N   1 
ATOM   1157 C CA  . GLN A 1 149 ? -12.37390 6.51843   -11.35855 1.000 10.47000 ? 581 GLN A CA  1 
ATOM   1158 C C   . GLN A 1 149 ? -12.86011 5.22129   -11.98641 1.000 11.91000 ? 581 GLN A C   1 
ATOM   1159 O O   . GLN A 1 149 ? -13.72090 5.26270   -12.87106 1.000 18.43000 ? 581 GLN A O   1 
ATOM   1160 C CB  . GLN A 1 149 ? -11.73322 7.43549   -12.39719 1.000 12.17000 ? 581 GLN A CB  1 
ATOM   1161 C CG  . GLN A 1 149 ? -11.58043 8.82475   -11.83831 1.000 11.88000 ? 581 GLN A CG  1 
ATOM   1162 C CD  . GLN A 1 149 ? -10.72894 9.73332   -12.68914 1.000 15.22000 ? 581 GLN A CD  1 
ATOM   1163 O OE1 . GLN A 1 149 ? -9.96992  9.27677   -13.54634 1.000 16.09000 ? 581 GLN A OE1 1 
ATOM   1164 N NE2 . GLN A 1 149 ? -10.85067 11.04076  -12.45338 1.000 17.86000 ? 581 GLN A NE2 1 
ATOM   1165 N N   . ARG A 1 150 ? -12.37446 4.09399   -11.53571 1.000 11.50000 ? 582 ARG A N   1 
ATOM   1166 C CA  . ARG A 1 150 ? -12.76784 2.77223   -11.98783 1.000 12.66000 ? 582 ARG A CA  1 
ATOM   1167 C C   . ARG A 1 150 ? -13.90045 2.24312   -11.12072 1.000 12.11000 ? 582 ARG A C   1 
ATOM   1168 O O   . ARG A 1 150 ? -14.10232 2.70940   -9.99393  1.000 8.85000  ? 582 ARG A O   1 
ATOM   1169 C CB  . ARG A 1 150 ? -11.56483 1.83337   -11.90746 1.000 16.55000 ? 582 ARG A CB  1 
ATOM   1170 C CG  . ARG A 1 150 ? -10.72096 1.90337   -13.15945 1.000 30.33000 ? 582 ARG A CG  1 
ATOM   1171 C CD  . ARG A 1 150 ? -9.25596  1.66013   -12.89029 1.000 25.25000 ? 582 ARG A CD  1 
ATOM   1172 N NE  . ARG A 1 150 ? -8.48380  1.87342   -14.11134 1.000 33.52000 ? 582 ARG A NE  1 
ATOM   1173 C CZ  . ARG A 1 150 ? -8.18470  0.91555   -14.98101 1.000 31.44000 ? 582 ARG A CZ  1 
ATOM   1174 N NH1 . ARG A 1 150 ? -8.59146  -0.32792  -14.76489 1.000 29.50000 ? 582 ARG A NH1 1 
ATOM   1175 N NH2 . ARG A 1 150 ? -7.48239  1.20248   -16.06938 1.000 39.32000 ? 582 ARG A NH2 1 
ATOM   1176 N N   . PRO A 1 151 ? -14.69343 1.30040   -11.63170 1.000 12.87000 ? 583 PRO A N   1 
ATOM   1177 C CA  . PRO A 1 151 ? -15.67114 0.62857   -10.76966 1.000 11.97000 ? 583 PRO A CA  1 
ATOM   1178 C C   . PRO A 1 151 ? -14.93918 -0.07549  -9.64214  1.000 9.57000  ? 583 PRO A C   1 
ATOM   1179 O O   . PRO A 1 151 ? -13.82733 -0.57480  -9.81112  1.000 11.54000 ? 583 PRO A O   1 
ATOM   1180 C CB  . PRO A 1 151 ? -16.33359 -0.39381  -11.69934 1.000 16.77000 ? 583 PRO A CB  1 
ATOM   1181 C CG  . PRO A 1 151 ? -16.01758 0.05192   -13.08345 1.000 18.30000 ? 583 PRO A CG  1 
ATOM   1182 C CD  . PRO A 1 151 ? -14.74521 0.82875   -13.02665 1.000 17.21000 ? 583 PRO A CD  1 
ATOM   1183 N N   . SER A 1 152 ? -15.56767 -0.10936  -8.47515  1.000 8.93000  ? 584 SER A N   1 
ATOM   1184 C CA  . SER A 1 152 ? -14.97026 -0.84837  -7.37281  1.000 8.35000  ? 584 SER A CA  1 
ATOM   1185 C C   . SER A 1 152 ? -15.01875 -2.33626  -7.68841  1.000 9.50000  ? 584 SER A C   1 
ATOM   1186 O O   . SER A 1 152 ? -15.97713 -2.82600  -8.29466  1.000 14.83000 ? 584 SER A O   1 
ATOM   1187 C CB  . SER A 1 152 ? -15.72399 -0.57066  -6.07594  1.000 8.37000  ? 584 SER A CB  1 
ATOM   1188 O OG  . SER A 1 152 ? -15.48555 0.74499   -5.60693  1.000 7.97000  ? 584 SER A OG  1 
ATOM   1189 N N   . GLU A 1 153 ? -13.96322 -3.05535  -7.31846  1.000 9.28000  ? 585 GLU A N   1 
ATOM   1190 C CA  . GLU A 1 153 ? -13.90385 -4.50390  -7.46958  1.000 12.24000 ? 585 GLU A CA  1 
ATOM   1191 C C   . GLU A 1 153 ? -14.20561 -5.13699  -6.12001  1.000 11.72000 ? 585 GLU A C   1 
ATOM   1192 O O   . GLU A 1 153 ? -13.65840 -4.70740  -5.10103  1.000 10.36000 ? 585 GLU A O   1 
ATOM   1193 C CB  . GLU A 1 153 ? -12.50165 -4.92215  -7.91771  1.000 14.91000 ? 585 GLU A CB  1 
ATOM   1194 C CG  . GLU A 1 153 ? -12.26074 -6.41461  -7.93996  1.000 21.42000 ? 585 GLU A CG  1 
ATOM   1195 C CD  . GLU A 1 153 ? -12.54863 -7.01605  -9.29988  1.000 30.69000 ? 585 GLU A CD  1 
ATOM   1196 O OE1 . GLU A 1 153 ? -13.19549 -6.33400  -10.12488 1.000 24.87000 ? 585 GLU A OE1 1 
ATOM   1197 O OE2 . GLU A 1 153 ? -12.12551 -8.16603  -9.54212  1.000 42.26000 ? 585 GLU A OE2 1 
ATOM   1198 N N   . ASP A 1 154 ? -15.06407 -6.15642  -6.11389  1.000 12.23000 ? 586 ASP A N   1 
ATOM   1199 C CA  . ASP A 1 154 ? -15.32690 -6.92407  -4.89566  1.000 11.53000 ? 586 ASP A CA  1 
ATOM   1200 C C   . ASP A 1 154 ? -14.20489 -7.94281  -4.73663  1.000 10.82000 ? 586 ASP A C   1 
ATOM   1201 O O   . ASP A 1 154 ? -14.31179 -9.09774  -5.15662  1.000 11.91000 ? 586 ASP A O   1 
ATOM   1202 C CB  . ASP A 1 154 ? -16.68093 -7.61579  -4.97865  1.000 13.86000 ? 586 ASP A CB  1 
ATOM   1203 C CG  . ASP A 1 154 ? -17.05510 -8.33776  -3.69203  1.000 14.91000 ? 586 ASP A CG  1 
ATOM   1204 O OD1 . ASP A 1 154 ? -16.26940 -8.33026  -2.71862  1.000 14.09000 ? 586 ASP A OD1 1 
ATOM   1205 O OD2 . ASP A 1 154 ? -18.16621 -8.91064  -3.64986  1.000 22.32000 ? 586 ASP A OD2 1 
ATOM   1206 N N   . LEU A 1 155 ? -13.10733 -7.51405  -4.11384  1.000 10.35000 ? 587 LEU A N   1 
ATOM   1207 C CA  . LEU A 1 155 ? -11.94384 -8.38723  -4.00331  1.000 11.37000 ? 587 LEU A CA  1 
ATOM   1208 C C   . LEU A 1 155 ? -12.25224 -9.65694  -3.22152  1.000 12.48000 ? 587 LEU A C   1 
ATOM   1209 O O   . LEU A 1 155 ? -11.62331 -10.69394 -3.46053  1.000 13.38000 ? 587 LEU A O   1 
ATOM   1210 C CB  . LEU A 1 155 ? -10.78121 -7.63898  -3.36078  1.000 10.80000 ? 587 LEU A CB  1 
ATOM   1211 C CG  . LEU A 1 155 ? -10.23926 -6.45533  -4.16197  1.000 11.28000 ? 587 LEU A CG  1 
ATOM   1212 C CD1 . LEU A 1 155 ? -9.26367  -5.67026  -3.31437  1.000 10.52000 ? 587 LEU A CD1 1 
ATOM   1213 C CD2 . LEU A 1 155 ? -9.57983  -6.94039  -5.44352  1.000 14.60000 ? 587 LEU A CD2 1 
ATOM   1214 N N   . LEU A 1 156 ? -13.20833 -9.61056  -2.29441  1.000 10.91000 ? 588 LEU A N   1 
ATOM   1215 C CA  . LEU A 1 156 ? -13.48667 -10.79006 -1.47986  1.000 12.90000 ? 588 LEU A CA  1 
ATOM   1216 C C   . LEU A 1 156 ? -14.42580 -11.77843 -2.15402  1.000 13.69000 ? 588 LEU A C   1 
ATOM   1217 O O   . LEU A 1 156 ? -14.61672 -12.88361 -1.62287  1.000 14.80000 ? 588 LEU A O   1 
ATOM   1218 C CB  . LEU A 1 156 ? -14.00687 -10.40775 -0.08807  1.000 14.91000 ? 588 LEU A CB  1 
ATOM   1219 C CG  . LEU A 1 156 ? -12.92957 -10.06978 0.95363   1.000 19.28000 ? 588 LEU A CG  1 
ATOM   1220 C CD1 . LEU A 1 156 ? -11.88115 -9.22093  0.33797   1.000 22.01000 ? 588 LEU A CD1 1 
ATOM   1221 C CD2 . LEU A 1 156 ? -13.48852 -9.38101  2.18069   1.000 27.04000 ? 588 LEU A CD2 1 
ATOM   1222 N N   . ALA A 1 157 ? -14.98711 -11.42921 -3.30798  1.000 14.27000 ? 589 ALA A N   1 
ATOM   1223 C CA  . ALA A 1 157 ? -15.90194 -12.32426 -4.00085  1.000 16.07000 ? 589 ALA A CA  1 
ATOM   1224 C C   . ALA A 1 157 ? -15.17583 -13.58719 -4.43881  1.000 20.16000 ? 589 ALA A C   1 
ATOM   1225 O O   . ALA A 1 157 ? -14.07495 -13.52766 -4.99492  1.000 18.84000 ? 589 ALA A O   1 
ATOM   1226 C CB  . ALA A 1 157 ? -16.48474 -11.61723 -5.22340  1.000 17.56000 ? 589 ALA A CB  1 
ATOM   1227 N N   . GLY A 1 158 ? -15.80346 -14.73425 -4.18412  1.000 20.75000 ? 590 GLY A N   1 
ATOM   1228 C CA  . GLY A 1 158 ? -15.28057 -16.00152 -4.65594  1.000 22.74000 ? 590 GLY A CA  1 
ATOM   1229 C C   . GLY A 1 158 ? -14.02517 -16.47248 -3.96369  1.000 21.54000 ? 590 GLY A C   1 
ATOM   1230 O O   . GLY A 1 158 ? -13.31354 -17.32395 -4.50508  1.000 24.09000 ? 590 GLY A O   1 
ATOM   1231 N N   . THR A 1 159 ? -13.73022 -15.94485 -2.78073  1.000 18.89000 ? 591 THR A N   1 
ATOM   1232 C CA  . THR A 1 159 ? -12.53376 -16.32170 -2.04130  1.000 18.33000 ? 591 THR A CA  1 
ATOM   1233 C C   . THR A 1 159 ? -12.87280 -17.35679 -0.97317  1.000 24.38000 ? 591 THR A C   1 
ATOM   1234 O O   . THR A 1 159 ? -11.98237 -18.00540 -0.42533  1.000 31.89000 ? 591 THR A O   1 
ATOM   1235 C CB  . THR A 1 159 ? -11.87471 -15.09613 -1.37419  1.000 20.65000 ? 591 THR A CB  1 
ATOM   1236 O OG1 . THR A 1 159 ? -12.78043 -14.52328 -0.42739  1.000 19.44000 ? 591 THR A OG1 1 
ATOM   1237 C CG2 . THR A 1 159 ? -11.51270 -14.04636 -2.41613  1.000 20.13000 ? 591 THR A CG2 1 
HETATM 1238 O O1  . PG4 B 2 .   ? -4.22762  13.88195  -5.01787  1.000 37.06000 ? 601 PG4 A O1  1 
HETATM 1239 C C1  . PG4 B 2 .   ? -5.30494  13.02365  -5.27281  1.000 28.87000 ? 601 PG4 A C1  1 
HETATM 1240 C C2  . PG4 B 2 .   ? -5.01795  11.68148  -4.60292  1.000 23.64000 ? 601 PG4 A C2  1 
HETATM 1241 O O2  . PG4 B 2 .   ? -5.61377  11.67923  -3.33346  1.000 21.72000 ? 601 PG4 A O2  1 
HETATM 1242 C C3  . PG4 B 2 .   ? -5.69894  10.40525  -2.75731  1.000 21.12000 ? 601 PG4 A C3  1 
HETATM 1243 C C4  . PG4 B 2 .   ? -6.45869  10.49690  -1.43617  1.000 21.14000 ? 601 PG4 A C4  1 
HETATM 1244 O O3  . PG4 B 2 .   ? -5.81271  11.43686  -0.63252  1.000 20.60000 ? 601 PG4 A O3  1 
HETATM 1245 C C5  . PG4 B 2 .   ? -6.19489  11.41806  0.71501   1.000 22.12000 ? 601 PG4 A C5  1 
HETATM 1246 C C6  . PG4 B 2 .   ? -7.30536  12.44855  0.91399   1.000 22.92000 ? 601 PG4 A C6  1 
HETATM 1247 O O4  . PG4 B 2 .   ? -6.79308  13.72733  0.68538   1.000 24.08000 ? 601 PG4 A O4  1 
HETATM 1248 C C7  . PG4 B 2 .   ? -7.77536  14.72779  0.67558   1.000 26.11000 ? 601 PG4 A C7  1 
HETATM 1249 N N12 . OYK C 3 .   ? 5.20396   -10.34501 4.83998   0.810 12.04000 ? 602 OYK A N12 1 
HETATM 1250 C C01 . OYK C 3 .   ? 7.78783   -8.90375  3.78910   0.810 15.77000 ? 602 OYK A C01 1 
HETATM 1251 C C03 . OYK C 3 .   ? 6.20798   -7.02684  4.14632   0.810 9.16000  ? 602 OYK A C03 1 
HETATM 1252 C C05 . OYK C 3 .   ? 5.43727   -9.01985  4.62335   0.810 11.40000 ? 602 OYK A C05 1 
HETATM 1253 C C06 . OYK C 3 .   ? 4.44298   -8.10553  4.87201   0.810 9.03000  ? 602 OYK A C06 1 
HETATM 1254 C C07 . OYK C 3 .   ? 3.20836   -8.59432  5.35485   0.810 10.61000 ? 602 OYK A C07 1 
HETATM 1255 C C09 . OYK C 3 .   ? 0.90721   -8.06497  6.29195   0.810 7.40000  ? 602 OYK A C09 1 
HETATM 1256 C C11 . OYK C 3 .   ? 4.03574   -10.76705 5.28906   0.810 10.47000 ? 602 OYK A C11 1 
HETATM 1257 N N02 . OYK C 3 .   ? 6.51628   -8.31849  4.17499   0.810 11.45000 ? 602 OYK A N02 1 
HETATM 1258 N N04 . OYK C 3 .   ? 4.95289   -6.87041  4.57055   0.810 9.79000  ? 602 OYK A N04 1 
HETATM 1259 N N08 . OYK C 3 .   ? 2.14495   -7.66402  5.64626   0.810 9.22000  ? 602 OYK A N08 1 
HETATM 1260 N N10 . OYK C 3 .   ? 3.05594   -9.90226  5.54530   0.810 9.81000  ? 602 OYK A N10 1 
HETATM 1261 O O   . HOH D 4 .   ? -13.34455 -4.34036  -11.30481 1.000 33.17000 ? 701 HOH A O   1 
HETATM 1262 O O   . HOH D 4 .   ? -17.31124 2.24376   -5.33370  1.000 26.93000 ? 702 HOH A O   1 
HETATM 1263 O O   . HOH D 4 .   ? 3.22901   -9.82387  2.14391   1.000 19.15000 ? 703 HOH A O   1 
HETATM 1264 O O   . HOH D 4 .   ? -3.42293  1.84518   17.46422  1.000 28.01000 ? 704 HOH A O   1 
HETATM 1265 O O   . HOH D 4 .   ? -9.84582  7.46169   -15.21489 1.000 26.42000 ? 705 HOH A O   1 
HETATM 1266 O O   . HOH D 4 .   ? 11.08723  -7.03892  9.25203   1.000 30.00000 ? 706 HOH A O   1 
HETATM 1267 O O   . HOH D 4 .   ? -14.50259 -7.12249  -1.43939  1.000 14.35000 ? 707 HOH A O   1 
HETATM 1268 O O   . HOH D 4 .   ? 6.80408   -8.78636  -3.79206  1.000 32.69000 ? 708 HOH A O   1 
HETATM 1269 O O   . HOH D 4 .   ? -0.18699  -14.35126 7.06882   1.000 32.29000 ? 709 HOH A O   1 
HETATM 1270 O O   . HOH D 4 .   ? 6.68660   -12.69544 4.36184   1.000 35.44000 ? 710 HOH A O   1 
HETATM 1271 O O   . HOH D 4 .   ? 9.23085   20.07639  2.96924   1.000 35.93000 ? 711 HOH A O   1 
HETATM 1272 O O   . HOH D 4 .   ? -4.47107  13.38513  -9.33535  1.000 25.55000 ? 712 HOH A O   1 
HETATM 1273 O O   . HOH D 4 .   ? 11.53105  4.97702   -4.04347  1.000 20.26000 ? 713 HOH A O   1 
HETATM 1274 O O   . HOH D 4 .   ? -4.54766  -12.93739 7.42187   1.000 16.96000 ? 714 HOH A O   1 
HETATM 1275 O O   . HOH D 4 .   ? 3.55012   15.94288  13.28247  1.000 25.67000 ? 715 HOH A O   1 
HETATM 1276 O O   . HOH D 4 .   ? -4.60578  -5.13317  22.57778  1.000 30.76000 ? 716 HOH A O   1 
HETATM 1277 O O   . HOH D 4 .   ? 9.20377   -5.61265  2.86810   1.000 17.38000 ? 717 HOH A O   1 
HETATM 1278 O O   . HOH D 4 .   ? -8.48080  10.91747  -14.98206 1.000 18.76000 ? 718 HOH A O   1 
HETATM 1279 O O   . HOH D 4 .   ? -2.65027  -13.43567 5.69132   1.000 11.56000 ? 719 HOH A O   1 
HETATM 1280 O O   . HOH D 4 .   ? 3.25250   0.34651   -15.70889 1.000 22.98000 ? 720 HOH A O   1 
HETATM 1281 O O   . HOH D 4 .   ? 13.05022  7.57423   -14.01841 1.000 19.70000 ? 721 HOH A O   1 
HETATM 1282 O O   . HOH D 4 .   ? 0.43424   -11.92628 -4.14355  1.000 14.99000 ? 722 HOH A O   1 
HETATM 1283 O O   . HOH D 4 .   ? 12.23297  0.45129   -3.03481  1.000 30.41000 ? 723 HOH A O   1 
HETATM 1284 O O   . HOH D 4 .   ? 4.35057   -2.40523  10.43809  1.000 8.61000  ? 724 HOH A O   1 
HETATM 1285 O O   . HOH D 4 .   ? 11.04634  6.84394   0.46794   1.000 19.49000 ? 725 HOH A O   1 
HETATM 1286 O O   . HOH D 4 .   ? 6.91271   14.47472  4.29080   1.000 14.95000 ? 726 HOH A O   1 
HETATM 1287 O O   . HOH D 4 .   ? -3.75118  18.24883  3.66059   1.000 15.65000 ? 727 HOH A O   1 
HETATM 1288 O O   . HOH D 4 .   ? 5.31587   18.52723  10.85341  1.000 21.94000 ? 728 HOH A O   1 
HETATM 1289 O O   . HOH D 4 .   ? 5.46308   10.30894  -2.36990  1.000 7.36000  ? 729 HOH A O   1 
HETATM 1290 O O   . HOH D 4 .   ? 16.16458  8.17837   -11.33702 1.000 14.77000 ? 730 HOH A O   1 
HETATM 1291 O O   . HOH D 4 .   ? 5.41303   -7.68042  1.32387   1.000 19.99000 ? 731 HOH A O   1 
HETATM 1292 O O   . HOH D 4 .   ? 1.14940   -11.95566 6.31460   1.000 19.18000 ? 732 HOH A O   1 
HETATM 1293 O O   . HOH D 4 .   ? 1.88236   15.71271  -2.41401  1.000 28.67000 ? 733 HOH A O   1 
HETATM 1294 O O   . HOH D 4 .   ? -9.29842  -17.60219 -0.75252  1.000 25.96000 ? 734 HOH A O   1 
HETATM 1295 O O   . HOH D 4 .   ? 5.48611   -4.27739  -8.07551  1.000 11.82000 ? 735 HOH A O   1 
HETATM 1296 O O   . HOH D 4 .   ? 3.87228   -7.35576  -13.75269 1.000 42.96000 ? 736 HOH A O   1 
HETATM 1297 O O   . HOH D 4 .   ? -11.75806 -1.85477  -11.07153 1.000 12.69000 ? 737 HOH A O   1 
HETATM 1298 O O   . HOH D 4 .   ? 9.69020   1.31628   -9.24594  1.000 12.47000 ? 738 HOH A O   1 
HETATM 1299 O O   . HOH D 4 .   ? 4.94098   12.99482  -2.47621  1.000 18.66000 ? 739 HOH A O   1 
HETATM 1300 O O   . HOH D 4 .   ? 4.08652   -4.20698  3.48147   1.000 6.80000  ? 740 HOH A O   1 
HETATM 1301 O O   . HOH D 4 .   ? 11.15621  -4.05745  0.31910   1.000 27.76000 ? 741 HOH A O   1 
HETATM 1302 O O   . HOH D 4 .   ? -10.29266 -18.72711 1.62336   1.000 32.15000 ? 742 HOH A O   1 
HETATM 1303 O O   . HOH D 4 .   ? -8.76359  0.32682   11.39703  1.000 19.49000 ? 743 HOH A O   1 
HETATM 1304 O O   . HOH D 4 .   ? 7.39131   -16.44648 8.23963   1.000 24.72000 ? 744 HOH A O   1 
HETATM 1305 O O   . HOH D 4 .   ? -14.47549 5.42393   -6.40507  1.000 20.95000 ? 745 HOH A O   1 
HETATM 1306 O O   . HOH D 4 .   ? -18.70220 -2.57767  -8.66592  1.000 38.25000 ? 746 HOH A O   1 
HETATM 1307 O O   . HOH D 4 .   ? -5.17567  -10.35951 18.62199  1.000 22.73000 ? 747 HOH A O   1 
HETATM 1308 O O   . HOH D 4 .   ? 10.21574  8.19141   5.59233   1.000 21.24000 ? 748 HOH A O   1 
HETATM 1309 O O   . HOH D 4 .   ? -0.29964  11.44926  8.38808   1.000 8.27000  ? 749 HOH A O   1 
HETATM 1310 O O   . HOH D 4 .   ? -7.35355  -15.63661 -3.15506  1.000 17.47000 ? 750 HOH A O   1 
HETATM 1311 O O   . HOH D 4 .   ? -12.79793 9.63179   -8.66261  1.000 34.28000 ? 751 HOH A O   1 
HETATM 1312 O O   . HOH D 4 .   ? 8.78112   12.63228  10.69081  1.000 29.75000 ? 752 HOH A O   1 
HETATM 1313 O O   . HOH D 4 .   ? 0.59651   -5.03312  16.52600  1.000 12.66000 ? 753 HOH A O   1 
HETATM 1314 O O   . HOH D 4 .   ? -1.07318  -20.56914 5.97732   1.000 13.85000 ? 754 HOH A O   1 
HETATM 1315 O O   . HOH D 4 .   ? -9.26314  4.81626   -14.50113 1.000 26.59000 ? 755 HOH A O   1 
HETATM 1316 O O   . HOH D 4 .   ? -4.64607  9.75322   10.69307  1.000 13.27000 ? 756 HOH A O   1 
HETATM 1317 O O   . HOH D 4 .   ? 10.54924  -0.61332  12.90268  1.000 25.91000 ? 757 HOH A O   1 
HETATM 1318 O O   . HOH D 4 .   ? -4.17932  16.42069  -3.82708  1.000 31.63000 ? 758 HOH A O   1 
HETATM 1319 O O   . HOH D 4 .   ? -8.54574  13.03839  -8.62129  1.000 38.38000 ? 759 HOH A O   1 
HETATM 1320 O O   . HOH D 4 .   ? 5.07189   -7.43542  14.72304  1.000 25.30000 ? 760 HOH A O   1 
HETATM 1321 O O   . HOH D 4 .   ? -1.71226  9.60163   6.64385   1.000 8.06000  ? 761 HOH A O   1 
HETATM 1322 O O   . HOH D 4 .   ? -6.77942  -4.79874  18.61694  1.000 24.12000 ? 762 HOH A O   1 
HETATM 1323 O O   . HOH D 4 .   ? 8.10705   9.78594   13.50614  1.000 28.31000 ? 763 HOH A O   1 
HETATM 1324 O O   . HOH D 4 .   ? -13.94824 5.25044   -0.34981  1.000 23.04000 ? 764 HOH A O   1 
HETATM 1325 O O   . HOH D 4 .   ? 1.85851   -16.13086 9.11797   1.000 17.35000 ? 765 HOH A O   1 
HETATM 1326 O O   . HOH D 4 .   ? -7.05666  -1.09383  -20.07650 1.000 34.34000 ? 766 HOH A O   1 
HETATM 1327 O O   . HOH D 4 .   ? 13.76701  0.44272   -16.57741 1.000 10.60000 ? 767 HOH A O   1 
HETATM 1328 O O   . HOH D 4 .   ? -12.11704 -5.38118  13.10593  1.000 25.43000 ? 768 HOH A O   1 
HETATM 1329 O O   . HOH D 4 .   ? 14.02632  2.52043   7.55796   1.000 28.85000 ? 769 HOH A O   1 
HETATM 1330 O O   . HOH D 4 .   ? 1.98610   -7.58918  19.54309  1.000 35.19000 ? 770 HOH A O   1 
HETATM 1331 O O   . HOH D 4 .   ? -7.94516  -6.52047  -8.47353  1.000 17.09000 ? 771 HOH A O   1 
HETATM 1332 O O   . HOH D 4 .   ? 12.68492  14.16859  -8.04483  1.000 25.54000 ? 772 HOH A O   1 
HETATM 1333 O O   . HOH D 4 .   ? 16.11253  6.66894   -7.50358  1.000 20.81000 ? 773 HOH A O   1 
HETATM 1334 O O   . HOH D 4 .   ? 13.62817  7.54541   -17.54625 1.000 21.05000 ? 774 HOH A O   1 
HETATM 1335 O O   . HOH D 4 .   ? 6.37832   20.16900  0.89421   1.000 22.20000 ? 775 HOH A O   1 
HETATM 1336 O O   . HOH D 4 .   ? -11.73920 6.30957   -3.98124  1.000 23.98000 ? 776 HOH A O   1 
HETATM 1337 O O   . HOH D 4 .   ? 9.99546   10.89212  6.12928   1.000 23.29000 ? 777 HOH A O   1 
HETATM 1338 O O   . HOH D 4 .   ? 13.60477  -4.45447  7.51314   1.000 30.00000 ? 778 HOH A O   1 
HETATM 1339 O O   . HOH D 4 .   ? -2.68297  11.79585  9.89891   1.000 13.22000 ? 779 HOH A O   1 
HETATM 1340 O O   . HOH D 4 .   ? 12.70126  7.58438   7.00898   1.000 28.99000 ? 780 HOH A O   1 
HETATM 1341 O O   . HOH D 4 .   ? 12.08206  -1.97887  -6.33260  1.000 12.33000 ? 781 HOH A O   1 
HETATM 1342 O O   . HOH D 4 .   ? -1.68514  -9.69084  -15.36289 1.000 37.30000 ? 782 HOH A O   1 
HETATM 1343 O O   . HOH D 4 .   ? 7.06631   2.74286   14.35958  1.000 28.69000 ? 783 HOH A O   1 
HETATM 1344 O O   . HOH D 4 .   ? -2.73466  14.84293  -9.84506  1.000 34.11000 ? 784 HOH A O   1 
HETATM 1345 O O   . HOH D 4 .   ? 11.42951  -0.14105  0.24779   1.000 23.59000 ? 785 HOH A O   1 
HETATM 1346 O O   . HOH D 4 .   ? 5.63095   -0.81201  -15.10617 1.000 14.35000 ? 786 HOH A O   1 
HETATM 1347 O O   . HOH D 4 .   ? 6.11774   -1.12925  17.40202  1.000 34.00000 ? 787 HOH A O   1 
HETATM 1348 O O   . HOH D 4 .   ? -5.43954  -7.18302  -9.86028  1.000 28.85000 ? 788 HOH A O   1 
HETATM 1349 O O   . HOH D 4 .   ? -17.99362 1.53766   -8.11017  1.000 25.97000 ? 789 HOH A O   1 
HETATM 1350 O O   . HOH D 4 .   ? 7.81752   0.62721   13.49060  1.000 24.33000 ? 790 HOH A O   1 
HETATM 1351 O O   . HOH D 4 .   ? -13.19599 11.43672  -10.68686 1.000 37.27000 ? 791 HOH A O   1 
HETATM 1352 O O   . HOH D 4 .   ? -0.94341  6.92484   15.84488  1.000 26.76000 ? 792 HOH A O   1 
HETATM 1353 O O   . HOH D 4 .   ? 6.89453   -1.47699  14.85570  1.000 17.33000 ? 793 HOH A O   1 
HETATM 1354 O O   . HOH D 4 .   ? 8.79591   -6.74493  -2.29349  1.000 12.91000 ? 794 HOH A O   1 
HETATM 1355 O O   . HOH D 4 .   ? -1.43036  -10.78170 -2.27545  1.000 15.61000 ? 795 HOH A O   1 
HETATM 1356 O O   . HOH D 4 .   ? 4.83793   -7.15933  -11.42727 1.000 31.00000 ? 796 HOH A O   1 
HETATM 1357 O O   . HOH D 4 .   ? 6.32188   14.56731  -8.62000  1.000 17.47000 ? 797 HOH A O   1 
HETATM 1358 O O   . HOH D 4 .   ? 4.04390   2.56495   -22.90114 1.000 24.20000 ? 798 HOH A O   1 
HETATM 1359 O O   . HOH D 4 .   ? -16.13579 -7.19831  -8.73187  1.000 25.82000 ? 799 HOH A O   1 
HETATM 1360 O O   . HOH D 4 .   ? -3.54152  15.53198  8.23199   1.000 33.67000 ? 800 HOH A O   1 
HETATM 1361 O O   . HOH D 4 .   ? -8.23685  -13.36097 5.14352   1.000 20.39000 ? 801 HOH A O   1 
HETATM 1362 O O   . HOH D 4 .   ? 11.16842  4.62374   -0.78382  1.000 20.54000 ? 802 HOH A O   1 
HETATM 1363 O O   . HOH D 4 .   ? -10.56596 1.34248   8.08031   1.000 22.05000 ? 803 HOH A O   1 
HETATM 1364 O O   . HOH D 4 .   ? -4.21126  -15.05770 14.23125  1.000 28.37000 ? 804 HOH A O   1 
HETATM 1365 O O   . HOH D 4 .   ? -11.75973 -12.19543 9.30896   1.000 40.73000 ? 805 HOH A O   1 
HETATM 1366 O O   . HOH D 4 .   ? -9.42701  -11.62616 8.76675   1.000 26.54000 ? 806 HOH A O   1 
HETATM 1367 O O   . HOH D 4 .   ? 7.27150   -0.23818  -17.24388 1.000 22.93000 ? 807 HOH A O   1 
HETATM 1368 O O   . HOH D 4 .   ? 9.01528   12.77041  -0.42312  1.000 27.31000 ? 808 HOH A O   1 
HETATM 1369 O O   . HOH D 4 .   ? -6.81214  1.71273   18.75985  1.000 38.13000 ? 809 HOH A O   1 
HETATM 1370 O O   . HOH D 4 .   ? 9.87453   21.20093  5.91139   1.000 37.35000 ? 810 HOH A O   1 
HETATM 1371 O O   . HOH D 4 .   ? 7.79416   -5.55480  16.09143  1.000 34.93000 ? 811 HOH A O   1 
HETATM 1372 O O   . HOH D 4 .   ? -11.45517 -1.59135  -13.78539 1.000 24.30000 ? 812 HOH A O   1 
HETATM 1373 O O   . HOH D 4 .   ? 4.25427   -6.74197  16.72137  1.000 30.83000 ? 813 HOH A O   1 
HETATM 1374 O O   . HOH D 4 .   ? 1.37119   -7.85119  16.85656  1.000 19.90000 ? 814 HOH A O   1 
HETATM 1375 O O   . HOH D 4 .   ? 11.67265  7.86466   3.25090   1.000 32.07000 ? 815 HOH A O   1 
HETATM 1376 O O   . HOH D 4 .   ? 10.05827  -16.89207 9.30827   1.000 34.06000 ? 816 HOH A O   1 
HETATM 1377 O O   . HOH D 4 .   ? 7.34276   -8.27691  -0.30705  1.000 31.90000 ? 817 HOH A O   1 
HETATM 1378 O O   . HOH D 4 .   ? -3.30399  -10.80201 -11.90569 1.000 56.47000 ? 818 HOH A O   1 
HETATM 1379 O O   . HOH D 4 .   ? -1.28233  -17.47633 8.59723   1.000 39.80000 ? 819 HOH A O   1 
HETATM 1380 O O   . HOH D 4 .   ? 8.08737   -16.57662 11.14764  1.000 27.88000 ? 820 HOH A O   1 
HETATM 1381 O O   . HOH D 4 .   ? 16.97849  3.22737   -4.44381  1.000 30.49000 ? 821 HOH A O   1 
HETATM 1382 O O   . HOH D 4 .   ? 5.38756   -17.61229 5.89644   1.000 26.24000 ? 822 HOH A O   1 
HETATM 1383 O O   . HOH D 4 .   ? -17.68335 -3.78705  -5.29911  1.000 20.20000 ? 823 HOH A O   1 
HETATM 1384 O O   . HOH D 4 .   ? -15.23347 -7.31968  6.75550   1.000 30.40000 ? 824 HOH A O   1 
HETATM 1385 O O   . HOH D 4 .   ? 11.17407  8.95565   -14.86961 1.000 22.84000 ? 825 HOH A O   1 
HETATM 1386 O O   . HOH D 4 .   ? -19.23347 -13.74688 -3.14588  1.000 29.97000 ? 826 HOH A O   1 
HETATM 1387 O O   . HOH D 4 .   ? -5.27321  17.89542  6.04376   1.000 24.48000 ? 827 HOH A O   1 
HETATM 1388 O O   . HOH D 4 .   ? -9.88207  14.30020  -10.33584 1.000 34.19000 ? 828 HOH A O   1 
HETATM 1389 O O   . HOH D 4 .   ? -8.94514  3.24458   10.26024  1.000 33.49000 ? 829 HOH A O   1 
HETATM 1390 O O   . HOH D 4 .   ? -5.47408  4.68149   -16.86489 1.000 30.00000 ? 830 HOH A O   1 
HETATM 1391 O O   . HOH D 4 .   ? -6.98685  -8.74015  18.68241  1.000 43.97000 ? 831 HOH A O   1 
HETATM 1392 O O   . HOH D 4 .   ? 10.09386  13.41365  -10.26461 1.000 35.92000 ? 832 HOH A O   1 
HETATM 1393 O O   . HOH D 4 .   ? -3.30298  4.36802   17.67157  1.000 38.38000 ? 833 HOH A O   1 
HETATM 1394 O O   . HOH D 4 .   ? -6.02616  -10.04518 -8.73426  1.000 34.21000 ? 834 HOH A O   1 
HETATM 1395 O O   . HOH D 4 .   ? 9.58281   -7.86460  1.38158   1.000 41.67000 ? 835 HOH A O   1 
HETATM 1396 O O   . HOH D 4 .   ? 10.50404  -10.19011 3.05380   1.000 38.52000 ? 836 HOH A O   1 
HETATM 1397 O O   . HOH D 4 .   ? -3.14555  -13.70965 -7.36326  1.000 35.01000 ? 837 HOH A O   1 
HETATM 1398 O O   . HOH D 4 .   ? 7.20880   9.93205   -12.40421 1.000 23.11000 ? 838 HOH A O   1 
HETATM 1399 O O   . HOH D 4 .   ? 12.68808  13.43606  -10.67790 1.000 30.97000 ? 839 HOH A O   1 
HETATM 1400 O O   . HOH D 4 .   ? -0.01372  15.25473  -4.24313  1.000 30.89000 ? 840 HOH A O   1 
HETATM 1401 O O   . HOH D 4 .   ? 15.55056  12.28985  -11.29292 1.000 32.08000 ? 841 HOH A O   1 
HETATM 1402 O O   . HOH D 4 .   ? 8.57177   15.22729  -7.18296  1.000 25.55000 ? 842 HOH A O   1 
HETATM 1403 O O   . HOH D 4 .   ? -8.22875  -15.51588 4.05158   1.000 31.40000 ? 843 HOH A O   1 
HETATM 1404 O O   . HOH D 4 .   ? -4.04340  18.50144  -1.35277  1.000 38.79000 ? 844 HOH A O   1 
HETATM 1405 O O   . HOH D 4 .   ? 8.33504   16.08555  -4.17262  1.000 26.05000 ? 845 HOH A O   1 
HETATM 1406 O O   . HOH D 4 .   ? 14.29232  -8.94269  19.54094  1.000 37.31000 ? 846 HOH A O   1 
HETATM 1407 O O   . HOH D 4 .   ? 14.66623  15.47610  -10.48534 1.000 33.74000 ? 847 HOH A O   1 
HETATM 1408 O O   . HOH D 4 .   ? 11.95844  16.09867  -11.88357 1.000 38.65000 ? 848 HOH A O   1 
# 
